data_4DHL
#
_entry.id   4DHL
#
_cell.length_a   126.097
_cell.length_b   126.097
_cell.length_c   297.980
_cell.angle_alpha   90.00
_cell.angle_beta   90.00
_cell.angle_gamma   120.00
#
_symmetry.space_group_name_H-M   'P 31 2 1'
#
loop_
_entity.id
_entity.type
_entity.pdbx_description
1 polymer 'Purple acid phosphatase'
2 branched alpha-L-fucopyranose-(1-3)-[2-acetamido-2-deoxy-beta-D-glucopyranose-(1-4)]2-acetamido-2-deoxy-beta-D-glucopyranose
3 branched alpha-L-fucopyranose-(1-3)-2-acetamido-2-deoxy-beta-D-glucopyranose
4 non-polymer 'ZINC ION'
5 non-polymer 'FE (III) ION'
6 non-polymer '2-(4-methylphenyl)-1,3-thiazole-4-carboxylic acid'
7 non-polymer GLYCEROL
8 non-polymer 'SULFATE ION'
9 non-polymer 1,2-ETHANEDIOL
10 non-polymer 2-acetamido-2-deoxy-beta-D-glucopyranose
11 water water
#
_entity_poly.entity_id   1
_entity_poly.type   'polypeptide(L)'
_entity_poly.pdbx_seq_one_letter_code
;KNRDMPLDSDVFRVPPGYNAPQQVHITQGDLVGRAMIISWVTMDEPGSSAVRYWSEKNGRKRIAKGKMSTYRFFNYSSGF
IHHTTIRKLKYNTKYYYEVGLRNTTRRFSFITPPQTGLDVPYTFGLIGDLGQSFDSNTTLSHYELSPKKGQTVLFVGDLS
YADRYPNHDNVRWDTWGRFTERSVAYQPWIWTAGNHEIEFAPEINETEPFKPFSYRYHVPYEASQSTSPFWYSIKRASAH
IIVLSSYSAYGRGTPQYTWLKKELRKVKRSETPWLIVLMHSPLYNSYNHHFMEGEAMRTKFEAWFVKYKVDVVFAGHVHA
YERSERVSNIAYKITNGLCTPVKDQSAPVYITIGDAGNYGVIDSNMIQPQPEYSAFREASFGHGMFDIKNRTHAHFSWNR
NQDGVAVEADSVWFFNRHWYPVDDST
;
_entity_poly.pdbx_strand_id   A,B,D,C
#
# COMPACT_ATOMS: atom_id res chain seq x y z
N ASN A 2 7.84 -16.75 -38.72
CA ASN A 2 7.10 -16.92 -37.48
C ASN A 2 6.62 -18.36 -37.27
N ARG A 3 7.15 -19.00 -36.23
CA ARG A 3 6.84 -20.41 -36.00
C ARG A 3 6.03 -20.63 -34.73
N ASP A 4 5.47 -19.56 -34.18
CA ASP A 4 4.61 -19.71 -33.01
C ASP A 4 3.29 -20.38 -33.37
N MET A 5 2.83 -21.26 -32.48
CA MET A 5 1.57 -21.96 -32.65
C MET A 5 0.40 -20.97 -32.61
N PRO A 6 -0.46 -21.03 -33.62
CA PRO A 6 -1.56 -20.07 -33.74
C PRO A 6 -2.49 -20.17 -32.53
N LEU A 7 -3.17 -19.06 -32.21
CA LEU A 7 -4.09 -18.98 -31.08
C LEU A 7 -5.13 -20.09 -31.05
N ASP A 8 -5.56 -20.55 -32.24
CA ASP A 8 -6.59 -21.58 -32.30
C ASP A 8 -6.07 -23.01 -32.25
N SER A 9 -4.80 -23.19 -31.94
CA SER A 9 -4.22 -24.54 -31.82
C SER A 9 -4.90 -25.35 -30.71
N ASP A 10 -4.86 -26.69 -30.84
CA ASP A 10 -5.45 -27.55 -29.84
C ASP A 10 -4.78 -27.42 -28.47
N VAL A 11 -3.48 -27.21 -28.45
CA VAL A 11 -2.78 -27.10 -27.18
C VAL A 11 -3.26 -25.90 -26.37
N PHE A 12 -3.84 -24.89 -27.04
CA PHE A 12 -4.28 -23.66 -26.40
C PHE A 12 -5.78 -23.65 -26.08
N ARG A 13 -6.45 -24.77 -26.33
CA ARG A 13 -7.90 -24.83 -26.11
C ARG A 13 -8.26 -24.47 -24.68
N VAL A 14 -9.42 -23.83 -24.51
CA VAL A 14 -9.90 -23.46 -23.19
C VAL A 14 -10.75 -24.60 -22.59
N PRO A 15 -10.39 -25.06 -21.38
CA PRO A 15 -11.23 -26.04 -20.68
C PRO A 15 -12.66 -25.54 -20.58
N PRO A 16 -13.64 -26.39 -20.95
CA PRO A 16 -15.06 -26.02 -21.01
C PRO A 16 -15.69 -25.89 -19.64
N GLY A 17 -16.79 -25.13 -19.56
CA GLY A 17 -17.54 -24.97 -18.33
C GLY A 17 -17.40 -23.57 -17.78
N TYR A 18 -18.46 -23.05 -17.15
CA TYR A 18 -18.42 -21.69 -16.63
C TYR A 18 -17.29 -21.53 -15.60
N ASN A 19 -16.41 -20.57 -15.86
CA ASN A 19 -15.27 -20.28 -15.00
C ASN A 19 -14.36 -21.47 -14.66
N ALA A 20 -14.18 -22.36 -15.62
CA ALA A 20 -13.33 -23.52 -15.44
C ALA A 20 -11.89 -23.10 -15.20
N PRO A 21 -11.25 -23.66 -14.16
CA PRO A 21 -9.83 -23.36 -13.97
C PRO A 21 -9.04 -23.69 -15.22
N GLN A 22 -8.00 -22.88 -15.51
CA GLN A 22 -7.13 -23.14 -16.64
C GLN A 22 -5.70 -22.76 -16.25
N GLN A 23 -4.73 -23.10 -17.10
CA GLN A 23 -3.32 -22.83 -16.81
C GLN A 23 -2.93 -23.39 -15.44
N VAL A 24 -3.46 -24.57 -15.11
CA VAL A 24 -3.16 -25.21 -13.84
C VAL A 24 -1.70 -25.67 -13.80
N HIS A 25 -1.00 -25.31 -12.72
CA HIS A 25 0.40 -25.72 -12.54
C HIS A 25 0.80 -25.83 -11.07
N ILE A 26 1.71 -26.76 -10.79
CA ILE A 26 2.12 -27.04 -9.43
C ILE A 26 3.64 -26.96 -9.30
N THR A 27 4.09 -26.63 -8.10
CA THR A 27 5.52 -26.71 -7.82
C THR A 27 5.71 -26.99 -6.35
N GLN A 28 6.91 -27.41 -5.96
CA GLN A 28 7.16 -27.77 -4.58
C GLN A 28 6.92 -26.55 -3.72
N GLY A 29 6.25 -26.74 -2.58
CA GLY A 29 5.83 -25.64 -1.73
C GLY A 29 6.59 -25.47 -0.43
N ASP A 30 7.60 -26.30 -0.19
CA ASP A 30 8.39 -26.21 1.04
C ASP A 30 9.83 -26.59 0.76
N LEU A 31 10.62 -26.77 1.82
CA LEU A 31 12.04 -27.06 1.65
C LEU A 31 12.31 -28.52 1.25
N VAL A 32 11.51 -29.44 1.80
CA VAL A 32 11.84 -30.87 1.77
C VAL A 32 10.85 -31.75 1.02
N GLY A 33 9.81 -31.15 0.45
CA GLY A 33 8.89 -31.89 -0.43
C GLY A 33 7.56 -32.28 0.19
N ARG A 34 7.25 -31.77 1.37
CA ARG A 34 5.98 -32.07 2.02
C ARG A 34 4.87 -31.08 1.67
N ALA A 35 5.19 -30.10 0.84
CA ALA A 35 4.17 -29.13 0.43
C ALA A 35 4.19 -28.94 -1.07
N MET A 36 3.06 -28.48 -1.60
CA MET A 36 2.94 -28.26 -3.03
C MET A 36 2.13 -26.98 -3.23
N ILE A 37 2.68 -26.05 -4.01
CA ILE A 37 1.95 -24.84 -4.40
C ILE A 37 1.11 -25.15 -5.63
N ILE A 38 -0.20 -24.99 -5.49
CA ILE A 38 -1.16 -25.25 -6.55
C ILE A 38 -1.62 -23.93 -7.17
N SER A 39 -1.45 -23.79 -8.47
CA SER A 39 -1.70 -22.52 -9.15
C SER A 39 -2.64 -22.67 -10.35
N TRP A 40 -3.48 -21.68 -10.59
CA TRP A 40 -4.42 -21.71 -11.71
C TRP A 40 -5.09 -20.35 -11.92
N VAL A 41 -5.67 -20.15 -13.10
CA VAL A 41 -6.31 -18.89 -13.44
C VAL A 41 -7.80 -19.15 -13.72
N THR A 42 -8.66 -18.26 -13.22
CA THR A 42 -10.07 -18.29 -13.62
C THR A 42 -10.35 -17.04 -14.40
N MET A 43 -11.15 -17.20 -15.46
CA MET A 43 -11.36 -16.14 -16.43
C MET A 43 -12.72 -15.41 -16.31
N ASP A 44 -13.76 -16.13 -15.89
CA ASP A 44 -15.10 -15.55 -15.90
C ASP A 44 -15.39 -14.78 -14.62
N GLU A 45 -14.90 -15.28 -13.50
CA GLU A 45 -15.01 -14.54 -12.24
C GLU A 45 -13.94 -14.99 -11.24
N PRO A 46 -13.72 -14.21 -10.18
CA PRO A 46 -12.65 -14.51 -9.21
C PRO A 46 -12.66 -15.95 -8.72
N GLY A 47 -13.84 -16.48 -8.40
CA GLY A 47 -13.95 -17.85 -7.91
C GLY A 47 -13.36 -18.12 -6.52
N SER A 48 -13.32 -19.39 -6.15
CA SER A 48 -12.72 -19.81 -4.89
C SER A 48 -11.25 -20.18 -5.09
N SER A 49 -10.42 -19.82 -4.11
CA SER A 49 -9.01 -20.18 -4.10
C SER A 49 -8.78 -21.46 -3.29
N ALA A 50 -9.86 -22.15 -2.94
CA ALA A 50 -9.78 -23.38 -2.15
C ALA A 50 -9.36 -24.56 -3.02
N VAL A 51 -8.54 -25.41 -2.45
CA VAL A 51 -8.15 -26.65 -3.12
C VAL A 51 -8.61 -27.83 -2.28
N ARG A 52 -9.36 -28.74 -2.89
CA ARG A 52 -9.71 -29.99 -2.24
C ARG A 52 -8.72 -31.05 -2.69
N TYR A 53 -8.20 -31.82 -1.74
CA TYR A 53 -7.18 -32.81 -2.06
C TYR A 53 -7.27 -33.99 -1.11
N TRP A 54 -6.68 -35.11 -1.54
CA TRP A 54 -6.65 -36.31 -0.72
C TRP A 54 -5.59 -37.27 -1.23
N SER A 55 -5.10 -38.13 -0.34
CA SER A 55 -4.17 -39.15 -0.76
C SER A 55 -4.93 -40.39 -1.18
N GLU A 56 -4.27 -41.22 -1.97
CA GLU A 56 -4.84 -42.49 -2.34
C GLU A 56 -4.85 -43.40 -1.13
N LYS A 57 -3.80 -43.32 -0.32
CA LYS A 57 -3.65 -44.21 0.83
C LYS A 57 -4.79 -44.08 1.84
N ASN A 58 -5.12 -42.85 2.22
CA ASN A 58 -6.16 -42.65 3.25
C ASN A 58 -7.49 -42.18 2.72
N GLY A 59 -7.46 -41.50 1.56
CA GLY A 59 -8.67 -41.11 0.87
C GLY A 59 -9.59 -40.22 1.69
N ARG A 60 -9.00 -39.42 2.58
CA ARG A 60 -9.74 -38.40 3.32
C ARG A 60 -9.62 -37.04 2.65
N LYS A 61 -10.76 -36.43 2.34
CA LYS A 61 -10.78 -35.18 1.60
C LYS A 61 -10.44 -34.00 2.51
N ARG A 62 -9.56 -33.12 2.02
CA ARG A 62 -9.19 -31.93 2.78
C ARG A 62 -9.28 -30.69 1.91
N ILE A 63 -9.31 -29.54 2.57
CA ILE A 63 -9.41 -28.25 1.90
C ILE A 63 -8.30 -27.37 2.41
N ALA A 64 -7.60 -26.71 1.50
CA ALA A 64 -6.62 -25.71 1.84
C ALA A 64 -7.04 -24.39 1.17
N LYS A 65 -6.84 -23.27 1.87
CA LYS A 65 -7.25 -21.96 1.39
C LYS A 65 -6.07 -21.15 0.87
N GLY A 66 -6.20 -20.59 -0.33
CA GLY A 66 -5.14 -19.78 -0.90
C GLY A 66 -5.54 -18.34 -1.15
N LYS A 67 -4.88 -17.72 -2.12
CA LYS A 67 -5.08 -16.31 -2.37
C LYS A 67 -5.23 -16.02 -3.85
N MET A 68 -6.08 -15.05 -4.14
CA MET A 68 -6.33 -14.62 -5.51
C MET A 68 -5.61 -13.30 -5.75
N SER A 69 -5.12 -13.13 -6.97
CA SER A 69 -4.43 -11.89 -7.33
C SER A 69 -4.68 -11.58 -8.80
N THR A 70 -4.50 -10.33 -9.18
CA THR A 70 -4.63 -9.90 -10.57
C THR A 70 -3.50 -8.95 -10.90
N TYR A 71 -3.24 -8.72 -12.18
CA TYR A 71 -2.35 -7.62 -12.55
C TYR A 71 -2.73 -7.01 -13.87
N ARG A 72 -2.09 -5.88 -14.18
CA ARG A 72 -2.25 -5.24 -15.46
C ARG A 72 -0.85 -5.01 -16.01
N PHE A 73 -0.74 -5.07 -17.33
CA PHE A 73 0.49 -4.78 -18.04
C PHE A 73 0.08 -4.00 -19.28
N PHE A 74 0.41 -2.72 -19.32
CA PHE A 74 -0.08 -1.87 -20.40
C PHE A 74 -1.60 -1.98 -20.49
N ASN A 75 -2.11 -2.32 -21.67
CA ASN A 75 -3.55 -2.38 -21.88
C ASN A 75 -4.10 -3.78 -21.65
N TYR A 76 -3.29 -4.65 -21.06
CA TYR A 76 -3.72 -6.01 -20.71
C TYR A 76 -4.18 -6.07 -19.25
N SER A 77 -5.33 -6.68 -19.00
CA SER A 77 -5.74 -7.01 -17.64
C SER A 77 -5.78 -8.52 -17.50
N SER A 78 -5.13 -9.05 -16.47
CA SER A 78 -5.11 -10.50 -16.29
C SER A 78 -6.48 -10.98 -15.88
N GLY A 79 -6.63 -12.28 -15.90
CA GLY A 79 -7.72 -12.92 -15.20
C GLY A 79 -7.36 -13.07 -13.73
N PHE A 80 -8.02 -14.00 -13.06
CA PHE A 80 -7.90 -14.14 -11.63
C PHE A 80 -6.96 -15.29 -11.28
N ILE A 81 -5.79 -14.93 -10.75
CA ILE A 81 -4.74 -15.90 -10.49
C ILE A 81 -4.82 -16.42 -9.06
N HIS A 82 -4.76 -17.74 -8.93
CA HIS A 82 -4.82 -18.38 -7.63
C HIS A 82 -3.55 -19.12 -7.31
N HIS A 83 -3.06 -18.92 -6.08
CA HIS A 83 -1.98 -19.73 -5.53
C HIS A 83 -2.39 -20.25 -4.16
N THR A 84 -2.33 -21.57 -4.01
CA THR A 84 -2.72 -22.20 -2.76
C THR A 84 -1.71 -23.27 -2.40
N THR A 85 -1.22 -23.23 -1.18
CA THR A 85 -0.22 -24.20 -0.75
C THR A 85 -0.87 -25.30 0.08
N ILE A 86 -0.65 -26.53 -0.34
CA ILE A 86 -1.06 -27.73 0.40
C ILE A 86 0.13 -28.19 1.22
N ARG A 87 -0.07 -28.44 2.51
CA ARG A 87 1.05 -28.74 3.40
C ARG A 87 0.88 -30.06 4.13
N LYS A 88 1.95 -30.51 4.79
CA LYS A 88 1.95 -31.74 5.57
C LYS A 88 1.58 -32.97 4.73
N LEU A 89 2.06 -33.03 3.50
CA LEU A 89 1.83 -34.19 2.66
C LEU A 89 2.70 -35.36 3.08
N LYS A 90 2.14 -36.55 3.03
CA LYS A 90 2.92 -37.77 3.25
C LYS A 90 3.93 -37.97 2.13
N TYR A 91 5.10 -38.53 2.44
CA TYR A 91 6.10 -38.81 1.43
C TYR A 91 5.73 -39.98 0.53
N ASN A 92 6.33 -40.00 -0.66
CA ASN A 92 6.14 -41.08 -1.61
C ASN A 92 4.69 -41.55 -1.76
N THR A 93 3.78 -40.61 -2.03
CA THR A 93 2.37 -40.95 -2.05
C THR A 93 1.60 -40.17 -3.10
N LYS A 94 0.70 -40.85 -3.81
CA LYS A 94 -0.11 -40.20 -4.82
C LYS A 94 -1.23 -39.40 -4.16
N TYR A 95 -1.41 -38.17 -4.63
CA TYR A 95 -2.47 -37.29 -4.16
C TYR A 95 -3.36 -36.92 -5.33
N TYR A 96 -4.63 -36.71 -5.05
CA TYR A 96 -5.55 -36.11 -6.01
C TYR A 96 -5.89 -34.72 -5.48
N TYR A 97 -6.04 -33.76 -6.39
CA TYR A 97 -6.47 -32.43 -5.98
C TYR A 97 -7.46 -31.86 -6.97
N GLU A 98 -8.30 -30.96 -6.48
CA GLU A 98 -9.39 -30.39 -7.27
C GLU A 98 -9.46 -28.88 -7.10
N VAL A 99 -9.59 -28.19 -8.22
CA VAL A 99 -9.70 -26.74 -8.22
C VAL A 99 -10.98 -26.34 -8.94
N GLY A 100 -11.48 -25.14 -8.60
CA GLY A 100 -12.72 -24.64 -9.18
C GLY A 100 -13.96 -25.17 -8.47
N LEU A 101 -13.93 -25.15 -7.14
CA LEU A 101 -14.94 -25.83 -6.35
C LEU A 101 -16.32 -25.17 -6.41
N ARG A 102 -16.35 -23.91 -6.82
CA ARG A 102 -17.58 -23.13 -6.78
C ARG A 102 -18.45 -23.33 -8.03
N ASN A 103 -17.82 -23.48 -9.20
CA ASN A 103 -18.58 -23.75 -10.42
C ASN A 103 -18.17 -24.99 -11.22
N THR A 104 -17.01 -24.92 -11.88
CA THR A 104 -16.55 -26.06 -12.68
C THR A 104 -15.27 -26.68 -12.09
N THR A 105 -15.43 -27.86 -11.52
CA THR A 105 -14.31 -28.53 -10.86
C THR A 105 -13.46 -29.35 -11.84
N ARG A 106 -12.15 -29.19 -11.73
CA ARG A 106 -11.22 -30.04 -12.48
C ARG A 106 -10.31 -30.74 -11.48
N ARG A 107 -10.05 -32.03 -11.72
CA ARG A 107 -9.28 -32.86 -10.82
C ARG A 107 -7.94 -33.25 -11.46
N PHE A 108 -6.90 -33.27 -10.66
CA PHE A 108 -5.57 -33.66 -11.14
C PHE A 108 -4.93 -34.56 -10.08
N SER A 109 -3.66 -34.89 -10.27
CA SER A 109 -2.96 -35.67 -9.26
C SER A 109 -1.46 -35.44 -9.37
N PHE A 110 -0.76 -35.69 -8.27
CA PHE A 110 0.70 -35.69 -8.25
C PHE A 110 1.17 -36.74 -7.24
N ILE A 111 2.46 -37.07 -7.30
CA ILE A 111 3.04 -37.99 -6.35
C ILE A 111 4.15 -37.28 -5.61
N THR A 112 4.03 -37.19 -4.29
CA THR A 112 5.08 -36.56 -3.50
C THR A 112 6.36 -37.34 -3.68
N PRO A 113 7.52 -36.66 -3.58
CA PRO A 113 8.77 -37.40 -3.66
C PRO A 113 8.99 -38.21 -2.38
N PRO A 114 9.94 -39.15 -2.37
CA PRO A 114 10.22 -39.83 -1.09
C PRO A 114 10.96 -38.86 -0.19
N GLN A 115 11.05 -39.18 1.10
CA GLN A 115 11.80 -38.35 2.04
C GLN A 115 13.24 -38.21 1.55
N THR A 116 13.85 -37.04 1.76
CA THR A 116 15.26 -36.87 1.36
C THR A 116 16.08 -37.96 2.01
N GLY A 117 17.13 -38.40 1.32
CA GLY A 117 17.96 -39.48 1.78
C GLY A 117 19.18 -39.66 0.90
N LEU A 118 20.12 -40.48 1.36
CA LEU A 118 21.40 -40.62 0.70
C LEU A 118 21.29 -41.31 -0.67
N ASP A 119 20.51 -42.38 -0.71
CA ASP A 119 20.47 -43.24 -1.88
C ASP A 119 19.12 -43.24 -2.59
N VAL A 120 18.29 -42.25 -2.31
CA VAL A 120 16.96 -42.15 -2.91
C VAL A 120 17.06 -41.80 -4.40
N PRO A 121 16.66 -42.73 -5.28
CA PRO A 121 16.72 -42.48 -6.73
C PRO A 121 15.63 -41.51 -7.15
N TYR A 122 15.90 -40.70 -8.16
CA TYR A 122 14.90 -39.75 -8.66
C TYR A 122 15.31 -39.28 -10.04
N THR A 123 14.32 -39.06 -10.90
CA THR A 123 14.56 -38.68 -12.28
C THR A 123 14.07 -37.27 -12.56
N PHE A 124 15.01 -36.38 -12.89
CA PHE A 124 14.68 -34.98 -13.23
C PHE A 124 14.70 -34.70 -14.72
N GLY A 125 13.64 -34.09 -15.22
CA GLY A 125 13.66 -33.61 -16.58
C GLY A 125 14.44 -32.30 -16.62
N LEU A 126 15.14 -32.06 -17.72
CA LEU A 126 15.74 -30.77 -17.96
C LEU A 126 15.21 -30.09 -19.20
N ILE A 127 14.68 -28.89 -19.01
CA ILE A 127 14.00 -28.13 -20.05
C ILE A 127 14.37 -26.66 -19.93
N GLY A 128 14.74 -26.06 -21.06
CA GLY A 128 15.08 -24.64 -21.08
C GLY A 128 14.55 -23.93 -22.32
N ASP A 129 14.15 -22.67 -22.14
CA ASP A 129 13.78 -21.82 -23.25
C ASP A 129 12.72 -22.53 -24.12
N LEU A 130 11.62 -22.93 -23.49
CA LEU A 130 10.60 -23.75 -24.15
C LEU A 130 9.81 -23.00 -25.23
N GLY A 131 9.23 -21.86 -24.87
CA GLY A 131 8.42 -21.12 -25.83
C GLY A 131 7.11 -21.82 -26.17
N GLN A 132 6.49 -21.40 -27.28
CA GLN A 132 5.21 -21.98 -27.72
C GLN A 132 5.15 -22.12 -29.23
N SER A 133 6.26 -22.57 -29.81
CA SER A 133 6.33 -22.88 -31.22
C SER A 133 6.04 -24.35 -31.43
N PHE A 134 6.02 -24.79 -32.68
CA PHE A 134 5.81 -26.20 -32.97
C PHE A 134 6.95 -27.06 -32.43
N ASP A 135 8.17 -26.57 -32.58
CA ASP A 135 9.31 -27.23 -31.94
C ASP A 135 9.06 -27.40 -30.45
N SER A 136 8.53 -26.38 -29.78
CA SER A 136 8.29 -26.46 -28.33
C SER A 136 7.37 -27.63 -28.02
N ASN A 137 6.28 -27.74 -28.79
CA ASN A 137 5.34 -28.83 -28.63
C ASN A 137 5.98 -30.20 -28.78
N THR A 138 6.91 -30.32 -29.72
CA THR A 138 7.57 -31.59 -29.94
C THR A 138 8.45 -32.00 -28.74
N THR A 139 9.23 -31.05 -28.24
CA THR A 139 10.06 -31.31 -27.06
C THR A 139 9.24 -31.77 -25.87
N LEU A 140 8.13 -31.09 -25.61
CA LEU A 140 7.25 -31.47 -24.52
C LEU A 140 6.69 -32.88 -24.76
N SER A 141 6.36 -33.19 -26.01
CA SER A 141 5.92 -34.55 -26.32
C SER A 141 7.03 -35.58 -26.04
N HIS A 142 8.24 -35.30 -26.51
CA HIS A 142 9.37 -36.18 -26.22
C HIS A 142 9.57 -36.39 -24.72
N TYR A 143 9.44 -35.32 -23.93
CA TYR A 143 9.62 -35.46 -22.50
C TYR A 143 8.58 -36.39 -21.91
N GLU A 144 7.31 -36.13 -22.19
CA GLU A 144 6.24 -36.92 -21.58
C GLU A 144 6.28 -38.37 -22.07
N LEU A 145 6.79 -38.60 -23.28
CA LEU A 145 6.80 -39.94 -23.85
C LEU A 145 8.09 -40.70 -23.51
N SER A 146 9.02 -40.04 -22.83
CA SER A 146 10.31 -40.65 -22.49
C SER A 146 10.16 -41.86 -21.57
N PRO A 147 10.79 -43.00 -21.94
CA PRO A 147 10.74 -44.20 -21.10
C PRO A 147 11.47 -44.02 -19.77
N LYS A 148 12.24 -42.95 -19.63
CA LYS A 148 12.90 -42.63 -18.37
C LYS A 148 11.93 -42.05 -17.34
N LYS A 149 10.80 -41.54 -17.81
CA LYS A 149 9.73 -41.06 -16.93
C LYS A 149 10.21 -39.99 -15.94
N GLY A 150 10.27 -38.74 -16.41
CA GLY A 150 10.68 -37.65 -15.54
C GLY A 150 9.66 -37.42 -14.45
N GLN A 151 10.11 -37.09 -13.25
CA GLN A 151 9.23 -36.95 -12.10
C GLN A 151 9.08 -35.49 -11.67
N THR A 152 9.97 -34.64 -12.18
CA THR A 152 9.98 -33.22 -11.86
C THR A 152 10.81 -32.56 -12.94
N VAL A 153 10.36 -31.41 -13.45
CA VAL A 153 11.17 -30.68 -14.41
C VAL A 153 12.00 -29.61 -13.73
N LEU A 154 13.30 -29.62 -14.00
CA LEU A 154 14.16 -28.49 -13.63
C LEU A 154 14.19 -27.54 -14.82
N PHE A 155 13.56 -26.37 -14.67
CA PHE A 155 13.36 -25.45 -15.78
C PHE A 155 14.28 -24.24 -15.70
N VAL A 156 15.14 -24.09 -16.70
CA VAL A 156 16.25 -23.14 -16.59
C VAL A 156 15.97 -21.75 -17.19
N GLY A 157 14.69 -21.44 -17.39
CA GLY A 157 14.30 -20.08 -17.75
C GLY A 157 13.88 -19.86 -19.19
N ASP A 158 13.33 -18.68 -19.45
CA ASP A 158 12.63 -18.34 -20.69
C ASP A 158 11.41 -19.23 -20.92
N LEU A 159 10.29 -18.78 -20.37
CA LEU A 159 9.05 -19.51 -20.40
C LEU A 159 8.24 -19.31 -21.69
N SER A 160 7.53 -18.20 -21.77
CA SER A 160 6.52 -18.02 -22.81
C SER A 160 7.00 -17.25 -24.02
N TYR A 161 7.96 -16.35 -23.82
CA TYR A 161 8.41 -15.46 -24.89
C TYR A 161 7.28 -14.54 -25.35
N ALA A 162 6.32 -14.30 -24.45
CA ALA A 162 5.25 -13.37 -24.75
C ALA A 162 5.83 -11.99 -25.03
N ASP A 163 7.02 -11.72 -24.52
CA ASP A 163 7.61 -10.40 -24.64
C ASP A 163 8.11 -10.09 -26.06
N ARG A 164 8.12 -11.10 -26.93
CA ARG A 164 8.45 -10.87 -28.34
CA ARG A 164 8.45 -10.89 -28.34
C ARG A 164 7.26 -10.27 -29.08
N TYR A 165 6.07 -10.38 -28.47
CA TYR A 165 4.84 -9.82 -29.03
C TYR A 165 4.65 -8.32 -28.77
N PRO A 166 3.87 -7.65 -29.64
CA PRO A 166 3.57 -6.22 -29.46
C PRO A 166 3.07 -5.95 -28.04
N ASN A 167 3.70 -5.01 -27.36
CA ASN A 167 3.34 -4.69 -25.98
C ASN A 167 3.42 -5.91 -25.06
N HIS A 168 4.20 -6.90 -25.48
CA HIS A 168 4.39 -8.13 -24.70
C HIS A 168 3.10 -8.92 -24.58
N ASP A 169 2.18 -8.70 -25.52
CA ASP A 169 0.84 -9.29 -25.45
C ASP A 169 0.75 -10.44 -24.46
N ASN A 170 0.32 -10.13 -23.24
CA ASN A 170 0.25 -11.11 -22.17
C ASN A 170 -0.78 -12.21 -22.39
N VAL A 171 -1.59 -12.09 -23.45
CA VAL A 171 -2.47 -13.19 -23.84
C VAL A 171 -1.57 -14.39 -24.14
N ARG A 172 -0.35 -14.11 -24.57
CA ARG A 172 0.62 -15.15 -24.87
C ARG A 172 1.18 -15.86 -23.63
N TRP A 173 1.00 -15.26 -22.46
CA TRP A 173 1.30 -15.97 -21.22
C TRP A 173 0.17 -16.96 -20.90
N ASP A 174 -1.07 -16.53 -21.16
CA ASP A 174 -2.24 -17.39 -20.96
C ASP A 174 -2.20 -18.63 -21.84
N THR A 175 -1.80 -18.48 -23.09
CA THR A 175 -1.71 -19.61 -23.99
C THR A 175 -0.62 -20.58 -23.54
N TRP A 176 0.54 -20.03 -23.17
CA TRP A 176 1.63 -20.84 -22.66
C TRP A 176 1.16 -21.63 -21.44
N GLY A 177 0.49 -20.96 -20.52
CA GLY A 177 -0.02 -21.63 -19.33
C GLY A 177 -0.95 -22.78 -19.70
N ARG A 178 -1.78 -22.56 -20.71
CA ARG A 178 -2.74 -23.59 -21.10
C ARG A 178 -2.07 -24.79 -21.76
N PHE A 179 -1.00 -24.50 -22.51
CA PHE A 179 -0.25 -25.51 -23.25
C PHE A 179 0.67 -26.37 -22.37
N THR A 180 1.33 -25.76 -21.40
CA THR A 180 2.20 -26.53 -20.52
C THR A 180 1.42 -27.32 -19.46
N GLU A 181 0.15 -26.98 -19.26
CA GLU A 181 -0.68 -27.66 -18.26
C GLU A 181 -0.59 -29.19 -18.27
N ARG A 182 -0.57 -29.80 -19.46
CA ARG A 182 -0.66 -31.26 -19.56
C ARG A 182 0.52 -31.95 -18.87
N SER A 183 1.52 -31.17 -18.50
CA SER A 183 2.64 -31.72 -17.77
C SER A 183 2.69 -31.13 -16.36
N VAL A 184 2.73 -29.80 -16.27
CA VAL A 184 2.96 -29.11 -15.00
C VAL A 184 1.80 -29.23 -13.99
N ALA A 185 0.62 -29.62 -14.45
CA ALA A 185 -0.50 -29.86 -13.55
C ALA A 185 -0.31 -31.15 -12.77
N TYR A 186 0.56 -32.04 -13.27
CA TYR A 186 0.69 -33.37 -12.70
C TYR A 186 2.07 -33.63 -12.10
N GLN A 187 3.07 -32.85 -12.50
CA GLN A 187 4.35 -32.88 -11.81
C GLN A 187 4.87 -31.46 -11.67
N PRO A 188 5.61 -31.21 -10.59
CA PRO A 188 6.19 -29.88 -10.36
C PRO A 188 7.28 -29.55 -11.37
N TRP A 189 7.24 -28.31 -11.82
CA TRP A 189 8.35 -27.71 -12.55
C TRP A 189 8.97 -26.72 -11.59
N ILE A 190 10.30 -26.70 -11.56
CA ILE A 190 11.03 -25.80 -10.69
C ILE A 190 11.48 -24.60 -11.50
N TRP A 191 10.97 -23.44 -11.16
CA TRP A 191 11.14 -22.26 -12.00
C TRP A 191 12.43 -21.46 -11.79
N THR A 192 13.13 -21.21 -12.89
CA THR A 192 14.28 -20.32 -12.94
C THR A 192 13.86 -19.14 -13.79
N ALA A 193 14.32 -17.95 -13.43
CA ALA A 193 14.00 -16.74 -14.18
C ALA A 193 15.03 -16.43 -15.27
N GLY A 194 14.58 -16.31 -16.51
CA GLY A 194 15.45 -16.04 -17.63
C GLY A 194 15.22 -14.62 -18.14
N ASN A 195 15.93 -14.21 -19.18
CA ASN A 195 15.82 -12.83 -19.63
C ASN A 195 14.47 -12.45 -20.27
N HIS A 196 13.74 -13.44 -20.78
CA HIS A 196 12.42 -13.15 -21.33
C HIS A 196 11.37 -12.89 -20.25
N GLU A 197 11.70 -13.21 -19.00
CA GLU A 197 10.82 -12.90 -17.88
C GLU A 197 11.01 -11.47 -17.34
N ILE A 198 12.17 -10.87 -17.63
CA ILE A 198 12.49 -9.53 -17.12
C ILE A 198 11.39 -8.52 -17.45
N GLU A 199 10.97 -8.53 -18.71
CA GLU A 199 9.93 -7.64 -19.22
C GLU A 199 10.04 -6.19 -18.73
N PHE A 200 11.24 -5.63 -18.88
CA PHE A 200 11.50 -4.23 -18.56
C PHE A 200 11.18 -3.37 -19.78
N ALA A 201 10.12 -2.59 -19.67
CA ALA A 201 9.59 -1.86 -20.82
C ALA A 201 9.18 -0.45 -20.42
N PRO A 202 10.16 0.42 -20.14
CA PRO A 202 9.85 1.77 -19.67
C PRO A 202 9.02 2.52 -20.70
N GLU A 203 9.19 2.14 -21.97
CA GLU A 203 8.54 2.87 -23.05
C GLU A 203 7.03 2.84 -22.91
N ILE A 204 6.51 1.81 -22.25
CA ILE A 204 5.07 1.68 -22.00
C ILE A 204 4.81 1.63 -20.49
N ASN A 205 5.66 2.33 -19.75
CA ASN A 205 5.54 2.44 -18.29
C ASN A 205 5.40 1.11 -17.53
N GLU A 206 6.14 0.10 -17.95
CA GLU A 206 6.24 -1.12 -17.17
C GLU A 206 7.68 -1.30 -16.74
N THR A 207 8.01 -0.75 -15.58
CA THR A 207 9.39 -0.63 -15.15
C THR A 207 9.73 -1.60 -14.01
N GLU A 208 8.83 -2.51 -13.70
CA GLU A 208 9.04 -3.47 -12.61
C GLU A 208 9.44 -4.83 -13.15
N PRO A 209 10.71 -5.22 -12.94
CA PRO A 209 11.24 -6.45 -13.51
C PRO A 209 10.54 -7.70 -13.02
N PHE A 210 10.24 -8.62 -13.94
CA PHE A 210 9.74 -9.94 -13.59
C PHE A 210 8.24 -9.98 -13.23
N LYS A 211 7.57 -8.85 -13.41
CA LYS A 211 6.19 -8.68 -12.98
C LYS A 211 5.23 -9.82 -13.42
N PRO A 212 4.97 -9.96 -14.74
CA PRO A 212 4.04 -11.00 -15.16
C PRO A 212 4.49 -12.36 -14.65
N PHE A 213 5.77 -12.68 -14.86
CA PHE A 213 6.33 -13.93 -14.38
C PHE A 213 6.03 -14.16 -12.92
N SER A 214 6.39 -13.18 -12.08
CA SER A 214 6.29 -13.31 -10.63
C SER A 214 4.85 -13.44 -10.13
N TYR A 215 3.90 -12.83 -10.84
CA TYR A 215 2.48 -13.00 -10.50
C TYR A 215 1.96 -14.40 -10.86
N ARG A 216 2.43 -14.94 -11.98
CA ARG A 216 1.91 -16.21 -12.47
C ARG A 216 2.59 -17.42 -11.86
N TYR A 217 3.89 -17.30 -11.57
CA TYR A 217 4.67 -18.42 -11.03
C TYR A 217 5.30 -18.13 -9.65
N HIS A 218 4.74 -18.73 -8.61
CA HIS A 218 5.27 -18.61 -7.25
C HIS A 218 6.29 -19.72 -6.96
N VAL A 219 7.23 -19.42 -6.08
CA VAL A 219 8.22 -20.40 -5.61
C VAL A 219 8.26 -20.37 -4.09
N PRO A 220 8.75 -21.45 -3.46
CA PRO A 220 8.83 -21.52 -1.99
C PRO A 220 10.10 -20.82 -1.44
N TYR A 221 10.28 -19.55 -1.77
CA TYR A 221 11.56 -18.91 -1.48
C TYR A 221 11.81 -18.64 0.01
N GLU A 222 10.75 -18.34 0.76
CA GLU A 222 10.87 -18.16 2.20
C GLU A 222 11.39 -19.43 2.90
N ALA A 223 11.03 -20.61 2.38
CA ALA A 223 11.42 -21.86 3.01
C ALA A 223 12.93 -22.05 3.06
N SER A 224 13.67 -21.36 2.20
CA SER A 224 15.12 -21.41 2.32
C SER A 224 15.67 -20.09 2.82
N GLN A 225 14.82 -19.30 3.47
CA GLN A 225 15.23 -18.01 4.04
C GLN A 225 15.72 -16.98 3.02
N SER A 226 15.27 -17.13 1.78
CA SER A 226 15.53 -16.14 0.77
C SER A 226 14.50 -15.04 0.88
N THR A 227 14.87 -13.85 0.43
CA THR A 227 14.01 -12.67 0.54
C THR A 227 13.47 -12.28 -0.82
N SER A 228 13.67 -13.16 -1.80
CA SER A 228 13.23 -12.89 -3.15
C SER A 228 12.86 -14.18 -3.88
N PRO A 229 11.80 -14.13 -4.70
CA PRO A 229 11.38 -15.25 -5.53
C PRO A 229 12.44 -15.68 -6.54
N PHE A 230 13.44 -14.85 -6.79
CA PHE A 230 14.31 -15.14 -7.94
C PHE A 230 15.56 -15.96 -7.61
N TRP A 231 15.82 -16.16 -6.33
CA TRP A 231 16.83 -17.13 -5.90
C TRP A 231 16.31 -17.86 -4.69
N TYR A 232 16.58 -19.17 -4.63
CA TYR A 232 16.03 -19.99 -3.57
C TYR A 232 16.51 -21.41 -3.71
N SER A 233 16.16 -22.22 -2.72
CA SER A 233 16.61 -23.59 -2.69
C SER A 233 15.45 -24.53 -2.42
N ILE A 234 15.53 -25.73 -2.95
CA ILE A 234 14.67 -26.80 -2.47
C ILE A 234 15.46 -28.10 -2.35
N LYS A 235 14.99 -28.98 -1.47
CA LYS A 235 15.52 -30.34 -1.42
C LYS A 235 14.45 -31.33 -1.89
N ARG A 236 14.86 -32.28 -2.72
CA ARG A 236 13.95 -33.27 -3.28
C ARG A 236 14.68 -34.60 -3.47
N ALA A 237 14.14 -35.65 -2.86
CA ALA A 237 14.83 -36.94 -2.84
C ALA A 237 16.29 -36.76 -2.35
N SER A 238 17.25 -37.08 -3.21
CA SER A 238 18.66 -36.99 -2.81
C SER A 238 19.34 -35.75 -3.36
N ALA A 239 18.55 -34.80 -3.86
CA ALA A 239 19.10 -33.60 -4.47
C ALA A 239 18.86 -32.36 -3.62
N HIS A 240 19.85 -31.48 -3.61
CA HIS A 240 19.71 -30.15 -3.05
C HIS A 240 19.83 -29.24 -4.27
N ILE A 241 18.75 -28.55 -4.60
CA ILE A 241 18.73 -27.72 -5.81
C ILE A 241 18.76 -26.24 -5.44
N ILE A 242 19.70 -25.53 -6.05
CA ILE A 242 19.91 -24.12 -5.77
C ILE A 242 19.57 -23.34 -7.03
N VAL A 243 18.61 -22.43 -6.92
CA VAL A 243 18.15 -21.68 -8.08
C VAL A 243 18.62 -20.24 -8.00
N LEU A 244 19.31 -19.77 -9.04
CA LEU A 244 19.89 -18.43 -9.05
C LEU A 244 19.28 -17.53 -10.12
N SER A 245 19.46 -16.22 -9.95
CA SER A 245 18.91 -15.19 -10.83
C SER A 245 20.00 -14.45 -11.62
N SER A 246 20.11 -14.76 -12.90
CA SER A 246 21.13 -14.15 -13.75
C SER A 246 20.93 -12.63 -13.88
N TYR A 247 19.69 -12.19 -13.73
CA TYR A 247 19.35 -10.82 -14.01
C TYR A 247 18.89 -10.08 -12.75
N SER A 248 19.41 -10.55 -11.61
CA SER A 248 19.32 -9.82 -10.33
C SER A 248 20.74 -9.46 -9.88
N ALA A 249 20.87 -8.62 -8.85
CA ALA A 249 22.22 -8.26 -8.38
C ALA A 249 22.87 -9.44 -7.69
N TYR A 250 24.18 -9.57 -7.86
CA TYR A 250 24.94 -10.61 -7.17
C TYR A 250 26.29 -10.07 -6.72
N GLY A 251 26.40 -8.75 -6.63
CA GLY A 251 27.58 -8.13 -6.07
C GLY A 251 27.77 -8.51 -4.62
N ARG A 252 29.00 -8.44 -4.15
CA ARG A 252 29.34 -8.76 -2.77
C ARG A 252 28.51 -7.93 -1.82
N GLY A 253 27.78 -8.57 -0.92
CA GLY A 253 26.94 -7.86 0.03
C GLY A 253 25.47 -7.75 -0.38
N THR A 254 25.17 -8.06 -1.64
CA THR A 254 23.79 -8.04 -2.11
C THR A 254 23.00 -9.21 -1.52
N PRO A 255 21.66 -9.09 -1.47
CA PRO A 255 20.85 -10.18 -0.95
C PRO A 255 21.20 -11.51 -1.60
N GLN A 256 21.27 -11.57 -2.94
CA GLN A 256 21.55 -12.81 -3.63
C GLN A 256 22.91 -13.40 -3.26
N TYR A 257 23.95 -12.58 -3.35
CA TYR A 257 25.30 -12.99 -3.01
C TYR A 257 25.33 -13.49 -1.57
N THR A 258 24.77 -12.72 -0.66
CA THR A 258 24.70 -13.09 0.74
C THR A 258 23.95 -14.41 0.95
N TRP A 259 22.80 -14.54 0.29
CA TRP A 259 22.00 -15.75 0.43
C TRP A 259 22.74 -16.97 -0.10
N LEU A 260 23.31 -16.88 -1.31
CA LEU A 260 24.03 -18.03 -1.87
C LEU A 260 25.16 -18.46 -0.96
N LYS A 261 25.88 -17.48 -0.41
CA LYS A 261 27.04 -17.79 0.39
C LYS A 261 26.65 -18.62 1.60
N LYS A 262 25.59 -18.19 2.28
CA LYS A 262 25.16 -18.88 3.49
C LYS A 262 24.53 -20.23 3.15
N GLU A 263 23.72 -20.24 2.10
CA GLU A 263 23.06 -21.46 1.65
C GLU A 263 24.04 -22.58 1.29
N LEU A 264 25.18 -22.25 0.71
CA LEU A 264 26.16 -23.29 0.38
C LEU A 264 26.67 -23.95 1.65
N ARG A 265 26.84 -23.17 2.71
CA ARG A 265 27.28 -23.67 4.00
C ARG A 265 26.24 -24.55 4.65
N LYS A 266 24.99 -24.36 4.29
CA LYS A 266 23.92 -25.15 4.87
C LYS A 266 23.81 -26.50 4.21
N VAL A 267 24.40 -26.66 3.02
CA VAL A 267 24.22 -27.91 2.26
C VAL A 267 24.76 -29.09 3.06
N LYS A 268 23.97 -30.14 3.19
CA LYS A 268 24.43 -31.36 3.87
C LYS A 268 24.52 -32.50 2.85
N ARG A 269 25.74 -32.81 2.41
CA ARG A 269 25.93 -33.83 1.39
C ARG A 269 25.67 -35.21 1.97
N SER A 270 25.65 -35.31 3.30
CA SER A 270 25.32 -36.57 3.97
C SER A 270 23.81 -36.79 3.99
N GLU A 271 23.04 -35.77 3.65
CA GLU A 271 21.60 -35.93 3.53
C GLU A 271 21.14 -35.88 2.06
N THR A 272 21.65 -34.92 1.30
CA THR A 272 21.41 -34.84 -0.13
C THR A 272 22.73 -34.80 -0.91
N PRO A 273 23.19 -35.96 -1.39
CA PRO A 273 24.48 -36.05 -2.09
C PRO A 273 24.56 -35.19 -3.34
N TRP A 274 23.48 -35.10 -4.10
CA TRP A 274 23.51 -34.39 -5.37
C TRP A 274 23.27 -32.89 -5.22
N LEU A 275 24.29 -32.11 -5.57
CA LEU A 275 24.22 -30.66 -5.42
C LEU A 275 24.11 -30.02 -6.82
N ILE A 276 22.95 -29.47 -7.10
CA ILE A 276 22.63 -28.99 -8.43
C ILE A 276 22.31 -27.49 -8.40
N VAL A 277 22.91 -26.75 -9.33
CA VAL A 277 22.64 -25.34 -9.49
C VAL A 277 21.94 -25.05 -10.81
N LEU A 278 20.84 -24.31 -10.73
CA LEU A 278 20.13 -23.82 -11.91
C LEU A 278 20.38 -22.31 -12.11
N MET A 279 20.65 -21.91 -13.34
CA MET A 279 20.70 -20.49 -13.68
C MET A 279 20.30 -20.35 -15.13
N HIS A 280 19.98 -19.14 -15.57
CA HIS A 280 19.58 -18.98 -16.97
C HIS A 280 20.77 -18.89 -17.93
N SER A 281 21.69 -17.98 -17.65
CA SER A 281 22.81 -17.67 -18.52
C SER A 281 24.02 -18.55 -18.19
N PRO A 282 24.53 -19.30 -19.19
CA PRO A 282 25.62 -20.27 -18.99
C PRO A 282 26.96 -19.62 -18.69
N LEU A 283 27.66 -20.15 -17.68
CA LEU A 283 28.98 -19.67 -17.30
C LEU A 283 30.06 -20.21 -18.24
N TYR A 284 29.79 -21.37 -18.85
CA TYR A 284 30.64 -21.91 -19.92
C TYR A 284 29.74 -22.13 -21.13
N ASN A 285 30.19 -21.64 -22.28
CA ASN A 285 29.37 -21.56 -23.49
C ASN A 285 30.31 -21.24 -24.64
N SER A 286 30.35 -22.14 -25.63
CA SER A 286 31.28 -21.97 -26.74
C SER A 286 30.55 -21.64 -28.03
N TYR A 287 29.25 -21.31 -27.92
CA TYR A 287 28.45 -20.84 -29.06
C TYR A 287 28.62 -19.33 -29.27
N ASN A 288 28.48 -18.90 -30.52
CA ASN A 288 28.44 -17.47 -30.85
C ASN A 288 27.37 -16.71 -30.06
N HIS A 289 26.13 -17.17 -30.18
CA HIS A 289 25.02 -16.47 -29.54
C HIS A 289 25.29 -16.36 -28.04
N HIS A 290 25.31 -15.11 -27.55
CA HIS A 290 25.48 -14.83 -26.13
C HIS A 290 26.84 -15.26 -25.60
N PHE A 291 27.82 -15.38 -26.49
CA PHE A 291 29.18 -15.71 -26.07
C PHE A 291 29.67 -14.79 -24.96
N MET A 292 30.19 -15.39 -23.89
CA MET A 292 30.78 -14.66 -22.77
C MET A 292 29.85 -13.79 -21.89
N GLU A 293 28.54 -13.87 -22.11
CA GLU A 293 27.60 -13.14 -21.25
C GLU A 293 27.65 -13.63 -19.80
N GLY A 294 27.94 -14.92 -19.64
CA GLY A 294 28.04 -15.55 -18.34
C GLY A 294 29.27 -15.15 -17.54
N GLU A 295 30.19 -14.41 -18.15
CA GLU A 295 31.46 -14.12 -17.49
C GLU A 295 31.34 -13.43 -16.12
N ALA A 296 30.40 -12.50 -16.01
CA ALA A 296 30.25 -11.72 -14.78
C ALA A 296 29.89 -12.58 -13.58
N MET A 297 28.88 -13.43 -13.73
CA MET A 297 28.49 -14.29 -12.63
C MET A 297 29.60 -15.28 -12.31
N ARG A 298 30.29 -15.72 -13.35
CA ARG A 298 31.36 -16.70 -13.19
C ARG A 298 32.45 -16.17 -12.25
N THR A 299 32.90 -14.94 -12.47
CA THR A 299 33.93 -14.33 -11.64
C THR A 299 33.50 -14.28 -10.18
N LYS A 300 32.20 -14.07 -9.94
CA LYS A 300 31.64 -14.05 -8.60
C LYS A 300 31.46 -15.42 -7.94
N PHE A 301 30.97 -16.40 -8.69
CA PHE A 301 30.49 -17.65 -8.06
C PHE A 301 31.30 -18.92 -8.37
N GLU A 302 32.05 -18.92 -9.47
CA GLU A 302 32.74 -20.13 -9.90
C GLU A 302 33.57 -20.79 -8.78
N ALA A 303 34.48 -20.04 -8.17
CA ALA A 303 35.29 -20.58 -7.08
C ALA A 303 34.43 -21.21 -5.96
N TRP A 304 33.27 -20.62 -5.67
CA TRP A 304 32.38 -21.21 -4.66
C TRP A 304 31.88 -22.59 -5.10
N PHE A 305 31.51 -22.71 -6.37
CA PHE A 305 30.99 -23.98 -6.89
C PHE A 305 32.03 -25.08 -6.77
N VAL A 306 33.28 -24.73 -7.06
CA VAL A 306 34.38 -25.66 -6.98
C VAL A 306 34.63 -26.00 -5.52
N LYS A 307 34.61 -24.97 -4.67
CA LYS A 307 34.84 -25.18 -3.25
C LYS A 307 33.79 -26.08 -2.62
N TYR A 308 32.54 -25.95 -3.04
CA TYR A 308 31.48 -26.75 -2.42
C TYR A 308 31.13 -28.00 -3.20
N LYS A 309 31.92 -28.27 -4.25
CA LYS A 309 31.81 -29.52 -5.01
C LYS A 309 30.44 -29.71 -5.62
N VAL A 310 29.94 -28.65 -6.24
CA VAL A 310 28.75 -28.72 -7.06
C VAL A 310 28.91 -29.83 -8.11
N ASP A 311 27.93 -30.72 -8.18
CA ASP A 311 27.98 -31.82 -9.15
C ASP A 311 27.77 -31.32 -10.57
N VAL A 312 26.74 -30.50 -10.78
CA VAL A 312 26.37 -30.06 -12.13
C VAL A 312 25.66 -28.71 -12.09
N VAL A 313 25.93 -27.86 -13.08
CA VAL A 313 25.24 -26.59 -13.21
C VAL A 313 24.47 -26.57 -14.52
N PHE A 314 23.16 -26.42 -14.43
CA PHE A 314 22.33 -26.40 -15.63
C PHE A 314 21.94 -24.98 -15.97
N ALA A 315 22.01 -24.65 -17.26
CA ALA A 315 21.60 -23.33 -17.74
C ALA A 315 20.93 -23.44 -19.11
N GLY A 316 20.35 -22.34 -19.58
CA GLY A 316 19.67 -22.32 -20.88
C GLY A 316 20.16 -21.17 -21.74
N HIS A 317 19.24 -20.30 -22.19
CA HIS A 317 19.60 -19.02 -22.82
C HIS A 317 20.16 -19.22 -24.23
N VAL A 318 21.18 -20.07 -24.34
CA VAL A 318 21.71 -20.44 -25.65
C VAL A 318 20.85 -21.53 -26.26
N HIS A 319 20.37 -21.30 -27.48
CA HIS A 319 19.42 -22.19 -28.07
C HIS A 319 20.08 -23.42 -28.72
N ALA A 320 20.67 -24.25 -27.88
CA ALA A 320 21.26 -25.50 -28.29
C ALA A 320 21.66 -26.35 -27.07
N TYR A 321 22.48 -27.36 -27.31
CA TYR A 321 22.93 -28.26 -26.26
C TYR A 321 24.45 -28.19 -26.15
N GLU A 322 24.94 -28.16 -24.92
CA GLU A 322 26.38 -28.28 -24.68
C GLU A 322 26.65 -28.91 -23.32
N ARG A 323 27.69 -29.73 -23.27
CA ARG A 323 28.12 -30.35 -22.02
C ARG A 323 29.61 -30.11 -21.91
N SER A 324 30.04 -29.49 -20.82
CA SER A 324 31.45 -29.17 -20.69
C SER A 324 32.16 -30.34 -20.04
N GLU A 325 33.48 -30.27 -20.03
CA GLU A 325 34.29 -31.09 -19.16
C GLU A 325 34.20 -30.48 -17.76
N ARG A 326 34.69 -31.20 -16.75
CA ARG A 326 34.93 -30.61 -15.45
C ARG A 326 36.14 -29.69 -15.56
N VAL A 327 35.91 -28.40 -15.42
CA VAL A 327 36.95 -27.41 -15.64
C VAL A 327 36.77 -26.24 -14.70
N SER A 328 37.85 -25.51 -14.44
CA SER A 328 37.72 -24.26 -13.72
C SER A 328 38.64 -23.22 -14.34
N ASN A 329 38.30 -21.96 -14.10
CA ASN A 329 39.09 -20.84 -14.56
C ASN A 329 39.21 -19.84 -13.41
N ILE A 330 39.74 -20.34 -12.28
CA ILE A 330 39.69 -19.59 -11.01
C ILE A 330 41.04 -19.07 -10.53
N ALA A 331 42.07 -19.23 -11.35
CA ALA A 331 43.43 -18.88 -10.92
C ALA A 331 43.88 -17.48 -11.36
N TYR A 332 43.03 -16.76 -12.08
CA TYR A 332 43.37 -15.47 -12.68
C TYR A 332 43.58 -14.38 -11.64
N LYS A 333 44.66 -13.61 -11.79
CA LYS A 333 44.97 -12.51 -10.85
C LYS A 333 45.35 -11.23 -11.56
N ILE A 334 44.74 -10.98 -12.72
CA ILE A 334 44.96 -9.79 -13.54
C ILE A 334 46.28 -9.77 -14.35
N THR A 335 47.40 -10.07 -13.69
CA THR A 335 48.69 -9.89 -14.33
C THR A 335 49.50 -11.19 -14.51
N ASN A 336 48.95 -12.31 -14.06
CA ASN A 336 49.68 -13.59 -14.04
C ASN A 336 49.36 -14.49 -15.22
N GLY A 337 48.64 -13.97 -16.20
CA GLY A 337 48.37 -14.69 -17.44
C GLY A 337 47.54 -15.96 -17.37
N LEU A 338 47.03 -16.31 -16.19
CA LEU A 338 46.31 -17.58 -16.05
C LEU A 338 44.81 -17.36 -16.25
N CYS A 339 44.40 -17.34 -17.52
CA CYS A 339 43.03 -17.04 -17.86
C CYS A 339 42.44 -18.16 -18.71
N THR A 340 43.13 -19.29 -18.75
CA THR A 340 42.72 -20.43 -19.55
C THR A 340 42.07 -21.50 -18.67
N PRO A 341 40.87 -21.96 -19.06
CA PRO A 341 40.23 -23.00 -18.25
C PRO A 341 41.10 -24.26 -18.24
N VAL A 342 41.22 -24.90 -17.08
CA VAL A 342 41.96 -26.16 -16.97
C VAL A 342 41.05 -27.28 -16.45
N LYS A 343 41.42 -28.52 -16.75
CA LYS A 343 40.79 -29.69 -16.18
C LYS A 343 40.79 -29.59 -14.68
N ASP A 344 39.62 -29.71 -14.07
CA ASP A 344 39.53 -29.63 -12.62
C ASP A 344 38.45 -30.58 -12.12
N GLN A 345 38.87 -31.77 -11.69
CA GLN A 345 37.96 -32.81 -11.26
C GLN A 345 37.18 -32.42 -10.00
N SER A 346 37.60 -31.36 -9.34
CA SER A 346 36.80 -30.80 -8.25
C SER A 346 35.67 -29.89 -8.73
N ALA A 347 35.65 -29.57 -10.03
CA ALA A 347 34.67 -28.64 -10.58
C ALA A 347 33.39 -29.36 -11.00
N PRO A 348 32.29 -28.61 -11.13
CA PRO A 348 31.05 -29.18 -11.68
C PRO A 348 31.15 -29.34 -13.18
N VAL A 349 30.27 -30.15 -13.76
CA VAL A 349 30.05 -30.16 -15.20
C VAL A 349 29.03 -29.08 -15.52
N TYR A 350 29.29 -28.30 -16.56
CA TYR A 350 28.35 -27.26 -16.98
C TYR A 350 27.57 -27.73 -18.21
N ILE A 351 26.25 -27.68 -18.11
CA ILE A 351 25.39 -28.12 -19.20
C ILE A 351 24.42 -27.03 -19.66
N THR A 352 24.45 -26.77 -20.96
CA THR A 352 23.51 -25.88 -21.61
C THR A 352 22.39 -26.69 -22.26
N ILE A 353 21.17 -26.41 -21.87
CA ILE A 353 20.02 -27.20 -22.27
C ILE A 353 18.85 -26.27 -22.64
N GLY A 354 19.19 -25.13 -23.23
CA GLY A 354 18.19 -24.14 -23.62
C GLY A 354 17.63 -24.40 -25.00
N ASP A 355 17.40 -25.66 -25.35
CA ASP A 355 17.02 -26.00 -26.72
C ASP A 355 15.65 -26.66 -26.85
N ALA A 356 14.71 -26.29 -25.97
CA ALA A 356 13.40 -26.91 -26.01
C ALA A 356 12.48 -26.39 -27.13
N GLY A 357 12.87 -25.31 -27.78
CA GLY A 357 12.11 -24.85 -28.93
C GLY A 357 12.05 -23.35 -29.17
N ASN A 358 12.03 -22.58 -28.08
CA ASN A 358 11.83 -21.15 -28.13
C ASN A 358 10.76 -20.74 -29.16
N TYR A 359 11.09 -19.82 -30.05
CA TYR A 359 10.14 -19.43 -31.08
C TYR A 359 10.51 -20.05 -32.42
N GLY A 360 11.20 -21.19 -32.38
CA GLY A 360 11.51 -21.97 -33.57
C GLY A 360 12.91 -21.78 -34.16
N VAL A 361 13.80 -21.17 -33.40
CA VAL A 361 15.14 -20.88 -33.90
C VAL A 361 16.25 -21.60 -33.11
N ILE A 362 17.15 -22.29 -33.81
CA ILE A 362 18.26 -22.97 -33.17
C ILE A 362 19.54 -22.13 -33.29
N ASP A 363 20.36 -22.07 -32.25
CA ASP A 363 21.66 -21.44 -32.38
C ASP A 363 22.67 -22.43 -32.96
N SER A 364 23.01 -22.26 -34.23
CA SER A 364 23.87 -23.24 -34.89
C SER A 364 25.32 -22.80 -34.98
N ASN A 365 25.56 -21.50 -34.86
CA ASN A 365 26.91 -20.97 -34.98
C ASN A 365 27.81 -21.22 -33.76
N MET A 366 28.90 -21.93 -34.00
CA MET A 366 29.81 -22.37 -32.94
C MET A 366 31.20 -21.85 -33.18
N ILE A 367 31.87 -21.44 -32.11
CA ILE A 367 33.30 -21.14 -32.17
C ILE A 367 34.10 -22.41 -32.49
N GLN A 368 35.04 -22.31 -33.44
CA GLN A 368 35.78 -23.46 -33.94
C GLN A 368 37.27 -23.25 -33.79
N PRO A 369 38.00 -24.32 -33.46
CA PRO A 369 37.47 -25.66 -33.21
C PRO A 369 36.86 -25.70 -31.82
N GLN A 370 36.18 -26.78 -31.48
CA GLN A 370 35.64 -26.98 -30.14
C GLN A 370 36.72 -26.77 -29.06
N PRO A 371 36.43 -25.92 -28.08
CA PRO A 371 37.38 -25.67 -26.98
C PRO A 371 37.66 -26.92 -26.17
N GLU A 372 38.80 -26.96 -25.49
CA GLU A 372 39.18 -28.13 -24.70
C GLU A 372 38.24 -28.24 -23.52
N TYR A 373 37.61 -27.13 -23.15
CA TYR A 373 36.67 -27.15 -22.03
C TYR A 373 35.32 -27.77 -22.41
N SER A 374 35.04 -27.85 -23.70
CA SER A 374 33.77 -28.39 -24.18
C SER A 374 33.87 -29.86 -24.56
N ALA A 375 33.10 -30.69 -23.88
CA ALA A 375 33.10 -32.12 -24.17
C ALA A 375 32.26 -32.45 -25.40
N PHE A 376 31.05 -31.90 -25.44
CA PHE A 376 30.08 -32.24 -26.46
C PHE A 376 29.16 -31.06 -26.70
N ARG A 377 28.84 -30.79 -27.96
CA ARG A 377 27.81 -29.79 -28.28
C ARG A 377 27.13 -30.12 -29.58
N GLU A 378 25.89 -29.69 -29.71
CA GLU A 378 25.13 -29.86 -30.94
C GLU A 378 23.96 -28.91 -30.97
N ALA A 379 23.77 -28.27 -32.11
CA ALA A 379 22.64 -27.38 -32.32
C ALA A 379 21.44 -28.17 -32.81
N SER A 380 20.74 -28.81 -31.87
CA SER A 380 19.48 -29.50 -32.16
C SER A 380 18.47 -29.25 -31.04
N PHE A 381 17.19 -29.38 -31.37
CA PHE A 381 16.13 -29.21 -30.39
C PHE A 381 16.07 -30.48 -29.54
N GLY A 382 15.79 -30.32 -28.25
CA GLY A 382 15.74 -31.47 -27.36
C GLY A 382 15.57 -31.11 -25.89
N HIS A 383 15.70 -32.12 -25.03
CA HIS A 383 15.63 -31.93 -23.59
C HIS A 383 16.60 -32.90 -22.93
N GLY A 384 16.84 -32.69 -21.63
CA GLY A 384 17.73 -33.54 -20.89
C GLY A 384 17.02 -34.35 -19.80
N MET A 385 17.70 -35.37 -19.32
CA MET A 385 17.23 -36.14 -18.18
C MET A 385 18.43 -36.38 -17.29
N PHE A 386 18.28 -36.03 -16.01
CA PHE A 386 19.33 -36.29 -15.02
C PHE A 386 18.77 -37.31 -14.05
N ASP A 387 19.21 -38.55 -14.20
CA ASP A 387 18.59 -39.69 -13.52
C ASP A 387 19.48 -40.17 -12.40
N ILE A 388 19.11 -39.84 -11.16
CA ILE A 388 19.91 -40.21 -9.99
C ILE A 388 19.65 -41.67 -9.58
N LYS A 389 20.71 -42.47 -9.51
CA LYS A 389 20.58 -43.88 -9.13
C LYS A 389 20.77 -44.10 -7.65
N ASN A 390 21.76 -43.42 -7.07
CA ASN A 390 22.10 -43.55 -5.67
C ASN A 390 23.14 -42.49 -5.38
N ARG A 391 23.73 -42.50 -4.18
CA ARG A 391 24.61 -41.41 -3.75
C ARG A 391 25.86 -41.22 -4.61
N THR A 392 26.27 -42.24 -5.36
CA THR A 392 27.49 -42.14 -6.15
C THR A 392 27.25 -41.94 -7.64
N HIS A 393 26.13 -42.45 -8.13
CA HIS A 393 25.90 -42.52 -9.58
C HIS A 393 24.67 -41.75 -10.05
N ALA A 394 24.84 -40.89 -11.06
CA ALA A 394 23.71 -40.28 -11.75
C ALA A 394 23.91 -40.37 -13.26
N HIS A 395 22.85 -40.71 -13.99
CA HIS A 395 22.99 -40.81 -15.43
C HIS A 395 22.31 -39.64 -16.12
N PHE A 396 23.10 -38.83 -16.84
CA PHE A 396 22.53 -37.75 -17.65
C PHE A 396 22.38 -38.18 -19.11
N SER A 397 21.27 -37.79 -19.72
CA SER A 397 21.09 -38.08 -21.14
C SER A 397 20.32 -36.98 -21.85
N TRP A 398 20.63 -36.83 -23.12
CA TRP A 398 20.07 -35.78 -23.95
C TRP A 398 19.30 -36.40 -25.13
N ASN A 399 18.05 -36.02 -25.28
CA ASN A 399 17.25 -36.56 -26.37
C ASN A 399 16.91 -35.51 -27.41
N ARG A 400 17.04 -35.89 -28.68
CA ARG A 400 16.81 -34.99 -29.81
C ARG A 400 15.40 -35.10 -30.35
N ASN A 401 14.84 -33.97 -30.79
CA ASN A 401 13.50 -33.94 -31.37
C ASN A 401 13.39 -34.73 -32.69
N GLN A 402 14.50 -34.85 -33.43
CA GLN A 402 14.48 -35.63 -34.65
C GLN A 402 14.75 -37.14 -34.44
N ASP A 403 15.09 -37.56 -33.22
CA ASP A 403 15.23 -38.99 -32.92
C ASP A 403 13.96 -39.58 -32.32
N GLY A 404 13.95 -40.90 -32.14
CA GLY A 404 12.88 -41.56 -31.41
C GLY A 404 12.89 -41.12 -29.95
N VAL A 405 11.73 -41.18 -29.31
CA VAL A 405 11.62 -40.72 -27.93
C VAL A 405 12.49 -41.53 -26.96
N ALA A 406 12.92 -42.73 -27.36
CA ALA A 406 13.78 -43.52 -26.48
C ALA A 406 15.26 -43.46 -26.85
N VAL A 407 15.61 -42.63 -27.83
CA VAL A 407 17.00 -42.52 -28.30
C VAL A 407 17.82 -41.42 -27.59
N GLU A 408 18.97 -41.80 -27.04
CA GLU A 408 19.89 -40.85 -26.40
C GLU A 408 21.05 -40.47 -27.31
N ALA A 409 21.06 -39.23 -27.81
CA ALA A 409 22.11 -38.74 -28.70
C ALA A 409 23.42 -38.47 -27.95
N ASP A 410 23.31 -38.12 -26.67
CA ASP A 410 24.46 -38.00 -25.80
C ASP A 410 24.02 -38.50 -24.45
N SER A 411 24.94 -39.07 -23.69
CA SER A 411 24.63 -39.61 -22.37
C SER A 411 25.93 -39.85 -21.62
N VAL A 412 25.94 -39.51 -20.34
CA VAL A 412 27.16 -39.64 -19.56
C VAL A 412 26.82 -39.95 -18.12
N TRP A 413 27.66 -40.80 -17.50
CA TRP A 413 27.57 -41.07 -16.08
C TRP A 413 28.26 -40.00 -15.26
N PHE A 414 27.54 -39.43 -14.31
CA PHE A 414 28.12 -38.54 -13.33
C PHE A 414 28.54 -39.37 -12.13
N PHE A 415 29.78 -39.19 -11.68
CA PHE A 415 30.20 -39.69 -10.39
C PHE A 415 30.15 -38.54 -9.39
N ASN A 416 29.43 -38.73 -8.28
CA ASN A 416 29.21 -37.67 -7.29
C ASN A 416 30.52 -37.08 -6.76
N ARG A 417 30.60 -35.75 -6.74
CA ARG A 417 31.82 -35.08 -6.32
C ARG A 417 32.19 -35.27 -4.85
N HIS A 418 31.19 -35.54 -4.00
CA HIS A 418 31.38 -35.72 -2.57
C HIS A 418 31.65 -37.18 -2.22
N TRP A 419 30.86 -38.09 -2.77
CA TRP A 419 30.88 -39.49 -2.35
C TRP A 419 31.66 -40.43 -3.28
N TYR A 420 31.97 -39.97 -4.49
CA TYR A 420 32.66 -40.82 -5.45
C TYR A 420 33.44 -39.95 -6.43
N PRO A 421 34.52 -39.32 -5.95
CA PRO A 421 35.21 -38.29 -6.71
C PRO A 421 36.21 -38.87 -7.72
N VAL A 422 35.74 -39.80 -8.55
CA VAL A 422 36.60 -40.45 -9.53
C VAL A 422 36.49 -39.73 -10.86
N ASP A 423 37.61 -39.66 -11.58
CA ASP A 423 37.60 -39.08 -12.91
C ASP A 423 36.48 -39.69 -13.76
N ASP A 424 35.37 -38.97 -13.89
CA ASP A 424 34.21 -39.48 -14.65
C ASP A 424 34.18 -38.93 -16.08
N SER A 425 35.36 -38.66 -16.61
CA SER A 425 35.51 -38.10 -17.97
C SER A 425 35.32 -39.14 -19.07
N ASN B 2 -7.46 18.34 37.09
CA ASN B 2 -6.76 17.15 36.62
C ASN B 2 -6.67 16.07 37.68
N ARG B 3 -7.42 14.98 37.51
CA ARG B 3 -7.47 13.91 38.50
C ARG B 3 -7.05 12.59 37.89
N ASP B 4 -6.34 12.67 36.77
CA ASP B 4 -5.75 11.48 36.17
C ASP B 4 -4.58 11.01 37.03
N MET B 5 -4.48 9.71 37.26
CA MET B 5 -3.32 9.15 37.96
C MET B 5 -2.02 9.58 37.26
N PRO B 6 -0.99 9.90 38.05
CA PRO B 6 0.30 10.37 37.51
C PRO B 6 1.12 9.24 36.93
N LEU B 7 2.03 9.58 36.01
CA LEU B 7 2.83 8.59 35.32
C LEU B 7 3.56 7.59 36.25
N ASP B 8 3.95 8.04 37.44
CA ASP B 8 4.68 7.16 38.35
C ASP B 8 3.80 6.33 39.29
N SER B 9 2.52 6.23 39.01
CA SER B 9 1.63 5.43 39.85
C SER B 9 1.96 3.93 39.74
N ASP B 10 1.75 3.20 40.82
CA ASP B 10 2.00 1.76 40.81
C ASP B 10 1.27 1.04 39.67
N VAL B 11 0.03 1.45 39.38
CA VAL B 11 -0.74 0.82 38.29
C VAL B 11 -0.10 0.95 36.91
N PHE B 12 0.76 1.95 36.74
CA PHE B 12 1.40 2.23 35.45
C PHE B 12 2.81 1.63 35.34
N ARG B 13 3.26 0.96 36.39
CA ARG B 13 4.61 0.42 36.41
C ARG B 13 4.91 -0.44 35.18
N VAL B 14 6.17 -0.39 34.73
CA VAL B 14 6.63 -1.20 33.60
C VAL B 14 7.13 -2.56 34.08
N PRO B 15 6.55 -3.63 33.53
CA PRO B 15 7.00 -4.99 33.84
C PRO B 15 8.50 -5.11 33.61
N PRO B 16 9.22 -5.66 34.59
CA PRO B 16 10.68 -5.74 34.60
C PRO B 16 11.23 -6.73 33.58
N GLY B 17 12.45 -6.48 33.10
CA GLY B 17 13.14 -7.40 32.21
C GLY B 17 13.19 -6.91 30.78
N TYR B 18 14.27 -7.22 30.08
CA TYR B 18 14.46 -6.73 28.71
C TYR B 18 13.32 -7.14 27.78
N ASN B 19 12.70 -6.15 27.15
CA ASN B 19 11.59 -6.38 26.22
C ASN B 19 10.42 -7.21 26.78
N ALA B 20 10.19 -7.07 28.08
CA ALA B 20 9.05 -7.70 28.74
C ALA B 20 7.73 -7.30 28.10
N PRO B 21 6.88 -8.27 27.75
CA PRO B 21 5.54 -7.90 27.27
C PRO B 21 4.82 -7.06 28.31
N GLN B 22 4.06 -6.08 27.83
CA GLN B 22 3.24 -5.26 28.71
C GLN B 22 1.92 -4.92 27.99
N GLN B 23 0.96 -4.34 28.72
CA GLN B 23 -0.34 -4.01 28.16
C GLN B 23 -0.91 -5.27 27.56
N VAL B 24 -0.80 -6.39 28.28
CA VAL B 24 -1.39 -7.64 27.82
C VAL B 24 -2.92 -7.60 27.97
N HIS B 25 -3.63 -7.98 26.93
CA HIS B 25 -5.08 -8.05 26.98
C HIS B 25 -5.61 -9.15 26.07
N ILE B 26 -6.71 -9.78 26.47
CA ILE B 26 -7.33 -10.83 25.66
C ILE B 26 -8.80 -10.50 25.36
N THR B 27 -9.29 -11.01 24.25
CA THR B 27 -10.72 -10.95 23.98
C THR B 27 -11.11 -12.19 23.18
N GLN B 28 -12.40 -12.49 23.10
CA GLN B 28 -12.87 -13.66 22.36
C GLN B 28 -12.51 -13.55 20.87
N GLY B 29 -11.95 -14.62 20.33
CA GLY B 29 -11.41 -14.57 18.98
C GLY B 29 -12.26 -15.24 17.92
N ASP B 30 -13.45 -15.68 18.30
CA ASP B 30 -14.33 -16.37 17.37
C ASP B 30 -15.79 -16.09 17.68
N LEU B 31 -16.67 -16.78 16.99
CA LEU B 31 -18.10 -16.58 17.18
C LEU B 31 -18.62 -17.26 18.44
N VAL B 32 -18.04 -18.40 18.81
CA VAL B 32 -18.66 -19.21 19.88
C VAL B 32 -17.87 -19.44 21.17
N GLY B 33 -16.63 -18.97 21.24
CA GLY B 33 -15.89 -19.07 22.49
C GLY B 33 -14.75 -20.09 22.49
N ARG B 34 -14.43 -20.66 21.34
CA ARG B 34 -13.33 -21.63 21.27
C ARG B 34 -12.03 -20.96 20.86
N ALA B 35 -12.05 -19.64 20.75
CA ALA B 35 -10.86 -18.89 20.35
C ALA B 35 -10.65 -17.68 21.25
N MET B 36 -9.42 -17.18 21.26
CA MET B 36 -9.07 -16.02 22.06
C MET B 36 -8.03 -15.22 21.30
N ILE B 37 -8.24 -13.89 21.21
CA ILE B 37 -7.20 -13.02 20.70
C ILE B 37 -6.31 -12.54 21.86
N ILE B 38 -5.01 -12.82 21.75
CA ILE B 38 -4.03 -12.40 22.74
C ILE B 38 -3.27 -11.22 22.18
N SER B 39 -3.21 -10.14 22.95
CA SER B 39 -2.60 -8.90 22.49
C SER B 39 -1.65 -8.39 23.56
N TRP B 40 -0.56 -7.77 23.12
CA TRP B 40 0.41 -7.20 24.04
C TRP B 40 1.38 -6.34 23.25
N VAL B 41 2.16 -5.52 23.96
CA VAL B 41 3.13 -4.63 23.32
C VAL B 41 4.54 -4.90 23.84
N THR B 42 5.54 -4.86 22.97
CA THR B 42 6.93 -4.85 23.44
C THR B 42 7.54 -3.51 23.12
N MET B 43 8.37 -3.00 24.03
CA MET B 43 8.91 -1.65 23.89
C MET B 43 10.35 -1.62 23.40
N ASP B 44 11.11 -2.65 23.72
CA ASP B 44 12.54 -2.60 23.48
C ASP B 44 12.89 -3.00 22.05
N GLU B 45 12.25 -4.04 21.56
CA GLU B 45 12.38 -4.44 20.17
C GLU B 45 11.14 -5.25 19.73
N PRO B 46 11.00 -5.51 18.42
CA PRO B 46 9.81 -6.22 17.92
C PRO B 46 9.50 -7.49 18.70
N GLY B 47 10.45 -8.42 18.80
CA GLY B 47 10.23 -9.67 19.50
C GLY B 47 9.37 -10.67 18.74
N SER B 48 8.96 -11.73 19.44
CA SER B 48 8.13 -12.78 18.85
C SER B 48 6.62 -12.57 19.06
N SER B 49 5.85 -12.82 18.02
CA SER B 49 4.40 -12.79 18.15
C SER B 49 3.86 -14.19 18.46
N ALA B 50 4.75 -15.05 18.94
CA ALA B 50 4.38 -16.43 19.26
C ALA B 50 3.77 -16.49 20.65
N VAL B 51 2.72 -17.29 20.80
CA VAL B 51 2.11 -17.52 22.10
C VAL B 51 2.12 -19.00 22.46
N ARG B 52 2.70 -19.32 23.62
CA ARG B 52 2.71 -20.70 24.12
C ARG B 52 1.54 -20.94 25.07
N TYR B 53 0.80 -22.03 24.88
CA TYR B 53 -0.40 -22.26 25.70
C TYR B 53 -0.72 -23.74 25.93
N TRP B 54 -1.28 -24.04 27.10
CA TRP B 54 -1.65 -25.40 27.46
C TRP B 54 -2.78 -25.44 28.48
N SER B 55 -3.60 -26.49 28.43
CA SER B 55 -4.70 -26.62 29.37
C SER B 55 -4.16 -27.07 30.72
N GLU B 56 -4.89 -26.76 31.78
CA GLU B 56 -4.45 -27.11 33.13
C GLU B 56 -4.29 -28.61 33.25
N LYS B 57 -5.19 -29.35 32.62
CA LYS B 57 -5.15 -30.81 32.61
C LYS B 57 -4.06 -31.34 31.70
N ASN B 58 -4.44 -31.67 30.46
CA ASN B 58 -3.53 -32.12 29.41
C ASN B 58 -2.45 -31.08 29.11
N GLY B 59 -1.35 -31.14 29.85
CA GLY B 59 -0.34 -30.10 29.80
C GLY B 59 0.43 -29.95 28.50
N ARG B 60 -0.17 -30.39 27.39
CA ARG B 60 0.51 -30.31 26.11
C ARG B 60 0.66 -28.85 25.62
N LYS B 61 1.90 -28.37 25.62
CA LYS B 61 2.18 -26.99 25.27
C LYS B 61 2.23 -26.81 23.77
N ARG B 62 1.50 -25.80 23.29
CA ARG B 62 1.46 -25.50 21.86
C ARG B 62 1.85 -24.05 21.59
N ILE B 63 2.27 -23.81 20.35
CA ILE B 63 2.61 -22.47 19.92
C ILE B 63 1.58 -21.97 18.91
N ALA B 64 1.14 -20.74 19.09
CA ALA B 64 0.31 -20.09 18.08
C ALA B 64 1.09 -18.89 17.57
N LYS B 65 1.02 -18.65 16.27
CA LYS B 65 1.73 -17.53 15.66
C LYS B 65 0.80 -16.36 15.32
N GLY B 66 1.31 -15.14 15.47
CA GLY B 66 0.48 -13.97 15.26
C GLY B 66 1.17 -12.91 14.41
N LYS B 67 0.78 -11.65 14.60
CA LYS B 67 1.29 -10.57 13.79
C LYS B 67 1.76 -9.38 14.61
N MET B 68 2.81 -8.70 14.13
CA MET B 68 3.28 -7.49 14.79
C MET B 68 2.96 -6.27 13.93
N SER B 69 2.56 -5.17 14.56
CA SER B 69 2.37 -3.93 13.83
C SER B 69 2.81 -2.71 14.63
N THR B 70 2.99 -1.58 13.94
CA THR B 70 3.35 -0.33 14.59
C THR B 70 2.49 0.78 14.03
N TYR B 71 2.51 1.94 14.66
CA TYR B 71 1.84 3.09 14.08
C TYR B 71 2.49 4.38 14.59
N ARG B 72 2.20 5.48 13.90
CA ARG B 72 2.58 6.79 14.38
C ARG B 72 1.32 7.65 14.54
N PHE B 73 1.38 8.58 15.48
CA PHE B 73 0.34 9.57 15.63
C PHE B 73 1.03 10.88 15.95
N PHE B 74 1.02 11.80 14.99
CA PHE B 74 1.75 13.06 15.11
C PHE B 74 3.22 12.77 15.42
N ASN B 75 3.75 13.29 16.52
CA ASN B 75 5.14 13.05 16.88
C ASN B 75 5.36 11.82 17.80
N TYR B 76 4.29 11.07 18.06
CA TYR B 76 4.41 9.83 18.82
C TYR B 76 4.65 8.62 17.90
N SER B 77 5.56 7.74 18.31
CA SER B 77 5.79 6.46 17.64
C SER B 77 5.47 5.32 18.60
N SER B 78 4.65 4.37 18.16
CA SER B 78 4.25 3.29 19.04
C SER B 78 5.39 2.29 19.26
N GLY B 79 5.23 1.46 20.27
CA GLY B 79 6.06 0.29 20.40
C GLY B 79 5.55 -0.80 19.47
N PHE B 80 5.90 -2.04 19.77
CA PHE B 80 5.57 -3.12 18.88
C PHE B 80 4.37 -3.88 19.38
N ILE B 81 3.32 -3.83 18.57
CA ILE B 81 2.02 -4.36 18.92
C ILE B 81 1.83 -5.75 18.36
N HIS B 82 1.48 -6.69 19.24
CA HIS B 82 1.27 -8.07 18.85
C HIS B 82 -0.18 -8.49 19.02
N HIS B 83 -0.72 -9.12 17.99
CA HIS B 83 -2.03 -9.74 18.09
C HIS B 83 -1.89 -11.17 17.60
N THR B 84 -2.39 -12.10 18.40
CA THR B 84 -2.28 -13.51 18.10
C THR B 84 -3.56 -14.24 18.50
N THR B 85 -4.09 -15.04 17.60
CA THR B 85 -5.30 -15.79 17.89
C THR B 85 -5.03 -17.27 18.18
N ILE B 86 -5.45 -17.72 19.35
CA ILE B 86 -5.43 -19.12 19.74
C ILE B 86 -6.78 -19.75 19.35
N ARG B 87 -6.76 -20.90 18.68
CA ARG B 87 -8.00 -21.48 18.18
C ARG B 87 -8.27 -22.90 18.69
N LYS B 88 -9.47 -23.40 18.41
CA LYS B 88 -9.84 -24.78 18.70
C LYS B 88 -9.65 -25.15 20.17
N LEU B 89 -9.93 -24.21 21.06
CA LEU B 89 -9.83 -24.48 22.48
C LEU B 89 -10.98 -25.34 22.96
N LYS B 90 -10.78 -25.99 24.11
CA LYS B 90 -11.82 -26.75 24.78
C LYS B 90 -12.69 -25.84 25.64
N TYR B 91 -13.97 -26.16 25.70
CA TYR B 91 -14.92 -25.38 26.48
C TYR B 91 -14.71 -25.53 27.98
N ASN B 92 -14.98 -24.46 28.72
CA ASN B 92 -14.99 -24.50 30.17
C ASN B 92 -13.71 -25.09 30.75
N THR B 93 -12.57 -24.72 30.19
CA THR B 93 -11.33 -25.22 30.72
C THR B 93 -10.30 -24.10 30.93
N LYS B 94 -9.51 -24.23 31.98
CA LYS B 94 -8.47 -23.25 32.26
C LYS B 94 -7.25 -23.49 31.39
N TYR B 95 -6.74 -22.41 30.79
CA TYR B 95 -5.56 -22.47 29.94
C TYR B 95 -4.48 -21.56 30.48
N TYR B 96 -3.23 -21.98 30.32
CA TYR B 96 -2.13 -21.08 30.59
C TYR B 96 -1.59 -20.61 29.26
N TYR B 97 -1.11 -19.37 29.22
CA TYR B 97 -0.48 -18.90 28.01
C TYR B 97 0.68 -17.98 28.36
N GLU B 98 1.69 -17.98 27.51
CA GLU B 98 2.90 -17.21 27.79
C GLU B 98 3.22 -16.38 26.58
N VAL B 99 3.72 -15.17 26.84
CA VAL B 99 4.15 -14.25 25.81
C VAL B 99 5.55 -13.76 26.15
N GLY B 100 6.27 -13.26 25.14
CA GLY B 100 7.64 -12.78 25.33
C GLY B 100 8.60 -13.96 25.28
N LEU B 101 8.42 -14.83 24.30
CA LEU B 101 9.14 -16.10 24.25
C LEU B 101 10.64 -15.95 23.97
N ARG B 102 11.02 -14.89 23.27
CA ARG B 102 12.43 -14.70 22.91
C ARG B 102 13.32 -14.17 24.04
N ASN B 103 12.77 -13.37 24.94
CA ASN B 103 13.58 -12.77 25.99
C ASN B 103 12.96 -12.86 27.38
N THR B 104 12.00 -11.99 27.68
CA THR B 104 11.36 -12.01 29.01
C THR B 104 9.94 -12.53 28.92
N THR B 105 9.76 -13.77 29.35
CA THR B 105 8.49 -14.46 29.26
C THR B 105 7.61 -14.12 30.45
N ARG B 106 6.34 -13.81 30.17
CA ARG B 106 5.36 -13.59 31.21
C ARG B 106 4.21 -14.55 31.01
N ARG B 107 3.73 -15.13 32.10
CA ARG B 107 2.66 -16.11 32.05
C ARG B 107 1.34 -15.58 32.61
N PHE B 108 0.24 -15.94 31.95
CA PHE B 108 -1.08 -15.61 32.42
C PHE B 108 -1.99 -16.80 32.23
N SER B 109 -3.25 -16.63 32.59
CA SER B 109 -4.24 -17.69 32.35
C SER B 109 -5.63 -17.13 32.05
N PHE B 110 -6.45 -17.96 31.42
CA PHE B 110 -7.86 -17.63 31.23
C PHE B 110 -8.70 -18.89 31.27
N ILE B 111 -10.02 -18.73 31.35
CA ILE B 111 -10.91 -19.88 31.37
C ILE B 111 -11.94 -19.74 30.28
N THR B 112 -11.95 -20.69 29.35
CA THR B 112 -12.92 -20.66 28.25
C THR B 112 -14.34 -20.80 28.77
N PRO B 113 -15.26 -20.06 28.17
CA PRO B 113 -16.68 -20.13 28.59
C PRO B 113 -17.22 -21.51 28.28
N PRO B 114 -18.37 -21.88 28.87
CA PRO B 114 -18.97 -23.16 28.54
C PRO B 114 -19.54 -23.12 27.13
N GLN B 115 -19.68 -24.27 26.47
CA GLN B 115 -20.33 -24.32 25.16
C GLN B 115 -21.68 -23.62 25.26
N THR B 116 -22.13 -22.98 24.18
CA THR B 116 -23.39 -22.24 24.27
C THR B 116 -24.53 -23.20 24.50
N GLY B 117 -25.49 -22.77 25.31
CA GLY B 117 -26.63 -23.61 25.67
C GLY B 117 -27.70 -22.83 26.39
N LEU B 118 -28.92 -23.34 26.31
CA LEU B 118 -30.09 -22.66 26.81
C LEU B 118 -29.97 -22.10 28.24
N ASP B 119 -29.58 -22.95 29.20
CA ASP B 119 -29.56 -22.54 30.61
C ASP B 119 -28.17 -22.28 31.21
N VAL B 120 -27.14 -22.16 30.37
CA VAL B 120 -25.77 -21.95 30.85
C VAL B 120 -25.62 -20.63 31.61
N PRO B 121 -25.29 -20.70 32.93
CA PRO B 121 -25.10 -19.49 33.75
C PRO B 121 -23.85 -18.71 33.37
N TYR B 122 -23.87 -17.40 33.54
CA TYR B 122 -22.69 -16.61 33.22
C TYR B 122 -22.80 -15.19 33.74
N THR B 123 -21.69 -14.71 34.29
CA THR B 123 -21.63 -13.37 34.88
C THR B 123 -20.81 -12.41 34.01
N PHE B 124 -21.44 -11.35 33.51
CA PHE B 124 -20.77 -10.33 32.73
C PHE B 124 -20.64 -9.05 33.56
N GLY B 125 -19.45 -8.48 33.60
CA GLY B 125 -19.27 -7.16 34.17
C GLY B 125 -19.66 -6.10 33.14
N LEU B 126 -20.27 -5.01 33.59
CA LEU B 126 -20.47 -3.85 32.74
C LEU B 126 -19.67 -2.64 33.21
N ILE B 127 -18.80 -2.16 32.32
CA ILE B 127 -17.93 -1.04 32.59
C ILE B 127 -17.92 -0.13 31.35
N GLY B 128 -18.11 1.16 31.56
CA GLY B 128 -18.11 2.11 30.46
C GLY B 128 -17.38 3.39 30.86
N ASP B 129 -16.65 3.99 29.93
CA ASP B 129 -15.97 5.25 30.20
C ASP B 129 -15.01 5.12 31.40
N LEU B 130 -14.10 4.17 31.31
CA LEU B 130 -13.18 3.90 32.41
C LEU B 130 -12.17 5.04 32.66
N GLY B 131 -11.42 5.44 31.63
CA GLY B 131 -10.39 6.45 31.82
C GLY B 131 -9.25 5.94 32.68
N GLN B 132 -8.46 6.86 33.23
CA GLN B 132 -7.36 6.50 34.13
C GLN B 132 -7.21 7.46 35.30
N SER B 133 -8.34 7.82 35.90
CA SER B 133 -8.37 8.65 37.08
C SER B 133 -8.37 7.72 38.30
N PHE B 134 -8.26 8.33 39.48
CA PHE B 134 -8.33 7.56 40.73
C PHE B 134 -9.68 6.83 40.83
N ASP B 135 -10.74 7.54 40.43
CA ASP B 135 -12.07 6.93 40.40
C ASP B 135 -12.04 5.67 39.53
N SER B 136 -11.38 5.75 38.36
CA SER B 136 -11.26 4.60 37.48
C SER B 136 -10.66 3.41 38.22
N ASN B 137 -9.58 3.63 38.94
CA ASN B 137 -8.93 2.58 39.71
C ASN B 137 -9.85 1.93 40.75
N THR B 138 -10.55 2.76 41.53
CA THR B 138 -11.48 2.26 42.52
C THR B 138 -12.52 1.34 41.85
N THR B 139 -13.04 1.78 40.72
CA THR B 139 -14.05 1.00 39.99
C THR B 139 -13.55 -0.37 39.60
N LEU B 140 -12.33 -0.43 39.06
CA LEU B 140 -11.74 -1.71 38.69
C LEU B 140 -11.50 -2.59 39.92
N SER B 141 -10.95 -1.99 40.98
N SER B 141 -11.00 -1.97 40.99
CA SER B 141 -10.86 -2.69 42.26
CA SER B 141 -10.88 -2.65 42.27
C SER B 141 -12.23 -3.32 42.61
C SER B 141 -12.21 -3.29 42.67
N HIS B 142 -13.29 -2.53 42.57
CA HIS B 142 -14.61 -3.04 42.90
C HIS B 142 -15.00 -4.22 42.02
N TYR B 143 -14.76 -4.10 40.71
CA TYR B 143 -15.09 -5.19 39.82
C TYR B 143 -14.34 -6.47 40.22
N GLU B 144 -13.07 -6.30 40.55
CA GLU B 144 -12.20 -7.41 40.89
C GLU B 144 -12.68 -8.16 42.12
N LEU B 145 -13.08 -7.41 43.14
CA LEU B 145 -13.47 -7.97 44.43
C LEU B 145 -14.95 -8.35 44.53
N SER B 146 -15.71 -8.13 43.47
CA SER B 146 -17.13 -8.48 43.50
C SER B 146 -17.35 -9.95 43.86
N PRO B 147 -18.27 -10.22 44.79
CA PRO B 147 -18.54 -11.62 45.16
C PRO B 147 -19.21 -12.42 44.05
N LYS B 148 -19.83 -11.74 43.09
CA LYS B 148 -20.49 -12.43 41.98
C LYS B 148 -19.49 -12.95 40.96
N LYS B 149 -18.26 -12.47 41.07
CA LYS B 149 -17.14 -12.88 40.21
C LYS B 149 -17.43 -12.81 38.70
N GLY B 150 -17.22 -11.65 38.11
CA GLY B 150 -17.38 -11.49 36.68
C GLY B 150 -16.41 -12.35 35.92
N GLN B 151 -16.89 -12.95 34.83
CA GLN B 151 -16.06 -13.85 34.04
C GLN B 151 -15.74 -13.24 32.69
N THR B 152 -16.42 -12.16 32.36
CA THR B 152 -16.18 -11.42 31.11
C THR B 152 -16.70 -9.99 31.26
N VAL B 153 -15.94 -9.02 30.78
CA VAL B 153 -16.41 -7.63 30.81
C VAL B 153 -17.00 -7.19 29.47
N LEU B 154 -18.20 -6.62 29.52
CA LEU B 154 -18.78 -5.96 28.35
C LEU B 154 -18.44 -4.48 28.49
N PHE B 155 -17.62 -3.98 27.58
CA PHE B 155 -17.08 -2.63 27.70
C PHE B 155 -17.72 -1.70 26.68
N VAL B 156 -18.51 -0.74 27.14
CA VAL B 156 -19.33 0.09 26.24
C VAL B 156 -18.67 1.37 25.71
N GLY B 157 -17.34 1.46 25.78
CA GLY B 157 -16.62 2.51 25.06
C GLY B 157 -16.07 3.64 25.90
N ASP B 158 -15.14 4.39 25.31
CA ASP B 158 -14.35 5.40 26.01
C ASP B 158 -13.33 4.75 26.95
N LEU B 159 -12.22 4.32 26.36
CA LEU B 159 -11.20 3.55 27.07
C LEU B 159 -10.24 4.40 27.92
N SER B 160 -9.23 4.98 27.28
CA SER B 160 -8.12 5.64 27.96
C SER B 160 -8.28 7.15 28.15
N TYR B 161 -9.05 7.80 27.28
CA TYR B 161 -9.15 9.25 27.29
C TYR B 161 -7.82 9.91 26.98
N ALA B 162 -6.99 9.24 26.17
CA ALA B 162 -5.71 9.80 25.78
C ALA B 162 -5.90 11.06 24.96
N ASP B 163 -7.03 11.14 24.27
CA ASP B 163 -7.26 12.27 23.38
C ASP B 163 -7.51 13.61 24.07
N ARG B 164 -7.59 13.60 25.41
CA ARG B 164 -7.71 14.83 26.20
C ARG B 164 -6.34 15.45 26.50
N TYR B 165 -5.28 14.74 26.15
CA TYR B 165 -3.92 15.22 26.35
C TYR B 165 -3.44 15.98 25.13
N PRO B 166 -2.37 16.77 25.28
CA PRO B 166 -1.79 17.53 24.16
C PRO B 166 -1.40 16.59 23.02
N ASN B 167 -1.85 16.89 21.80
CA ASN B 167 -1.65 16.01 20.66
C ASN B 167 -2.12 14.57 20.93
N HIS B 168 -3.14 14.43 21.77
CA HIS B 168 -3.65 13.12 22.18
C HIS B 168 -2.58 12.23 22.81
N ASP B 169 -1.56 12.84 23.43
CA ASP B 169 -0.41 12.09 23.93
C ASP B 169 -0.64 10.58 24.10
N ASN B 170 -0.31 9.81 23.05
CA ASN B 170 -0.57 8.36 23.03
C ASN B 170 0.16 7.55 24.08
N VAL B 171 1.12 8.17 24.74
CA VAL B 171 1.70 7.56 25.93
C VAL B 171 0.57 7.17 26.89
N ARG B 172 -0.51 7.95 26.88
CA ARG B 172 -1.62 7.66 27.78
C ARG B 172 -2.50 6.48 27.32
N TRP B 173 -2.27 6.00 26.10
CA TRP B 173 -2.81 4.70 25.71
C TRP B 173 -2.00 3.59 26.38
N ASP B 174 -0.68 3.77 26.42
CA ASP B 174 0.22 2.78 27.01
C ASP B 174 -0.03 2.64 28.52
N THR B 175 -0.17 3.76 29.20
CA THR B 175 -0.44 3.71 30.63
C THR B 175 -1.73 2.91 30.85
N TRP B 176 -2.76 3.23 30.08
CA TRP B 176 -4.07 2.61 30.28
C TRP B 176 -4.00 1.09 30.08
N GLY B 177 -3.16 0.67 29.14
CA GLY B 177 -3.00 -0.74 28.83
C GLY B 177 -2.34 -1.45 29.99
N ARG B 178 -1.34 -0.81 30.59
CA ARG B 178 -0.60 -1.38 31.71
C ARG B 178 -1.50 -1.46 32.93
N PHE B 179 -2.34 -0.45 33.06
CA PHE B 179 -3.29 -0.33 34.16
C PHE B 179 -4.35 -1.41 34.14
N THR B 180 -4.93 -1.68 32.97
CA THR B 180 -6.08 -2.58 32.89
C THR B 180 -5.65 -4.04 32.80
N GLU B 181 -4.38 -4.26 32.49
CA GLU B 181 -3.83 -5.61 32.36
C GLU B 181 -4.28 -6.53 33.51
N ARG B 182 -4.20 -6.03 34.73
CA ARG B 182 -4.52 -6.85 35.90
C ARG B 182 -5.89 -7.51 35.83
N SER B 183 -6.75 -7.04 34.93
CA SER B 183 -8.04 -7.67 34.68
C SER B 183 -8.14 -8.36 33.29
N VAL B 184 -7.78 -7.61 32.25
CA VAL B 184 -8.02 -8.08 30.87
C VAL B 184 -6.96 -9.06 30.33
N ALA B 185 -5.88 -9.25 31.08
CA ALA B 185 -4.95 -10.34 30.76
C ALA B 185 -5.53 -11.70 31.16
N TYR B 186 -6.50 -11.69 32.08
CA TYR B 186 -7.04 -12.94 32.60
C TYR B 186 -8.47 -13.26 32.19
N GLN B 187 -9.21 -12.24 31.77
CA GLN B 187 -10.56 -12.47 31.24
C GLN B 187 -10.78 -11.51 30.09
N PRO B 188 -11.54 -11.93 29.08
CA PRO B 188 -11.75 -11.09 27.89
C PRO B 188 -12.57 -9.87 28.26
N TRP B 189 -12.23 -8.71 27.68
CA TRP B 189 -13.13 -7.56 27.66
C TRP B 189 -13.71 -7.45 26.25
N ILE B 190 -15.01 -7.20 26.15
CA ILE B 190 -15.65 -7.09 24.83
C ILE B 190 -15.80 -5.61 24.41
N TRP B 191 -15.02 -5.21 23.41
CA TRP B 191 -14.80 -3.79 23.13
C TRP B 191 -15.85 -3.15 22.25
N THR B 192 -16.30 -1.97 22.67
CA THR B 192 -17.20 -1.13 21.89
C THR B 192 -16.50 0.21 21.68
N ALA B 193 -16.61 0.78 20.48
CA ALA B 193 -15.94 2.03 20.15
C ALA B 193 -16.74 3.26 20.58
N GLY B 194 -16.17 4.07 21.49
CA GLY B 194 -16.79 5.31 21.93
C GLY B 194 -16.24 6.54 21.24
N ASN B 195 -16.65 7.73 21.67
CA ASN B 195 -16.25 8.94 20.94
C ASN B 195 -14.82 9.37 21.20
N HIS B 196 -14.30 9.02 22.37
CA HIS B 196 -12.90 9.30 22.69
C HIS B 196 -11.95 8.42 21.90
N GLU B 197 -12.52 7.41 21.22
CA GLU B 197 -11.73 6.54 20.35
C GLU B 197 -11.64 7.08 18.91
N ILE B 198 -12.52 8.02 18.57
CA ILE B 198 -12.57 8.54 17.22
C ILE B 198 -11.23 9.17 16.83
N GLU B 199 -10.75 10.05 17.71
CA GLU B 199 -9.45 10.72 17.54
C GLU B 199 -9.25 11.37 16.17
N PHE B 200 -10.29 12.04 15.69
CA PHE B 200 -10.22 12.81 14.47
C PHE B 200 -9.55 14.13 14.76
N ALA B 201 -8.33 14.31 14.26
CA ALA B 201 -7.55 15.50 14.54
C ALA B 201 -6.89 16.05 13.27
N PRO B 202 -7.68 16.63 12.35
CA PRO B 202 -7.16 17.23 11.12
C PRO B 202 -6.10 18.28 11.41
N GLU B 203 -6.19 18.94 12.56
CA GLU B 203 -5.27 20.04 12.84
C GLU B 203 -3.82 19.57 12.91
N ILE B 204 -3.61 18.33 13.36
CA ILE B 204 -2.26 17.76 13.37
C ILE B 204 -2.15 16.62 12.35
N ASN B 205 -2.89 16.73 11.26
CA ASN B 205 -2.93 15.75 10.18
C ASN B 205 -3.08 14.28 10.61
N GLU B 206 -3.98 14.06 11.56
CA GLU B 206 -4.40 12.71 11.90
C GLU B 206 -5.88 12.61 11.60
N THR B 207 -6.20 12.12 10.40
CA THR B 207 -7.57 12.14 9.92
C THR B 207 -8.24 10.77 9.78
N GLU B 208 -7.60 9.72 10.25
CA GLU B 208 -8.16 8.37 10.14
C GLU B 208 -8.89 7.95 11.42
N PRO B 209 -10.23 7.96 11.40
CA PRO B 209 -10.98 7.70 12.65
C PRO B 209 -10.64 6.36 13.29
N PHE B 210 -10.47 6.38 14.62
CA PHE B 210 -10.27 5.18 15.42
C PHE B 210 -8.87 4.58 15.26
N LYS B 211 -7.94 5.32 14.64
CA LYS B 211 -6.61 4.78 14.35
C LYS B 211 -5.90 4.12 15.56
N PRO B 212 -5.61 4.89 16.61
CA PRO B 212 -4.86 4.26 17.72
C PRO B 212 -5.65 3.09 18.29
N PHE B 213 -6.91 3.33 18.62
CA PHE B 213 -7.76 2.28 19.16
C PHE B 213 -7.73 1.02 18.31
N SER B 214 -7.94 1.19 17.01
CA SER B 214 -8.05 0.05 16.10
C SER B 214 -6.74 -0.74 15.98
N TYR B 215 -5.60 -0.08 16.13
CA TYR B 215 -4.34 -0.81 16.16
C TYR B 215 -4.18 -1.63 17.43
N ARG B 216 -4.57 -1.06 18.56
CA ARG B 216 -4.31 -1.66 19.87
C ARG B 216 -5.34 -2.73 20.26
N TYR B 217 -6.58 -2.54 19.87
CA TYR B 217 -7.64 -3.45 20.29
C TYR B 217 -8.33 -4.09 19.11
N HIS B 218 -8.02 -5.37 18.89
CA HIS B 218 -8.60 -6.13 17.78
C HIS B 218 -9.85 -6.85 18.23
N VAL B 219 -10.76 -7.10 17.28
CA VAL B 219 -12.01 -7.78 17.57
C VAL B 219 -12.27 -8.78 16.45
N PRO B 220 -13.02 -9.85 16.74
CA PRO B 220 -13.23 -10.96 15.80
C PRO B 220 -14.38 -10.69 14.84
N TYR B 221 -14.34 -9.56 14.14
CA TYR B 221 -15.49 -9.10 13.38
C TYR B 221 -15.81 -9.93 12.14
N GLU B 222 -14.79 -10.54 11.52
CA GLU B 222 -15.07 -11.36 10.35
C GLU B 222 -15.83 -12.63 10.74
N ALA B 223 -15.68 -13.07 12.00
CA ALA B 223 -16.40 -14.26 12.46
C ALA B 223 -17.94 -14.13 12.31
N SER B 224 -18.44 -12.90 12.29
CA SER B 224 -19.88 -12.70 12.10
C SER B 224 -20.14 -12.02 10.76
N GLN B 225 -19.19 -12.18 9.84
CA GLN B 225 -19.29 -11.62 8.50
C GLN B 225 -19.52 -10.11 8.49
N SER B 226 -18.97 -9.43 9.49
CA SER B 226 -18.93 -7.97 9.45
C SER B 226 -17.73 -7.57 8.62
N THR B 227 -17.81 -6.41 7.99
CA THR B 227 -16.69 -5.91 7.21
C THR B 227 -15.90 -4.84 7.95
N SER B 228 -16.25 -4.59 9.22
CA SER B 228 -15.55 -3.56 9.99
C SER B 228 -15.40 -4.00 11.43
N PRO B 229 -14.26 -3.63 12.04
CA PRO B 229 -14.05 -3.94 13.47
C PRO B 229 -15.08 -3.25 14.38
N PHE B 230 -15.73 -2.19 13.91
CA PHE B 230 -16.52 -1.33 14.81
C PHE B 230 -17.95 -1.80 15.03
N TRP B 231 -18.36 -2.82 14.28
CA TRP B 231 -19.62 -3.50 14.58
C TRP B 231 -19.40 -4.99 14.36
N TYR B 232 -19.88 -5.81 15.28
CA TYR B 232 -19.68 -7.25 15.19
C TYR B 232 -20.49 -7.93 16.26
N SER B 233 -20.48 -9.26 16.21
CA SER B 233 -21.31 -10.04 17.09
C SER B 233 -20.49 -11.21 17.65
N ILE B 234 -20.74 -11.58 18.90
CA ILE B 234 -20.18 -12.81 19.43
C ILE B 234 -21.27 -13.55 20.18
N LYS B 235 -21.06 -14.85 20.36
CA LYS B 235 -21.86 -15.62 21.30
C LYS B 235 -20.96 -16.12 22.42
N ARG B 236 -21.45 -16.02 23.65
CA ARG B 236 -20.73 -16.53 24.80
C ARG B 236 -21.75 -17.12 25.76
N ALA B 237 -21.55 -18.40 26.10
CA ALA B 237 -22.49 -19.14 26.94
C ALA B 237 -23.93 -19.06 26.40
N SER B 238 -24.85 -18.50 27.16
CA SER B 238 -26.26 -18.44 26.74
C SER B 238 -26.66 -17.10 26.12
N ALA B 239 -25.67 -16.26 25.83
CA ALA B 239 -25.93 -14.91 25.35
C ALA B 239 -25.47 -14.69 23.90
N HIS B 240 -26.29 -14.00 23.12
CA HIS B 240 -25.90 -13.53 21.79
C HIS B 240 -25.70 -12.02 21.90
N ILE B 241 -24.46 -11.56 21.74
CA ILE B 241 -24.11 -10.16 21.97
C ILE B 241 -23.81 -9.36 20.68
N ILE B 242 -24.48 -8.25 20.51
CA ILE B 242 -24.30 -7.44 19.32
C ILE B 242 -23.62 -6.13 19.63
N VAL B 243 -22.49 -5.86 18.99
CA VAL B 243 -21.77 -4.61 19.24
C VAL B 243 -21.93 -3.61 18.09
N LEU B 244 -22.35 -2.38 18.42
CA LEU B 244 -22.64 -1.36 17.40
C LEU B 244 -21.72 -0.13 17.50
N SER B 245 -21.63 0.64 16.43
CA SER B 245 -20.73 1.80 16.39
C SER B 245 -21.49 3.11 16.24
N SER B 246 -21.60 3.85 17.36
CA SER B 246 -22.35 5.10 17.39
C SER B 246 -21.78 6.14 16.42
N TYR B 247 -20.49 6.03 16.15
CA TYR B 247 -19.79 7.02 15.34
C TYR B 247 -19.32 6.46 13.99
N SER B 248 -19.97 5.40 13.54
CA SER B 248 -19.86 4.98 12.14
C SER B 248 -21.20 5.24 11.42
N ALA B 249 -21.22 5.11 10.09
CA ALA B 249 -22.45 5.27 9.33
C ALA B 249 -23.49 4.24 9.71
N TYR B 250 -24.76 4.64 9.70
CA TYR B 250 -25.83 3.68 9.92
C TYR B 250 -27.09 4.08 9.17
N GLY B 251 -26.92 4.85 8.10
CA GLY B 251 -28.02 5.14 7.20
C GLY B 251 -28.50 3.89 6.47
N ARG B 252 -29.73 3.93 5.98
CA ARG B 252 -30.26 2.83 5.20
C ARG B 252 -29.32 2.51 4.05
N GLY B 253 -28.89 1.26 3.95
CA GLY B 253 -28.05 0.83 2.85
C GLY B 253 -26.55 0.83 3.12
N THR B 254 -26.15 1.38 4.26
CA THR B 254 -24.74 1.38 4.65
C THR B 254 -24.31 0.00 5.16
N PRO B 255 -23.01 -0.26 5.18
CA PRO B 255 -22.51 -1.51 5.76
C PRO B 255 -23.08 -1.82 7.15
N GLN B 256 -22.99 -0.92 8.12
CA GLN B 256 -23.46 -1.23 9.47
C GLN B 256 -24.96 -1.54 9.49
N TYR B 257 -25.73 -0.68 8.83
CA TYR B 257 -27.18 -0.87 8.76
C TYR B 257 -27.48 -2.24 8.15
N THR B 258 -26.78 -2.57 7.07
CA THR B 258 -26.99 -3.82 6.35
C THR B 258 -26.60 -5.01 7.23
N TRP B 259 -25.40 -4.95 7.81
CA TRP B 259 -24.95 -6.03 8.65
C TRP B 259 -25.92 -6.29 9.80
N LEU B 260 -26.38 -5.22 10.46
CA LEU B 260 -27.25 -5.38 11.63
C LEU B 260 -28.56 -6.05 11.25
N LYS B 261 -29.15 -5.58 10.15
CA LYS B 261 -30.41 -6.13 9.69
C LYS B 261 -30.30 -7.64 9.46
N LYS B 262 -29.24 -8.08 8.79
CA LYS B 262 -29.01 -9.49 8.56
C LYS B 262 -28.74 -10.20 9.87
N GLU B 263 -27.93 -9.57 10.73
CA GLU B 263 -27.53 -10.21 11.98
C GLU B 263 -28.74 -10.54 12.88
N LEU B 264 -29.67 -9.61 12.98
CA LEU B 264 -30.83 -9.81 13.85
C LEU B 264 -31.60 -11.03 13.39
N ARG B 265 -31.66 -11.23 12.08
CA ARG B 265 -32.34 -12.38 11.52
C ARG B 265 -31.65 -13.72 11.87
N LYS B 266 -30.34 -13.69 12.05
CA LYS B 266 -29.61 -14.92 12.38
C LYS B 266 -29.84 -15.35 13.82
N VAL B 267 -30.23 -14.43 14.68
CA VAL B 267 -30.40 -14.74 16.09
C VAL B 267 -31.42 -15.87 16.27
N LYS B 268 -31.00 -16.90 17.00
CA LYS B 268 -31.91 -17.97 17.39
C LYS B 268 -32.05 -17.98 18.90
N ARG B 269 -33.21 -17.56 19.40
CA ARG B 269 -33.42 -17.45 20.84
C ARG B 269 -33.60 -18.83 21.47
N SER B 270 -33.86 -19.82 20.64
CA SER B 270 -33.99 -21.20 21.10
C SER B 270 -32.61 -21.78 21.41
N GLU B 271 -31.55 -21.06 21.03
CA GLU B 271 -30.19 -21.50 21.29
C GLU B 271 -29.45 -20.56 22.25
N THR B 272 -29.44 -19.26 21.91
CA THR B 272 -29.00 -18.22 22.85
C THR B 272 -30.19 -17.35 23.28
N PRO B 273 -30.76 -17.62 24.45
CA PRO B 273 -31.95 -16.91 24.95
C PRO B 273 -31.73 -15.41 25.17
N TRP B 274 -30.53 -15.03 25.57
CA TRP B 274 -30.28 -13.66 25.96
C TRP B 274 -29.68 -12.82 24.84
N LEU B 275 -30.44 -11.83 24.40
CA LEU B 275 -30.02 -10.93 23.34
C LEU B 275 -29.58 -9.61 23.94
N ILE B 276 -28.30 -9.28 23.73
CA ILE B 276 -27.71 -8.08 24.31
C ILE B 276 -27.07 -7.19 23.25
N VAL B 277 -27.40 -5.92 23.28
CA VAL B 277 -26.77 -4.94 22.39
C VAL B 277 -25.84 -4.01 23.14
N LEU B 278 -24.65 -3.78 22.59
CA LEU B 278 -23.76 -2.75 23.15
C LEU B 278 -23.61 -1.62 22.14
N MET B 279 -23.56 -0.40 22.65
CA MET B 279 -23.31 0.80 21.85
C MET B 279 -22.82 1.82 22.83
N HIS B 280 -22.14 2.86 22.34
CA HIS B 280 -21.61 3.87 23.25
C HIS B 280 -22.66 4.88 23.69
N SER B 281 -23.35 5.46 22.72
CA SER B 281 -24.27 6.57 22.95
C SER B 281 -25.69 6.05 23.18
N PRO B 282 -26.25 6.35 24.36
CA PRO B 282 -27.54 5.81 24.85
C PRO B 282 -28.75 6.35 24.09
N LEU B 283 -29.66 5.46 23.72
CA LEU B 283 -30.88 5.84 23.01
C LEU B 283 -31.88 6.46 23.98
N TYR B 284 -31.90 5.96 25.20
CA TYR B 284 -32.71 6.56 26.23
C TYR B 284 -31.79 7.13 27.27
N ASN B 285 -31.91 8.43 27.50
CA ASN B 285 -31.00 9.13 28.40
C ASN B 285 -31.65 10.42 28.92
N SER B 286 -31.95 10.46 30.21
CA SER B 286 -32.68 11.60 30.78
C SER B 286 -31.79 12.61 31.53
N TYR B 287 -30.47 12.51 31.33
CA TYR B 287 -29.48 13.47 31.84
C TYR B 287 -29.23 14.62 30.86
N ASN B 288 -28.84 15.78 31.37
CA ASN B 288 -28.60 16.90 30.46
C ASN B 288 -27.40 16.71 29.54
N HIS B 289 -26.30 16.24 30.10
CA HIS B 289 -25.10 15.96 29.32
C HIS B 289 -25.42 14.96 28.20
N HIS B 290 -25.19 15.38 26.95
CA HIS B 290 -25.48 14.57 25.77
C HIS B 290 -26.96 14.24 25.61
N PHE B 291 -27.84 15.08 26.15
CA PHE B 291 -29.27 14.85 26.00
C PHE B 291 -29.64 14.75 24.51
N MET B 292 -30.32 13.66 24.17
CA MET B 292 -30.84 13.40 22.82
C MET B 292 -29.79 13.13 21.74
N GLU B 293 -28.51 13.02 22.10
CA GLU B 293 -27.53 12.66 21.08
C GLU B 293 -27.89 11.32 20.44
N GLY B 294 -28.58 10.48 21.21
CA GLY B 294 -28.96 9.15 20.76
C GLY B 294 -30.15 9.07 19.81
N GLU B 295 -30.74 10.20 19.43
CA GLU B 295 -31.94 10.19 18.62
C GLU B 295 -31.75 9.61 17.20
N ALA B 296 -30.71 10.05 16.51
CA ALA B 296 -30.48 9.61 15.14
C ALA B 296 -30.49 8.09 15.05
N MET B 297 -29.68 7.43 15.88
CA MET B 297 -29.62 5.97 15.87
C MET B 297 -30.94 5.35 16.31
N ARG B 298 -31.55 5.93 17.33
CA ARG B 298 -32.88 5.47 17.77
C ARG B 298 -33.84 5.42 16.57
N THR B 299 -33.87 6.48 15.76
CA THR B 299 -34.79 6.48 14.62
C THR B 299 -34.54 5.27 13.72
N LYS B 300 -33.27 4.90 13.54
CA LYS B 300 -32.91 3.76 12.69
C LYS B 300 -33.18 2.38 13.33
N PHE B 301 -32.82 2.20 14.60
CA PHE B 301 -32.70 0.85 15.16
C PHE B 301 -33.75 0.46 16.22
N GLU B 302 -34.42 1.45 16.81
CA GLU B 302 -35.35 1.16 17.90
C GLU B 302 -36.41 0.13 17.52
N ALA B 303 -37.08 0.36 16.39
CA ALA B 303 -38.15 -0.54 15.97
C ALA B 303 -37.63 -1.97 15.77
N TRP B 304 -36.37 -2.11 15.35
CA TRP B 304 -35.73 -3.41 15.18
C TRP B 304 -35.52 -4.10 16.53
N PHE B 305 -35.03 -3.36 17.52
CA PHE B 305 -34.85 -3.90 18.87
C PHE B 305 -36.20 -4.37 19.46
N VAL B 306 -37.28 -3.64 19.20
CA VAL B 306 -38.59 -4.06 19.70
C VAL B 306 -39.02 -5.32 18.95
N LYS B 307 -38.87 -5.29 17.63
CA LYS B 307 -39.27 -6.41 16.80
C LYS B 307 -38.59 -7.71 17.20
N TYR B 308 -37.29 -7.66 17.47
CA TYR B 308 -36.55 -8.87 17.81
C TYR B 308 -36.47 -9.11 19.32
N LYS B 309 -37.20 -8.30 20.06
CA LYS B 309 -37.30 -8.48 21.50
C LYS B 309 -35.96 -8.57 22.16
N VAL B 310 -35.12 -7.57 21.91
CA VAL B 310 -33.83 -7.43 22.59
C VAL B 310 -34.08 -7.37 24.09
N ASP B 311 -33.30 -8.12 24.87
CA ASP B 311 -33.46 -8.12 26.33
C ASP B 311 -33.01 -6.83 26.99
N VAL B 312 -31.78 -6.41 26.69
CA VAL B 312 -31.21 -5.23 27.31
C VAL B 312 -30.23 -4.55 26.34
N VAL B 313 -30.21 -3.22 26.40
CA VAL B 313 -29.21 -2.43 25.65
C VAL B 313 -28.34 -1.65 26.63
N PHE B 314 -27.03 -1.84 26.55
CA PHE B 314 -26.11 -1.12 27.43
C PHE B 314 -25.35 -0.05 26.68
N ALA B 315 -25.14 1.09 27.33
CA ALA B 315 -24.39 2.17 26.71
C ALA B 315 -23.66 2.90 27.80
N GLY B 316 -22.69 3.73 27.40
CA GLY B 316 -22.01 4.61 28.34
C GLY B 316 -22.20 6.07 27.95
N HIS B 317 -21.08 6.76 27.70
CA HIS B 317 -21.08 8.13 27.18
C HIS B 317 -21.51 9.15 28.24
N VAL B 318 -22.65 8.89 28.86
CA VAL B 318 -23.11 9.69 29.98
C VAL B 318 -22.41 9.20 31.25
N HIS B 319 -21.70 10.10 31.92
CA HIS B 319 -20.92 9.72 33.10
C HIS B 319 -21.78 9.60 34.37
N ALA B 320 -22.67 8.62 34.35
CA ALA B 320 -23.61 8.36 35.44
C ALA B 320 -24.28 7.01 35.21
N TYR B 321 -25.30 6.74 36.00
CA TYR B 321 -26.05 5.49 35.86
C TYR B 321 -27.54 5.73 35.63
N GLU B 322 -28.13 4.94 34.74
CA GLU B 322 -29.57 5.04 34.49
C GLU B 322 -30.16 3.73 34.01
N ARG B 323 -31.36 3.41 34.48
CA ARG B 323 -32.06 2.21 34.04
C ARG B 323 -33.47 2.60 33.64
N SER B 324 -33.86 2.27 32.41
CA SER B 324 -35.18 2.65 31.93
C SER B 324 -36.21 1.56 32.25
N GLU B 325 -37.47 1.90 32.01
CA GLU B 325 -38.55 0.91 31.98
C GLU B 325 -38.53 0.36 30.57
N ARG B 326 -39.23 -0.74 30.33
CA ARG B 326 -39.45 -1.20 28.96
C ARG B 326 -40.47 -0.29 28.28
N VAL B 327 -39.96 0.53 27.37
CA VAL B 327 -40.79 1.46 26.62
C VAL B 327 -40.32 1.52 25.17
N SER B 328 -41.20 1.99 24.30
CA SER B 328 -40.85 2.21 22.91
C SER B 328 -41.38 3.57 22.48
N ASN B 329 -40.73 4.15 21.47
CA ASN B 329 -41.16 5.40 20.87
C ASN B 329 -41.10 5.27 19.35
N ILE B 330 -41.95 4.40 18.80
CA ILE B 330 -41.83 3.97 17.40
C ILE B 330 -43.08 4.20 16.54
N ALA B 331 -44.02 5.00 17.02
CA ALA B 331 -45.25 5.24 16.25
C ALA B 331 -45.33 6.65 15.64
N TYR B 332 -44.23 7.37 15.67
CA TYR B 332 -44.21 8.76 15.22
C TYR B 332 -44.27 8.88 13.69
N LYS B 333 -45.10 9.78 13.18
CA LYS B 333 -45.25 9.98 11.74
C LYS B 333 -45.26 11.45 11.40
N ILE B 334 -44.44 12.22 12.12
CA ILE B 334 -44.23 13.63 11.84
C ILE B 334 -45.40 14.52 12.27
N THR B 335 -46.63 14.16 11.86
CA THR B 335 -47.78 15.03 12.10
C THR B 335 -48.85 14.40 12.99
N ASN B 336 -48.58 13.20 13.50
CA ASN B 336 -49.61 12.44 14.21
C ASN B 336 -49.62 12.63 15.72
N GLY B 337 -48.66 13.40 16.24
CA GLY B 337 -48.62 13.72 17.66
C GLY B 337 -48.24 12.55 18.56
N LEU B 338 -47.69 11.49 17.97
CA LEU B 338 -47.36 10.31 18.77
C LEU B 338 -45.86 10.23 19.00
N CYS B 339 -45.39 11.04 19.94
CA CYS B 339 -43.95 11.28 20.13
C CYS B 339 -43.54 11.07 21.59
N THR B 340 -44.38 10.37 22.34
CA THR B 340 -44.13 10.08 23.74
C THR B 340 -43.82 8.59 23.97
N PRO B 341 -42.70 8.29 24.66
CA PRO B 341 -42.46 6.86 24.87
C PRO B 341 -43.62 6.26 25.67
N VAL B 342 -43.96 5.00 25.38
CA VAL B 342 -45.00 4.31 26.13
C VAL B 342 -44.50 2.97 26.63
N LYS B 343 -45.02 2.52 27.76
CA LYS B 343 -44.69 1.19 28.24
C LYS B 343 -44.80 0.21 27.08
N ASP B 344 -43.85 -0.72 27.01
CA ASP B 344 -43.84 -1.69 25.93
C ASP B 344 -43.07 -2.95 26.32
N GLN B 345 -43.81 -4.02 26.59
CA GLN B 345 -43.23 -5.26 27.09
C GLN B 345 -42.38 -5.99 26.04
N SER B 346 -42.44 -5.53 24.80
CA SER B 346 -41.59 -6.09 23.76
C SER B 346 -40.23 -5.40 23.69
N ALA B 347 -40.09 -4.31 24.42
CA ALA B 347 -38.90 -3.48 24.30
C ALA B 347 -37.85 -3.91 25.28
N PRO B 348 -36.58 -3.62 24.97
CA PRO B 348 -35.47 -3.86 25.91
C PRO B 348 -35.46 -2.85 27.05
N VAL B 349 -34.82 -3.20 28.15
CA VAL B 349 -34.46 -2.19 29.13
C VAL B 349 -33.21 -1.49 28.59
N TYR B 350 -33.19 -0.17 28.65
CA TYR B 350 -31.99 0.59 28.30
C TYR B 350 -31.24 1.00 29.56
N ILE B 351 -29.96 0.65 29.60
CA ILE B 351 -29.14 0.94 30.75
C ILE B 351 -27.92 1.77 30.37
N THR B 352 -27.79 2.93 31.00
CA THR B 352 -26.59 3.72 30.89
C THR B 352 -25.65 3.34 32.01
N ILE B 353 -24.44 2.91 31.64
CA ILE B 353 -23.46 2.48 32.63
C ILE B 353 -22.08 3.12 32.42
N GLY B 354 -22.07 4.37 31.97
CA GLY B 354 -20.81 5.06 31.65
C GLY B 354 -20.15 5.79 32.81
N ASP B 355 -20.19 5.19 33.99
CA ASP B 355 -19.80 5.92 35.19
C ASP B 355 -18.60 5.31 35.90
N ALA B 356 -17.71 4.68 35.14
CA ALA B 356 -16.59 3.96 35.74
C ALA B 356 -15.43 4.85 36.21
N GLY B 357 -15.44 6.13 35.85
CA GLY B 357 -14.39 7.02 36.31
C GLY B 357 -13.96 8.13 35.37
N ASN B 358 -13.93 7.84 34.07
CA ASN B 358 -13.38 8.76 33.09
C ASN B 358 -12.19 9.54 33.70
N TYR B 359 -12.19 10.86 33.54
CA TYR B 359 -11.14 11.70 34.10
C TYR B 359 -11.56 12.34 35.42
N GLY B 360 -12.50 11.69 36.10
CA GLY B 360 -12.89 12.07 37.45
C GLY B 360 -14.09 13.00 37.58
N VAL B 361 -14.87 13.13 36.51
CA VAL B 361 -16.06 13.99 36.57
C VAL B 361 -17.36 13.19 36.39
N ILE B 362 -18.30 13.43 37.28
CA ILE B 362 -19.58 12.73 37.23
C ILE B 362 -20.61 13.68 36.62
N ASP B 363 -21.57 13.15 35.88
CA ASP B 363 -22.63 13.97 35.29
C ASP B 363 -23.85 13.99 36.20
N SER B 364 -24.06 15.09 36.91
CA SER B 364 -25.16 15.15 37.89
C SER B 364 -26.35 16.01 37.46
N ASN B 365 -26.22 16.78 36.39
CA ASN B 365 -27.33 17.60 35.93
C ASN B 365 -28.40 16.73 35.27
N MET B 366 -29.53 16.54 35.95
CA MET B 366 -30.59 15.73 35.38
C MET B 366 -31.78 16.58 34.94
N ILE B 367 -32.48 16.11 33.91
CA ILE B 367 -33.75 16.71 33.52
C ILE B 367 -34.84 16.32 34.54
N GLN B 368 -35.51 17.33 35.09
CA GLN B 368 -36.48 17.14 36.16
C GLN B 368 -37.88 17.48 35.69
N PRO B 369 -38.88 16.80 36.22
CA PRO B 369 -38.68 15.66 37.13
C PRO B 369 -38.32 14.41 36.34
N GLN B 370 -37.96 13.34 37.03
CA GLN B 370 -37.67 12.07 36.36
C GLN B 370 -38.83 11.64 35.47
N PRO B 371 -38.55 11.42 34.18
CA PRO B 371 -39.56 11.01 33.20
C PRO B 371 -40.10 9.63 33.48
N GLU B 372 -41.35 9.40 33.06
CA GLU B 372 -41.97 8.08 33.15
C GLU B 372 -41.15 6.95 32.56
N TYR B 373 -40.35 7.26 31.55
CA TYR B 373 -39.55 6.23 30.90
C TYR B 373 -38.30 5.82 31.68
N SER B 374 -37.94 6.62 32.67
CA SER B 374 -36.76 6.39 33.47
C SER B 374 -37.12 5.69 34.79
N ALA B 375 -36.69 4.43 34.96
CA ALA B 375 -36.98 3.70 36.19
C ALA B 375 -36.08 4.13 37.36
N PHE B 376 -34.78 4.12 37.13
CA PHE B 376 -33.80 4.45 38.15
C PHE B 376 -32.65 5.23 37.53
N ARG B 377 -32.14 6.19 38.28
CA ARG B 377 -31.02 6.98 37.80
C ARG B 377 -30.27 7.58 39.00
N GLU B 378 -28.96 7.55 38.95
CA GLU B 378 -28.15 8.20 39.96
C GLU B 378 -26.79 8.60 39.43
N ALA B 379 -26.28 9.72 39.93
CA ALA B 379 -24.98 10.24 39.53
C ALA B 379 -23.87 9.84 40.50
N SER B 380 -23.43 8.60 40.38
CA SER B 380 -22.29 8.11 41.17
C SER B 380 -21.42 7.23 40.30
N PHE B 381 -20.13 7.18 40.59
CA PHE B 381 -19.23 6.23 39.97
C PHE B 381 -19.57 4.79 40.38
N GLY B 382 -19.28 3.84 39.51
CA GLY B 382 -19.51 2.43 39.81
C GLY B 382 -19.55 1.57 38.57
N HIS B 383 -20.02 0.33 38.72
CA HIS B 383 -20.09 -0.57 37.60
C HIS B 383 -21.29 -1.50 37.76
N GLY B 384 -21.64 -2.21 36.69
CA GLY B 384 -22.77 -3.11 36.73
C GLY B 384 -22.37 -4.58 36.62
N MET B 385 -23.34 -5.47 36.84
N MET B 385 -23.34 -5.46 36.85
CA MET B 385 -23.12 -6.90 36.66
CA MET B 385 -23.17 -6.89 36.67
C MET B 385 -24.41 -7.53 36.12
C MET B 385 -24.44 -7.48 36.08
N PHE B 386 -24.30 -8.21 34.99
CA PHE B 386 -25.43 -8.89 34.37
C PHE B 386 -25.23 -10.38 34.57
N ASP B 387 -25.88 -10.93 35.60
CA ASP B 387 -25.66 -12.30 36.03
C ASP B 387 -26.74 -13.26 35.53
N ILE B 388 -26.40 -14.11 34.57
CA ILE B 388 -27.39 -15.00 33.93
C ILE B 388 -27.52 -16.35 34.65
N LYS B 389 -28.74 -16.67 35.11
CA LYS B 389 -29.00 -17.90 35.86
C LYS B 389 -29.45 -19.05 34.98
N ASN B 390 -30.25 -18.74 33.97
CA ASN B 390 -30.81 -19.73 33.06
C ASN B 390 -31.53 -19.04 31.91
N ARG B 391 -32.35 -19.76 31.16
CA ARG B 391 -33.00 -19.18 30.00
C ARG B 391 -34.02 -18.10 30.34
N THR B 392 -34.53 -18.10 31.57
CA THR B 392 -35.63 -17.18 31.90
C THR B 392 -35.21 -16.02 32.79
N HIS B 393 -34.14 -16.20 33.55
CA HIS B 393 -33.79 -15.26 34.61
C HIS B 393 -32.37 -14.76 34.50
N ALA B 394 -32.22 -13.45 34.58
CA ALA B 394 -30.90 -12.84 34.65
C ALA B 394 -31.00 -11.71 35.64
N HIS B 395 -29.97 -11.54 36.46
CA HIS B 395 -29.99 -10.54 37.50
C HIS B 395 -29.02 -9.42 37.22
N PHE B 396 -29.53 -8.20 37.13
CA PHE B 396 -28.66 -7.03 36.98
C PHE B 396 -28.52 -6.25 38.28
N SER B 397 -27.29 -5.89 38.60
CA SER B 397 -27.04 -5.08 39.79
C SER B 397 -25.98 -4.03 39.52
N TRP B 398 -26.09 -2.94 40.26
CA TRP B 398 -25.21 -1.80 40.10
C TRP B 398 -24.49 -1.56 41.42
N ASN B 399 -23.17 -1.57 41.35
CA ASN B 399 -22.38 -1.33 42.55
C ASN B 399 -21.71 0.04 42.53
N ARG B 400 -21.87 0.77 43.62
CA ARG B 400 -21.32 2.11 43.76
C ARG B 400 -19.94 2.08 44.39
N ASN B 401 -19.06 2.95 43.91
CA ASN B 401 -17.71 3.04 44.44
C ASN B 401 -17.65 3.45 45.91
N GLN B 402 -18.64 4.20 46.38
N GLN B 402 -18.64 4.19 46.37
CA GLN B 402 -18.64 4.69 47.75
CA GLN B 402 -18.66 4.69 47.74
C GLN B 402 -19.26 3.69 48.73
C GLN B 402 -19.37 3.73 48.70
N ASP B 403 -19.65 2.52 48.22
CA ASP B 403 -20.26 1.48 49.04
C ASP B 403 -19.28 0.32 49.18
N GLY B 404 -19.63 -0.65 50.03
CA GLY B 404 -18.86 -1.87 50.12
C GLY B 404 -18.97 -2.67 48.83
N VAL B 405 -17.92 -3.42 48.51
CA VAL B 405 -17.87 -4.14 47.23
C VAL B 405 -19.02 -5.13 47.03
N ALA B 406 -19.78 -5.43 48.08
CA ALA B 406 -20.88 -6.40 48.01
C ALA B 406 -22.27 -5.77 48.06
N VAL B 407 -22.32 -4.45 48.17
CA VAL B 407 -23.60 -3.74 48.26
C VAL B 407 -24.14 -3.35 46.90
N GLU B 408 -25.40 -3.71 46.66
CA GLU B 408 -26.09 -3.35 45.42
C GLU B 408 -27.02 -2.16 45.64
N ALA B 409 -26.69 -1.01 45.06
CA ALA B 409 -27.52 0.19 45.20
C ALA B 409 -28.73 0.16 44.27
N ASP B 410 -28.67 -0.65 43.22
CA ASP B 410 -29.83 -0.89 42.37
C ASP B 410 -29.72 -2.32 41.91
N SER B 411 -30.85 -2.96 41.70
CA SER B 411 -30.85 -4.38 41.39
C SER B 411 -32.21 -4.77 40.80
N VAL B 412 -32.18 -5.55 39.73
CA VAL B 412 -33.42 -5.93 39.06
C VAL B 412 -33.29 -7.29 38.41
N TRP B 413 -34.35 -8.08 38.52
CA TRP B 413 -34.41 -9.36 37.84
C TRP B 413 -34.99 -9.18 36.44
N PHE B 414 -34.25 -9.63 35.44
CA PHE B 414 -34.75 -9.62 34.06
C PHE B 414 -35.51 -10.90 33.78
N PHE B 415 -36.76 -10.78 33.34
CA PHE B 415 -37.44 -11.91 32.72
C PHE B 415 -37.12 -11.94 31.23
N ASN B 416 -36.61 -13.08 30.75
CA ASN B 416 -36.24 -13.19 29.33
C ASN B 416 -37.40 -12.91 28.38
N ARG B 417 -37.17 -12.00 27.43
CA ARG B 417 -38.24 -11.60 26.52
C ARG B 417 -38.76 -12.76 25.67
N HIS B 418 -37.99 -13.82 25.54
CA HIS B 418 -38.46 -14.93 24.70
C HIS B 418 -39.02 -16.03 25.56
N TRP B 419 -38.29 -16.43 26.59
CA TRP B 419 -38.65 -17.58 27.39
C TRP B 419 -39.54 -17.29 28.59
N TYR B 420 -39.66 -16.03 28.98
CA TYR B 420 -40.51 -15.65 30.10
C TYR B 420 -41.04 -14.21 29.91
N PRO B 421 -41.79 -13.97 28.83
CA PRO B 421 -42.17 -12.61 28.42
C PRO B 421 -43.25 -12.03 29.32
N VAL B 422 -42.91 -11.84 30.60
CA VAL B 422 -43.82 -11.30 31.59
C VAL B 422 -43.26 -9.99 32.13
N ASP B 423 -44.16 -9.12 32.57
CA ASP B 423 -43.81 -7.80 33.07
C ASP B 423 -42.83 -7.95 34.22
N ASP B 424 -41.63 -7.40 34.07
CA ASP B 424 -40.60 -7.47 35.08
C ASP B 424 -40.21 -6.10 35.64
N SER B 425 -41.09 -5.11 35.43
CA SER B 425 -40.86 -3.77 35.98
C SER B 425 -40.79 -3.82 37.50
N THR B 426 -39.93 -2.98 38.08
CA THR B 426 -39.68 -2.96 39.53
C THR B 426 -40.69 -2.11 40.31
N ASN C 2 35.21 3.13 19.20
CA ASN C 2 36.63 2.95 18.88
C ASN C 2 37.03 3.75 17.63
N ARG C 3 37.72 4.87 17.87
CA ARG C 3 38.06 5.84 16.83
C ARG C 3 36.86 6.64 16.25
N ASP C 4 35.65 6.11 16.35
CA ASP C 4 34.46 6.91 16.01
C ASP C 4 34.31 8.03 17.03
N MET C 5 33.96 9.22 16.55
CA MET C 5 33.76 10.36 17.44
C MET C 5 32.60 10.12 18.41
N PRO C 6 32.81 10.46 19.70
CA PRO C 6 31.79 10.32 20.75
C PRO C 6 30.53 11.07 20.40
N LEU C 7 29.37 10.56 20.84
CA LEU C 7 28.09 11.21 20.58
C LEU C 7 28.04 12.67 21.01
N ASP C 8 28.86 13.02 22.01
CA ASP C 8 28.83 14.37 22.54
C ASP C 8 29.85 15.31 21.87
N SER C 9 30.45 14.85 20.78
CA SER C 9 31.40 15.67 20.02
C SER C 9 30.73 16.96 19.53
N ASP C 10 31.51 18.03 19.45
CA ASP C 10 31.00 19.29 18.91
C ASP C 10 30.35 19.18 17.52
N VAL C 11 30.87 18.30 16.68
CA VAL C 11 30.36 18.16 15.31
C VAL C 11 28.94 17.58 15.26
N PHE C 12 28.53 16.92 16.35
CA PHE C 12 27.23 16.26 16.46
C PHE C 12 26.22 17.08 17.23
N ARG C 13 26.61 18.27 17.69
CA ARG C 13 25.71 19.12 18.47
C ARG C 13 24.39 19.32 17.73
N VAL C 14 23.30 19.40 18.49
CA VAL C 14 21.99 19.62 17.92
C VAL C 14 21.70 21.11 17.78
N PRO C 15 21.30 21.55 16.57
CA PRO C 15 20.91 22.96 16.38
C PRO C 15 19.76 23.31 17.31
N PRO C 16 19.90 24.38 18.10
CA PRO C 16 18.95 24.70 19.17
C PRO C 16 17.64 25.31 18.67
N GLY C 17 16.61 25.22 19.49
CA GLY C 17 15.32 25.77 19.13
C GLY C 17 14.30 24.68 18.92
N TYR C 18 13.05 24.96 19.25
CA TYR C 18 12.01 23.98 19.04
C TYR C 18 11.91 23.59 17.57
N ASN C 19 12.01 22.28 17.31
CA ASN C 19 11.96 21.71 15.95
C ASN C 19 12.94 22.36 14.97
N ALA C 20 14.09 22.78 15.47
CA ALA C 20 15.11 23.34 14.59
C ALA C 20 15.46 22.29 13.55
N PRO C 21 15.46 22.69 12.26
CA PRO C 21 15.93 21.77 11.21
C PRO C 21 17.37 21.33 11.46
N GLN C 22 17.64 20.04 11.31
CA GLN C 22 19.02 19.54 11.38
C GLN C 22 19.35 18.65 10.17
N GLN C 23 20.58 18.17 10.11
CA GLN C 23 21.05 17.31 9.02
C GLN C 23 20.68 17.89 7.65
N VAL C 24 20.84 19.20 7.50
CA VAL C 24 20.50 19.88 6.25
C VAL C 24 21.54 19.57 5.20
N HIS C 25 21.07 19.24 4.00
CA HIS C 25 21.95 18.91 2.88
C HIS C 25 21.26 19.17 1.54
N ILE C 26 22.06 19.46 0.53
CA ILE C 26 21.54 19.79 -0.80
C ILE C 26 22.27 18.97 -1.86
N THR C 27 21.62 18.80 -3.00
CA THR C 27 22.28 18.21 -4.17
C THR C 27 21.58 18.66 -5.44
N GLN C 28 22.20 18.42 -6.59
CA GLN C 28 21.63 18.87 -7.86
C GLN C 28 20.25 18.26 -8.10
N GLY C 29 19.30 19.10 -8.50
CA GLY C 29 17.91 18.71 -8.54
C GLY C 29 17.40 18.39 -9.94
N ASP C 30 18.19 18.71 -10.95
CA ASP C 30 17.77 18.51 -12.33
C ASP C 30 18.94 18.04 -13.14
N LEU C 31 18.78 18.02 -14.46
CA LEU C 31 19.81 17.47 -15.32
C LEU C 31 20.97 18.45 -15.54
N VAL C 32 20.67 19.74 -15.61
CA VAL C 32 21.68 20.71 -16.07
C VAL C 32 22.14 21.75 -15.04
N GLY C 33 21.57 21.72 -13.84
CA GLY C 33 22.02 22.60 -12.77
C GLY C 33 21.11 23.77 -12.39
N ARG C 34 19.88 23.78 -12.89
CA ARG C 34 18.94 24.87 -12.59
C ARG C 34 17.99 24.50 -11.45
N ALA C 35 18.29 23.40 -10.77
CA ALA C 35 17.46 22.91 -9.68
C ALA C 35 18.32 22.38 -8.54
N MET C 36 17.74 22.31 -7.35
CA MET C 36 18.46 21.84 -6.18
C MET C 36 17.52 21.10 -5.24
N ILE C 37 17.88 19.89 -4.84
CA ILE C 37 17.08 19.18 -3.84
C ILE C 37 17.57 19.57 -2.45
N ILE C 38 16.69 20.19 -1.67
CA ILE C 38 16.97 20.60 -0.29
C ILE C 38 16.41 19.56 0.70
N SER C 39 17.24 19.11 1.61
CA SER C 39 16.85 18.01 2.48
C SER C 39 17.12 18.31 3.94
N TRP C 40 16.27 17.81 4.83
CA TRP C 40 16.52 17.99 6.26
C TRP C 40 15.62 17.18 7.17
N VAL C 41 15.98 17.13 8.45
CA VAL C 41 15.23 16.36 9.43
C VAL C 41 14.74 17.29 10.53
N THR C 42 13.49 17.11 10.95
CA THR C 42 13.01 17.73 12.18
C THR C 42 12.70 16.61 13.16
N MET C 43 13.04 16.82 14.43
CA MET C 43 12.97 15.76 15.44
C MET C 43 11.79 15.89 16.40
N ASP C 44 11.26 17.11 16.57
CA ASP C 44 10.22 17.33 17.58
C ASP C 44 8.81 17.13 17.05
N GLU C 45 8.61 17.48 15.78
CA GLU C 45 7.32 17.25 15.12
C GLU C 45 7.50 17.44 13.61
N PRO C 46 6.50 17.02 12.81
CA PRO C 46 6.59 17.06 11.34
C PRO C 46 7.12 18.38 10.80
N GLY C 47 6.44 19.48 11.10
CA GLY C 47 6.86 20.79 10.62
C GLY C 47 6.57 20.95 9.13
N SER C 48 6.96 22.09 8.57
CA SER C 48 6.67 22.36 7.16
C SER C 48 7.78 21.84 6.24
N SER C 49 7.39 21.40 5.05
CA SER C 49 8.38 21.05 4.03
C SER C 49 8.65 22.23 3.10
N ALA C 50 8.12 23.39 3.45
CA ALA C 50 8.30 24.58 2.62
C ALA C 50 9.71 25.08 2.73
N VAL C 51 10.21 25.67 1.65
CA VAL C 51 11.55 26.24 1.60
C VAL C 51 11.48 27.65 1.00
N ARG C 52 11.98 28.62 1.74
CA ARG C 52 11.97 29.99 1.27
C ARG C 52 13.34 30.27 0.71
N TYR C 53 13.39 30.86 -0.48
CA TYR C 53 14.65 31.08 -1.17
C TYR C 53 14.61 32.34 -2.03
N TRP C 54 15.79 32.86 -2.35
CA TRP C 54 15.90 34.07 -3.15
C TRP C 54 17.37 34.33 -3.50
N SER C 55 17.60 34.99 -4.62
CA SER C 55 18.96 35.38 -5.01
C SER C 55 19.35 36.64 -4.27
N GLU C 56 20.64 36.91 -4.17
CA GLU C 56 21.07 38.11 -3.48
C GLU C 56 21.07 39.33 -4.41
N LYS C 57 20.64 39.12 -5.64
CA LYS C 57 20.51 40.23 -6.59
C LYS C 57 19.04 40.58 -6.76
N ASN C 58 18.26 39.61 -7.25
CA ASN C 58 16.80 39.78 -7.42
C ASN C 58 16.14 40.09 -6.08
N GLY C 59 16.61 39.45 -5.02
CA GLY C 59 16.07 39.66 -3.69
C GLY C 59 14.66 39.14 -3.46
N ARG C 60 14.00 38.66 -4.51
CA ARG C 60 12.59 38.23 -4.40
C ARG C 60 12.38 36.84 -3.77
N LYS C 61 11.78 36.83 -2.59
CA LYS C 61 11.56 35.60 -1.84
C LYS C 61 10.40 34.76 -2.37
N ARG C 62 10.68 33.50 -2.66
CA ARG C 62 9.68 32.57 -3.17
C ARG C 62 9.59 31.34 -2.26
N ILE C 63 8.53 30.55 -2.42
CA ILE C 63 8.35 29.35 -1.62
C ILE C 63 8.29 28.10 -2.51
N ALA C 64 9.09 27.09 -2.15
CA ALA C 64 8.93 25.77 -2.74
C ALA C 64 8.35 24.80 -1.71
N LYS C 65 7.47 23.91 -2.16
CA LYS C 65 6.82 22.95 -1.27
C LYS C 65 7.34 21.55 -1.54
N GLY C 66 7.74 20.84 -0.49
CA GLY C 66 8.26 19.48 -0.63
C GLY C 66 7.42 18.39 0.02
N LYS C 67 8.03 17.26 0.33
CA LYS C 67 7.33 16.16 0.98
C LYS C 67 8.00 15.72 2.28
N MET C 68 7.20 15.19 3.20
CA MET C 68 7.72 14.66 4.45
C MET C 68 7.59 13.15 4.45
N SER C 69 8.55 12.45 5.04
CA SER C 69 8.50 11.00 5.13
C SER C 69 9.19 10.56 6.40
N THR C 70 8.95 9.29 6.78
CA THR C 70 9.60 8.68 7.94
C THR C 70 9.87 7.20 7.67
N TYR C 71 10.65 6.56 8.51
CA TYR C 71 10.87 5.12 8.37
C TYR C 71 11.28 4.54 9.70
N ARG C 72 11.19 3.22 9.79
CA ARG C 72 11.68 2.50 10.97
C ARG C 72 12.77 1.56 10.50
N PHE C 73 13.72 1.28 11.38
CA PHE C 73 14.67 0.22 11.13
C PHE C 73 14.83 -0.57 12.41
N PHE C 74 14.27 -1.77 12.42
CA PHE C 74 14.31 -2.59 13.63
C PHE C 74 13.62 -1.83 14.79
N ASN C 75 14.37 -1.45 15.82
CA ASN C 75 13.74 -0.71 16.93
C ASN C 75 13.97 0.79 16.89
N TYR C 76 14.49 1.26 15.77
CA TYR C 76 14.72 2.68 15.52
C TYR C 76 13.55 3.32 14.76
N SER C 77 13.12 4.49 15.21
CA SER C 77 12.13 5.30 14.47
C SER C 77 12.78 6.63 14.10
N SER C 78 12.80 6.93 12.82
CA SER C 78 13.38 8.17 12.30
C SER C 78 12.56 9.37 12.70
N GLY C 79 13.19 10.53 12.61
CA GLY C 79 12.50 11.80 12.70
C GLY C 79 11.78 12.07 11.40
N PHE C 80 11.34 13.31 11.23
CA PHE C 80 10.58 13.69 10.05
C PHE C 80 11.50 14.26 8.99
N ILE C 81 11.60 13.52 7.88
CA ILE C 81 12.52 13.81 6.80
C ILE C 81 11.84 14.64 5.72
N HIS C 82 12.52 15.70 5.30
CA HIS C 82 11.99 16.63 4.31
C HIS C 82 12.85 16.69 3.05
N HIS C 83 12.20 16.57 1.90
CA HIS C 83 12.86 16.77 0.62
C HIS C 83 12.04 17.73 -0.20
N THR C 84 12.70 18.76 -0.71
CA THR C 84 12.00 19.78 -1.48
C THR C 84 12.88 20.25 -2.60
N THR C 85 12.30 20.38 -3.79
CA THR C 85 13.07 20.76 -4.94
C THR C 85 12.80 22.21 -5.35
N ILE C 86 13.86 23.01 -5.41
CA ILE C 86 13.79 24.35 -5.98
C ILE C 86 14.18 24.27 -7.45
N ARG C 87 13.34 24.83 -8.32
CA ARG C 87 13.57 24.74 -9.76
C ARG C 87 13.70 26.13 -10.38
N LYS C 88 14.11 26.14 -11.65
CA LYS C 88 14.15 27.33 -12.48
C LYS C 88 15.04 28.43 -11.92
N LEU C 89 16.11 28.02 -11.24
CA LEU C 89 17.08 28.99 -10.72
C LEU C 89 17.91 29.59 -11.84
N LYS C 90 18.54 30.73 -11.57
CA LYS C 90 19.46 31.34 -12.53
C LYS C 90 20.84 30.74 -12.38
N TYR C 91 21.56 30.63 -13.50
CA TYR C 91 22.93 30.12 -13.48
C TYR C 91 23.88 31.06 -12.74
N ASN C 92 24.93 30.50 -12.16
CA ASN C 92 26.00 31.30 -11.58
C ASN C 92 25.55 32.42 -10.64
N THR C 93 24.56 32.16 -9.81
CA THR C 93 24.14 33.15 -8.85
C THR C 93 23.97 32.58 -7.44
N LYS C 94 24.29 33.40 -6.44
CA LYS C 94 24.13 33.03 -5.05
C LYS C 94 22.68 33.13 -4.61
N TYR C 95 22.16 32.03 -4.06
CA TYR C 95 20.82 32.03 -3.46
C TYR C 95 20.93 31.81 -1.95
N TYR C 96 20.00 32.40 -1.21
CA TYR C 96 19.80 32.06 0.20
C TYR C 96 18.56 31.19 0.27
N TYR C 97 18.56 30.24 1.19
CA TYR C 97 17.36 29.46 1.42
C TYR C 97 17.12 29.27 2.90
N GLU C 98 15.86 29.13 3.29
CA GLU C 98 15.52 28.90 4.69
C GLU C 98 14.61 27.68 4.86
N VAL C 99 14.84 26.95 5.94
CA VAL C 99 14.00 25.82 6.30
C VAL C 99 13.59 25.97 7.76
N GLY C 100 12.51 25.31 8.15
CA GLY C 100 12.00 25.42 9.51
C GLY C 100 11.06 26.59 9.67
N LEU C 101 10.31 26.89 8.61
CA LEU C 101 9.51 28.10 8.53
C LEU C 101 8.47 28.20 9.63
N ARG C 102 7.92 27.07 10.05
CA ARG C 102 6.87 27.07 11.06
C ARG C 102 7.35 27.43 12.47
N ASN C 103 8.58 27.05 12.83
CA ASN C 103 9.01 27.22 14.21
C ASN C 103 10.38 27.88 14.38
N THR C 104 11.44 27.15 14.06
CA THR C 104 12.78 27.72 14.18
C THR C 104 13.43 27.66 12.81
N THR C 105 13.54 28.82 12.18
CA THR C 105 14.10 28.89 10.85
C THR C 105 15.60 28.89 10.92
N ARG C 106 16.24 28.18 9.99
CA ARG C 106 17.68 28.28 9.80
C ARG C 106 17.94 28.67 8.35
N ARG C 107 18.91 29.54 8.13
CA ARG C 107 19.16 30.05 6.79
C ARG C 107 20.51 29.58 6.28
N PHE C 108 20.57 29.26 4.98
CA PHE C 108 21.81 28.83 4.36
C PHE C 108 21.92 29.48 2.99
N SER C 109 22.91 29.05 2.21
CA SER C 109 23.10 29.60 0.89
C SER C 109 23.86 28.62 0.01
N PHE C 110 23.68 28.75 -1.30
CA PHE C 110 24.48 28.00 -2.25
C PHE C 110 24.71 28.82 -3.53
N ILE C 111 25.63 28.34 -4.37
CA ILE C 111 25.92 29.05 -5.62
C ILE C 111 25.69 28.12 -6.79
N THR C 112 24.63 28.39 -7.54
CA THR C 112 24.34 27.60 -8.73
C THR C 112 25.57 27.63 -9.63
N PRO C 113 25.82 26.53 -10.33
CA PRO C 113 26.96 26.47 -11.26
C PRO C 113 26.64 27.26 -12.52
N PRO C 114 27.66 27.60 -13.31
CA PRO C 114 27.37 28.27 -14.58
C PRO C 114 26.66 27.31 -15.52
N GLN C 115 26.00 27.81 -16.56
CA GLN C 115 25.35 26.97 -17.56
C GLN C 115 26.36 25.98 -18.12
N THR C 116 25.92 24.77 -18.47
CA THR C 116 26.86 23.79 -19.04
C THR C 116 27.48 24.41 -20.29
N GLY C 117 28.72 24.05 -20.57
CA GLY C 117 29.42 24.60 -21.72
C GLY C 117 30.80 23.99 -21.92
N LEU C 118 31.32 24.13 -23.14
CA LEU C 118 32.54 23.47 -23.56
C LEU C 118 33.76 23.82 -22.73
N ASP C 119 33.93 25.11 -22.44
CA ASP C 119 35.17 25.53 -21.79
C ASP C 119 34.97 26.07 -20.37
N VAL C 120 33.88 25.67 -19.72
CA VAL C 120 33.56 26.14 -18.37
C VAL C 120 34.40 25.52 -17.25
N PRO C 121 35.22 26.34 -16.57
CA PRO C 121 35.97 25.78 -15.45
C PRO C 121 35.06 25.37 -14.28
N TYR C 122 35.48 24.35 -13.55
CA TYR C 122 34.79 23.93 -12.34
C TYR C 122 35.65 23.00 -11.50
N THR C 123 35.54 23.13 -10.19
CA THR C 123 36.35 22.36 -9.23
C THR C 123 35.47 21.38 -8.44
N PHE C 124 35.70 20.09 -8.62
CA PHE C 124 35.02 19.06 -7.86
C PHE C 124 35.93 18.48 -6.83
N GLY C 125 35.39 18.34 -5.62
CA GLY C 125 36.03 17.55 -4.58
C GLY C 125 35.69 16.08 -4.73
N LEU C 126 36.62 15.22 -4.33
CA LEU C 126 36.38 13.79 -4.30
C LEU C 126 36.58 13.26 -2.91
N ILE C 127 35.51 12.68 -2.36
CA ILE C 127 35.56 12.11 -1.03
C ILE C 127 34.91 10.74 -1.10
N GLY C 128 35.51 9.77 -0.43
CA GLY C 128 34.98 8.44 -0.42
C GLY C 128 35.08 7.82 0.95
N ASP C 129 34.08 7.05 1.34
CA ASP C 129 34.17 6.25 2.55
C ASP C 129 34.49 7.15 3.75
N LEU C 130 33.69 8.20 3.92
CA LEU C 130 33.91 9.21 4.95
C LEU C 130 33.81 8.67 6.38
N GLY C 131 32.62 8.21 6.77
CA GLY C 131 32.42 7.76 8.13
C GLY C 131 32.39 8.94 9.09
N GLN C 132 32.65 8.65 10.36
CA GLN C 132 32.58 9.67 11.40
C GLN C 132 33.57 9.36 12.51
N SER C 133 34.80 9.07 12.10
CA SER C 133 35.90 8.95 13.04
C SER C 133 36.63 10.28 13.05
N PHE C 134 37.64 10.41 13.90
CA PHE C 134 38.42 11.63 13.94
C PHE C 134 39.14 11.85 12.60
N ASP C 135 39.66 10.79 12.00
CA ASP C 135 40.26 10.93 10.67
C ASP C 135 39.26 11.53 9.67
N SER C 136 37.98 11.16 9.81
CA SER C 136 36.94 11.65 8.94
C SER C 136 36.83 13.16 9.08
N ASN C 137 36.90 13.64 10.30
CA ASN C 137 36.75 15.06 10.58
C ASN C 137 37.94 15.85 10.04
N THR C 138 39.11 15.24 10.08
CA THR C 138 40.30 15.88 9.51
C THR C 138 40.17 16.03 8.00
N THR C 139 39.72 14.98 7.32
CA THR C 139 39.55 15.05 5.86
C THR C 139 38.59 16.16 5.46
N LEU C 140 37.46 16.22 6.16
CA LEU C 140 36.48 17.25 5.84
C LEU C 140 37.09 18.63 6.07
N SER C 141 37.87 18.79 7.14
CA SER C 141 38.53 20.07 7.39
C SER C 141 39.52 20.38 6.28
N HIS C 142 40.23 19.37 5.80
CA HIS C 142 41.18 19.57 4.72
C HIS C 142 40.47 20.01 3.45
N TYR C 143 39.34 19.38 3.15
CA TYR C 143 38.62 19.75 1.93
C TYR C 143 38.12 21.20 1.99
N GLU C 144 37.49 21.55 3.09
CA GLU C 144 36.89 22.87 3.22
C GLU C 144 37.97 23.96 3.31
N LEU C 145 39.14 23.62 3.84
CA LEU C 145 40.24 24.57 3.94
C LEU C 145 41.12 24.58 2.69
N SER C 146 40.74 23.81 1.67
CA SER C 146 41.54 23.75 0.45
C SER C 146 41.68 25.11 -0.22
N PRO C 147 42.88 25.42 -0.72
CA PRO C 147 43.04 26.66 -1.47
C PRO C 147 42.33 26.58 -2.82
N LYS C 148 42.16 25.36 -3.34
CA LYS C 148 41.53 25.14 -4.64
C LYS C 148 40.04 25.48 -4.64
N LYS C 149 39.39 25.33 -3.48
CA LYS C 149 37.97 25.69 -3.32
C LYS C 149 37.05 24.81 -4.15
N GLY C 150 36.73 23.63 -3.60
CA GLY C 150 35.78 22.72 -4.21
C GLY C 150 34.38 23.31 -4.26
N GLN C 151 33.72 23.17 -5.40
CA GLN C 151 32.40 23.76 -5.59
C GLN C 151 31.30 22.72 -5.47
N THR C 152 31.69 21.45 -5.57
CA THR C 152 30.77 20.33 -5.48
C THR C 152 31.60 19.11 -5.08
N VAL C 153 31.04 18.25 -4.24
CA VAL C 153 31.70 17.01 -3.89
C VAL C 153 31.11 15.83 -4.67
N LEU C 154 31.98 15.04 -5.29
CA LEU C 154 31.54 13.77 -5.87
C LEU C 154 31.80 12.70 -4.82
N PHE C 155 30.73 12.13 -4.28
CA PHE C 155 30.85 11.14 -3.20
C PHE C 155 30.70 9.70 -3.68
N VAL C 156 31.76 8.91 -3.54
CA VAL C 156 31.79 7.57 -4.12
C VAL C 156 31.26 6.45 -3.23
N GLY C 157 30.54 6.81 -2.17
CA GLY C 157 29.83 5.81 -1.40
C GLY C 157 30.44 5.49 -0.06
N ASP C 158 29.64 4.82 0.78
CA ASP C 158 29.97 4.57 2.17
C ASP C 158 29.92 5.86 2.97
N LEU C 159 28.72 6.21 3.39
CA LEU C 159 28.47 7.49 4.04
C LEU C 159 28.75 7.45 5.53
N SER C 160 27.83 6.85 6.30
CA SER C 160 27.84 6.97 7.76
C SER C 160 28.51 5.81 8.50
N TYR C 161 28.43 4.61 7.91
CA TYR C 161 28.87 3.39 8.58
C TYR C 161 28.03 3.07 9.81
N ALA C 162 26.77 3.50 9.79
CA ALA C 162 25.87 3.17 10.89
C ALA C 162 25.72 1.65 11.03
N ASP C 163 25.86 0.91 9.93
CA ASP C 163 25.63 -0.54 9.96
C ASP C 163 26.68 -1.32 10.74
N ARG C 164 27.77 -0.67 11.12
CA ARG C 164 28.78 -1.31 11.95
C ARG C 164 28.32 -1.36 13.39
N TYR C 165 27.34 -0.53 13.72
CA TYR C 165 26.84 -0.45 15.08
C TYR C 165 25.82 -1.53 15.34
N PRO C 166 25.55 -1.81 16.63
CA PRO C 166 24.53 -2.80 17.03
C PRO C 166 23.17 -2.48 16.40
N ASN C 167 22.58 -3.44 15.69
CA ASN C 167 21.36 -3.20 14.91
C ASN C 167 21.47 -1.99 14.04
N HIS C 168 22.69 -1.69 13.60
CA HIS C 168 22.93 -0.58 12.69
C HIS C 168 22.54 0.74 13.32
N ASP C 169 22.45 0.77 14.65
CA ASP C 169 22.02 1.99 15.35
C ASP C 169 21.91 3.22 14.43
N ASN C 170 20.72 3.47 13.88
CA ASN C 170 20.52 4.55 12.89
C ASN C 170 20.71 5.98 13.42
N VAL C 171 20.77 6.11 14.74
CA VAL C 171 21.18 7.36 15.36
C VAL C 171 22.48 7.85 14.69
N ARG C 172 23.31 6.90 14.29
CA ARG C 172 24.58 7.23 13.65
C ARG C 172 24.42 7.69 12.21
N TRP C 173 23.19 7.68 11.69
CA TRP C 173 22.89 8.36 10.43
C TRP C 173 22.62 9.82 10.82
N ASP C 174 21.83 9.99 11.86
CA ASP C 174 21.50 11.32 12.36
C ASP C 174 22.78 12.12 12.66
N THR C 175 23.71 11.50 13.41
CA THR C 175 24.95 12.18 13.76
C THR C 175 25.78 12.52 12.54
N TRP C 176 25.91 11.58 11.61
CA TRP C 176 26.63 11.84 10.38
C TRP C 176 26.02 13.02 9.62
N GLY C 177 24.70 13.12 9.68
CA GLY C 177 24.00 14.19 9.01
C GLY C 177 24.30 15.56 9.61
N ARG C 178 24.33 15.63 10.93
CA ARG C 178 24.64 16.88 11.59
C ARG C 178 26.10 17.20 11.37
N PHE C 179 26.91 16.15 11.25
CA PHE C 179 28.35 16.29 11.08
C PHE C 179 28.72 16.90 9.73
N THR C 180 28.09 16.42 8.66
CA THR C 180 28.46 16.79 7.30
C THR C 180 27.82 18.10 6.85
N GLU C 181 26.76 18.48 7.55
CA GLU C 181 26.01 19.70 7.26
C GLU C 181 26.89 20.93 6.96
N ARG C 182 27.95 21.13 7.73
CA ARG C 182 28.77 22.33 7.58
C ARG C 182 29.36 22.46 6.18
N SER C 183 29.36 21.36 5.42
CA SER C 183 29.74 21.44 4.01
C SER C 183 28.55 21.27 3.04
N VAL C 184 27.75 20.23 3.23
CA VAL C 184 26.74 19.85 2.25
C VAL C 184 25.47 20.72 2.37
N ALA C 185 25.40 21.53 3.41
CA ALA C 185 24.32 22.52 3.50
C ALA C 185 24.53 23.64 2.49
N TYR C 186 25.79 23.83 2.09
CA TYR C 186 26.17 24.98 1.26
C TYR C 186 26.59 24.65 -0.17
N GLN C 187 27.05 23.42 -0.40
CA GLN C 187 27.37 22.98 -1.76
C GLN C 187 26.85 21.57 -1.97
N PRO C 188 26.44 21.25 -3.20
CA PRO C 188 25.89 19.91 -3.46
C PRO C 188 26.94 18.81 -3.26
N TRP C 189 26.51 17.68 -2.74
CA TRP C 189 27.33 16.47 -2.78
C TRP C 189 26.60 15.51 -3.70
N ILE C 190 27.32 14.87 -4.62
CA ILE C 190 26.71 13.94 -5.58
C ILE C 190 26.83 12.49 -5.08
N TRP C 191 25.70 11.90 -4.72
CA TRP C 191 25.70 10.62 -3.98
C TRP C 191 25.84 9.36 -4.82
N THR C 192 26.75 8.49 -4.40
CA THR C 192 26.92 7.16 -4.98
C THR C 192 26.66 6.16 -3.86
N ALA C 193 25.99 5.07 -4.17
CA ALA C 193 25.64 4.10 -3.14
C ALA C 193 26.73 3.03 -2.97
N GLY C 194 27.27 2.90 -1.75
CA GLY C 194 28.26 1.87 -1.43
C GLY C 194 27.67 0.70 -0.65
N ASN C 195 28.51 -0.28 -0.31
CA ASN C 195 28.02 -1.48 0.35
C ASN C 195 27.52 -1.25 1.78
N HIS C 196 28.09 -0.24 2.45
CA HIS C 196 27.54 0.18 3.75
C HIS C 196 26.16 0.81 3.66
N GLU C 197 25.73 1.17 2.46
CA GLU C 197 24.37 1.70 2.33
C GLU C 197 23.35 0.58 2.12
N ILE C 198 23.84 -0.64 1.83
CA ILE C 198 22.94 -1.77 1.52
C ILE C 198 22.01 -2.10 2.69
N GLU C 199 22.63 -2.28 3.85
CA GLU C 199 21.93 -2.55 5.10
C GLU C 199 20.92 -3.70 4.95
N PHE C 200 21.37 -4.76 4.32
CA PHE C 200 20.58 -5.97 4.19
C PHE C 200 20.82 -6.78 5.44
N ALA C 201 19.79 -6.92 6.27
CA ALA C 201 19.92 -7.56 7.57
C ALA C 201 18.69 -8.39 7.96
N PRO C 202 18.56 -9.59 7.36
CA PRO C 202 17.41 -10.47 7.56
C PRO C 202 17.31 -10.95 9.00
N GLU C 203 18.44 -10.98 9.70
CA GLU C 203 18.47 -11.52 11.05
C GLU C 203 17.68 -10.64 12.01
N ILE C 204 17.41 -9.40 11.59
CA ILE C 204 16.53 -8.51 12.36
C ILE C 204 15.39 -8.02 11.49
N ASN C 205 15.08 -8.81 10.45
CA ASN C 205 13.91 -8.58 9.61
C ASN C 205 13.95 -7.26 8.84
N GLU C 206 15.15 -6.80 8.50
CA GLU C 206 15.29 -5.68 7.57
C GLU C 206 15.90 -6.17 6.27
N THR C 207 15.05 -6.30 5.25
CA THR C 207 15.48 -6.91 4.00
C THR C 207 15.33 -6.00 2.78
N GLU C 208 15.02 -4.72 2.98
CA GLU C 208 14.93 -3.80 1.85
C GLU C 208 16.26 -3.09 1.63
N PRO C 209 16.95 -3.43 0.53
CA PRO C 209 18.27 -2.84 0.30
C PRO C 209 18.24 -1.31 0.17
N PHE C 210 19.19 -0.65 0.84
CA PHE C 210 19.36 0.81 0.77
C PHE C 210 18.30 1.65 1.52
N LYS C 211 17.51 1.04 2.38
CA LYS C 211 16.38 1.77 2.98
C LYS C 211 16.78 3.08 3.67
N PRO C 212 17.61 2.98 4.74
CA PRO C 212 17.92 4.24 5.45
C PRO C 212 18.51 5.25 4.49
N PHE C 213 19.49 4.81 3.72
CA PHE C 213 20.13 5.68 2.74
C PHE C 213 19.15 6.32 1.77
N SER C 214 18.25 5.51 1.22
CA SER C 214 17.35 5.99 0.18
C SER C 214 16.34 7.00 0.71
N TYR C 215 15.93 6.84 1.96
CA TYR C 215 15.03 7.81 2.60
C TYR C 215 15.73 9.13 2.87
N ARG C 216 17.00 9.07 3.28
CA ARG C 216 17.70 10.26 3.72
C ARG C 216 18.30 11.04 2.56
N TYR C 217 18.80 10.31 1.57
CA TYR C 217 19.44 10.98 0.45
C TYR C 217 18.69 10.74 -0.87
N HIS C 218 18.09 11.80 -1.40
CA HIS C 218 17.44 11.74 -2.70
C HIS C 218 18.38 12.25 -3.78
N VAL C 219 18.16 11.80 -5.01
CA VAL C 219 18.94 12.18 -6.17
C VAL C 219 17.94 12.40 -7.30
N PRO C 220 18.30 13.21 -8.30
CA PRO C 220 17.36 13.54 -9.40
C PRO C 220 17.35 12.49 -10.51
N TYR C 221 17.01 11.24 -10.18
CA TYR C 221 17.24 10.13 -11.11
C TYR C 221 16.31 10.12 -12.31
N GLU C 222 15.04 10.44 -12.08
CA GLU C 222 14.08 10.60 -13.17
C GLU C 222 14.55 11.59 -14.25
N ALA C 223 15.37 12.56 -13.88
CA ALA C 223 15.82 13.59 -14.83
C ALA C 223 16.67 12.99 -15.97
N SER C 224 17.28 11.84 -15.73
CA SER C 224 18.08 11.18 -16.76
C SER C 224 17.35 9.92 -17.27
N GLN C 225 16.06 9.85 -16.97
CA GLN C 225 15.21 8.77 -17.46
C GLN C 225 15.61 7.43 -16.87
N SER C 226 16.23 7.49 -15.70
CA SER C 226 16.50 6.29 -14.91
C SER C 226 15.27 5.90 -14.09
N THR C 227 15.11 4.61 -13.86
CA THR C 227 13.98 4.13 -13.07
C THR C 227 14.38 3.82 -11.65
N SER C 228 15.57 4.29 -11.23
CA SER C 228 16.07 3.97 -9.90
C SER C 228 17.00 5.04 -9.35
N PRO C 229 16.96 5.29 -8.04
CA PRO C 229 17.85 6.27 -7.45
C PRO C 229 19.32 5.85 -7.53
N PHE C 230 19.60 4.56 -7.69
CA PHE C 230 20.98 4.06 -7.57
C PHE C 230 21.87 4.24 -8.79
N TRP C 231 21.27 4.50 -9.95
CA TRP C 231 22.07 4.91 -11.10
C TRP C 231 21.35 6.07 -11.77
N TYR C 232 22.12 7.06 -12.20
CA TYR C 232 21.57 8.26 -12.80
C TYR C 232 22.74 9.12 -13.25
N SER C 233 22.46 10.18 -14.02
CA SER C 233 23.52 11.08 -14.43
C SER C 233 23.11 12.52 -14.24
N ILE C 234 24.09 13.39 -14.10
CA ILE C 234 23.83 14.82 -14.15
C ILE C 234 24.89 15.49 -14.99
N LYS C 235 24.60 16.71 -15.42
CA LYS C 235 25.58 17.59 -16.03
C LYS C 235 25.78 18.85 -15.18
N ARG C 236 27.01 19.29 -15.09
CA ARG C 236 27.34 20.50 -14.34
C ARG C 236 28.59 21.11 -14.96
N ALA C 237 28.50 22.38 -15.32
CA ALA C 237 29.61 23.07 -15.97
C ALA C 237 30.03 22.30 -17.21
N SER C 238 31.30 21.90 -17.30
CA SER C 238 31.75 21.15 -18.48
C SER C 238 31.84 19.63 -18.30
N ALA C 239 31.19 19.10 -17.26
CA ALA C 239 31.25 17.66 -16.96
C ALA C 239 29.92 16.94 -17.08
N HIS C 240 29.97 15.76 -17.69
CA HIS C 240 28.85 14.85 -17.71
C HIS C 240 29.15 13.68 -16.75
N ILE C 241 28.40 13.61 -15.65
CA ILE C 241 28.70 12.66 -14.58
C ILE C 241 27.70 11.51 -14.56
N ILE C 242 28.23 10.29 -14.59
CA ILE C 242 27.43 9.08 -14.61
C ILE C 242 27.65 8.30 -13.30
N VAL C 243 26.58 8.10 -12.55
CA VAL C 243 26.67 7.42 -11.26
C VAL C 243 26.09 6.00 -11.40
N LEU C 244 26.90 5.00 -11.10
CA LEU C 244 26.49 3.60 -11.21
C LEU C 244 26.38 2.92 -9.85
N SER C 245 25.63 1.83 -9.82
CA SER C 245 25.42 1.10 -8.59
C SER C 245 26.13 -0.26 -8.62
N SER C 246 27.21 -0.39 -7.84
CA SER C 246 27.97 -1.63 -7.78
C SER C 246 27.12 -2.76 -7.20
N TYR C 247 26.13 -2.40 -6.40
CA TYR C 247 25.36 -3.39 -5.65
C TYR C 247 23.92 -3.54 -6.13
N SER C 248 23.67 -3.09 -7.36
CA SER C 248 22.43 -3.36 -8.10
C SER C 248 22.73 -4.31 -9.24
N ALA C 249 21.68 -4.87 -9.85
CA ALA C 249 21.88 -5.72 -11.03
C ALA C 249 22.49 -4.90 -12.18
N TYR C 250 23.43 -5.50 -12.90
CA TYR C 250 23.98 -4.92 -14.12
C TYR C 250 24.21 -5.97 -15.23
N GLY C 251 23.44 -7.05 -15.17
CA GLY C 251 23.50 -8.04 -16.23
C GLY C 251 22.84 -7.51 -17.49
N ARG C 252 23.17 -8.11 -18.63
CA ARG C 252 22.57 -7.75 -19.90
C ARG C 252 21.04 -7.78 -19.82
N GLY C 253 20.40 -6.68 -20.19
CA GLY C 253 18.96 -6.63 -20.20
C GLY C 253 18.34 -6.12 -18.92
N THR C 254 19.16 -5.95 -17.87
CA THR C 254 18.67 -5.37 -16.62
C THR C 254 18.49 -3.86 -16.76
N PRO C 255 17.67 -3.25 -15.87
CA PRO C 255 17.45 -1.81 -15.95
C PRO C 255 18.74 -0.98 -15.92
N GLN C 256 19.70 -1.28 -15.05
CA GLN C 256 20.91 -0.46 -15.01
C GLN C 256 21.76 -0.60 -16.27
N TYR C 257 21.95 -1.85 -16.72
CA TYR C 257 22.70 -2.14 -17.93
C TYR C 257 22.06 -1.42 -19.11
N THR C 258 20.74 -1.57 -19.23
CA THR C 258 19.96 -0.98 -20.30
C THR C 258 20.04 0.54 -20.25
N TRP C 259 19.92 1.10 -19.04
CA TRP C 259 19.96 2.55 -18.87
C TRP C 259 21.34 3.13 -19.21
N LEU C 260 22.39 2.47 -18.74
CA LEU C 260 23.75 2.92 -19.05
C LEU C 260 24.02 2.95 -20.55
N LYS C 261 23.59 1.92 -21.25
CA LYS C 261 23.86 1.80 -22.68
C LYS C 261 23.25 2.95 -23.48
N LYS C 262 22.03 3.34 -23.14
CA LYS C 262 21.39 4.46 -23.81
C LYS C 262 22.01 5.77 -23.36
N GLU C 263 22.29 5.88 -22.07
CA GLU C 263 22.82 7.11 -21.50
C GLU C 263 24.13 7.54 -22.17
N LEU C 264 24.99 6.57 -22.49
CA LEU C 264 26.28 6.84 -23.13
C LEU C 264 26.10 7.46 -24.51
N ARG C 265 25.09 6.99 -25.23
CA ARG C 265 24.71 7.56 -26.51
C ARG C 265 24.28 9.01 -26.41
N LYS C 266 23.82 9.43 -25.23
CA LYS C 266 23.34 10.79 -25.06
C LYS C 266 24.46 11.79 -24.80
N VAL C 267 25.65 11.30 -24.45
CA VAL C 267 26.75 12.19 -24.08
C VAL C 267 27.19 13.06 -25.28
N LYS C 268 27.34 14.36 -25.03
CA LYS C 268 27.82 15.30 -26.06
C LYS C 268 29.08 16.01 -25.58
N ARG C 269 30.24 15.63 -26.13
CA ARG C 269 31.52 16.17 -25.67
C ARG C 269 31.83 17.61 -26.13
N SER C 270 31.03 18.14 -27.04
CA SER C 270 31.19 19.54 -27.44
C SER C 270 30.41 20.44 -26.49
N GLU C 271 29.61 19.82 -25.62
CA GLU C 271 28.90 20.55 -24.57
C GLU C 271 29.50 20.25 -23.20
N THR C 272 29.65 18.97 -22.89
CA THR C 272 30.30 18.53 -21.65
C THR C 272 31.51 17.65 -22.00
N PRO C 273 32.67 18.29 -22.17
CA PRO C 273 33.90 17.65 -22.63
C PRO C 273 34.36 16.55 -21.67
N TRP C 274 34.12 16.75 -20.38
CA TRP C 274 34.63 15.86 -19.36
C TRP C 274 33.62 14.79 -18.96
N LEU C 275 33.92 13.55 -19.38
CA LEU C 275 33.06 12.42 -19.08
C LEU C 275 33.59 11.70 -17.85
N ILE C 276 32.79 11.73 -16.79
CA ILE C 276 33.22 11.22 -15.51
C ILE C 276 32.24 10.18 -15.03
N VAL C 277 32.78 9.05 -14.54
CA VAL C 277 31.98 7.99 -13.97
C VAL C 277 32.27 7.78 -12.47
N LEU C 278 31.21 7.65 -11.68
CA LEU C 278 31.36 7.30 -10.27
C LEU C 278 30.77 5.93 -10.03
N MET C 279 31.43 5.15 -9.16
CA MET C 279 30.94 3.87 -8.70
C MET C 279 31.62 3.58 -7.38
N HIS C 280 31.06 2.71 -6.58
CA HIS C 280 31.69 2.43 -5.29
C HIS C 280 32.92 1.51 -5.42
N SER C 281 32.75 0.37 -6.08
CA SER C 281 33.79 -0.66 -6.12
C SER C 281 34.68 -0.48 -7.33
N PRO C 282 35.99 -0.33 -7.09
CA PRO C 282 36.96 -0.05 -8.16
C PRO C 282 37.11 -1.21 -9.13
N LEU C 283 37.13 -0.90 -10.41
CA LEU C 283 37.36 -1.89 -11.44
C LEU C 283 38.84 -2.26 -11.53
N TYR C 284 39.70 -1.30 -11.17
CA TYR C 284 41.15 -1.51 -11.09
C TYR C 284 41.61 -1.24 -9.66
N ASN C 285 42.27 -2.22 -9.06
CA ASN C 285 42.60 -2.14 -7.64
C ASN C 285 43.70 -3.12 -7.28
N SER C 286 44.83 -2.61 -6.81
CA SER C 286 45.97 -3.48 -6.56
C SER C 286 46.25 -3.64 -5.07
N TYR C 287 45.29 -3.25 -4.24
CA TYR C 287 45.34 -3.60 -2.82
C TYR C 287 44.79 -5.00 -2.56
N ASN C 288 45.31 -5.65 -1.52
CA ASN C 288 44.81 -6.96 -1.13
C ASN C 288 43.33 -6.92 -0.80
N HIS C 289 42.94 -5.90 -0.03
CA HIS C 289 41.56 -5.78 0.39
C HIS C 289 40.62 -5.52 -0.79
N HIS C 290 39.61 -6.38 -0.94
CA HIS C 290 38.63 -6.27 -2.03
C HIS C 290 39.27 -6.49 -3.40
N PHE C 291 40.44 -7.12 -3.42
CA PHE C 291 41.08 -7.40 -4.69
C PHE C 291 40.14 -8.16 -5.61
N MET C 292 39.98 -7.66 -6.83
CA MET C 292 39.17 -8.31 -7.87
C MET C 292 37.66 -8.35 -7.64
N GLU C 293 37.18 -7.67 -6.61
CA GLU C 293 35.73 -7.54 -6.45
C GLU C 293 35.07 -6.86 -7.67
N GLY C 294 35.80 -5.94 -8.30
CA GLY C 294 35.27 -5.17 -9.41
C GLY C 294 35.22 -5.92 -10.74
N GLU C 295 35.73 -7.16 -10.76
CA GLU C 295 35.80 -7.95 -11.98
C GLU C 295 34.47 -8.12 -12.74
N ALA C 296 33.40 -8.40 -12.00
CA ALA C 296 32.10 -8.62 -12.62
C ALA C 296 31.62 -7.37 -13.37
N MET C 297 31.55 -6.24 -12.69
CA MET C 297 31.15 -5.03 -13.40
C MET C 297 32.12 -4.73 -14.56
N ARG C 298 33.40 -5.01 -14.34
CA ARG C 298 34.40 -4.69 -15.35
C ARG C 298 34.13 -5.43 -16.66
N THR C 299 33.65 -6.66 -16.57
CA THR C 299 33.38 -7.44 -17.78
C THR C 299 32.24 -6.85 -18.58
N LYS C 300 31.29 -6.20 -17.89
CA LYS C 300 30.12 -5.64 -18.55
C LYS C 300 30.39 -4.25 -19.11
N PHE C 301 31.14 -3.44 -18.35
CA PHE C 301 31.17 -2.01 -18.65
C PHE C 301 32.50 -1.44 -19.16
N GLU C 302 33.60 -2.17 -18.96
CA GLU C 302 34.92 -1.61 -19.31
C GLU C 302 35.03 -1.24 -20.78
N ALA C 303 34.59 -2.14 -21.65
CA ALA C 303 34.61 -1.89 -23.09
C ALA C 303 33.79 -0.66 -23.47
N TRP C 304 32.65 -0.47 -22.81
CA TRP C 304 31.83 0.72 -23.04
C TRP C 304 32.61 1.97 -22.65
N PHE C 305 33.38 1.90 -21.57
CA PHE C 305 34.05 3.09 -21.06
C PHE C 305 35.14 3.53 -22.05
N VAL C 306 35.75 2.55 -22.71
CA VAL C 306 36.82 2.84 -23.65
C VAL C 306 36.22 3.31 -24.97
N LYS C 307 35.14 2.67 -25.38
CA LYS C 307 34.49 3.03 -26.61
C LYS C 307 34.00 4.48 -26.57
N TYR C 308 33.55 4.92 -25.41
CA TYR C 308 33.08 6.29 -25.29
C TYR C 308 34.12 7.23 -24.73
N LYS C 309 35.33 6.71 -24.53
CA LYS C 309 36.47 7.54 -24.14
C LYS C 309 36.24 8.29 -22.84
N VAL C 310 35.69 7.60 -21.84
CA VAL C 310 35.54 8.18 -20.52
C VAL C 310 36.88 8.77 -20.06
N ASP C 311 36.87 9.98 -19.51
CA ASP C 311 38.12 10.59 -19.06
C ASP C 311 38.64 9.97 -17.78
N VAL C 312 37.74 9.73 -16.83
CA VAL C 312 38.12 9.26 -15.51
C VAL C 312 37.00 8.47 -14.81
N VAL C 313 37.39 7.43 -14.09
CA VAL C 313 36.45 6.65 -13.27
C VAL C 313 36.87 6.73 -11.80
N PHE C 314 36.01 7.24 -10.93
CA PHE C 314 36.34 7.34 -9.51
C PHE C 314 35.61 6.28 -8.71
N ALA C 315 36.33 5.65 -7.79
CA ALA C 315 35.70 4.71 -6.88
C ALA C 315 36.26 4.84 -5.46
N GLY C 316 35.59 4.21 -4.51
CA GLY C 316 36.08 4.17 -3.15
C GLY C 316 36.27 2.73 -2.74
N HIS C 317 35.59 2.34 -1.66
CA HIS C 317 35.53 0.97 -1.19
C HIS C 317 36.82 0.48 -0.55
N VAL C 318 37.94 0.62 -1.25
N VAL C 318 37.94 0.61 -1.28
CA VAL C 318 39.24 0.30 -0.68
CA VAL C 318 39.27 0.34 -0.74
C VAL C 318 39.83 1.52 0.02
C VAL C 318 39.73 1.56 0.05
N HIS C 319 40.17 1.35 1.29
CA HIS C 319 40.53 2.46 2.16
C HIS C 319 41.97 2.95 2.00
N ALA C 320 42.19 3.63 0.88
CA ALA C 320 43.52 4.04 0.49
C ALA C 320 43.41 4.79 -0.83
N TYR C 321 44.56 5.17 -1.38
CA TYR C 321 44.56 5.94 -2.61
C TYR C 321 45.30 5.20 -3.70
N GLU C 322 44.75 5.24 -4.90
CA GLU C 322 45.43 4.67 -6.08
C GLU C 322 44.98 5.36 -7.35
N ARG C 323 45.94 5.52 -8.26
CA ARG C 323 45.70 6.10 -9.57
C ARG C 323 46.32 5.15 -10.59
N SER C 324 45.50 4.70 -11.53
CA SER C 324 45.95 3.76 -12.56
C SER C 324 46.56 4.47 -13.74
N GLU C 325 47.24 3.71 -14.60
CA GLU C 325 47.63 4.19 -15.92
C GLU C 325 46.39 4.12 -16.82
N ARG C 326 46.45 4.74 -17.99
CA ARG C 326 45.37 4.55 -18.98
C ARG C 326 45.55 3.21 -19.66
N VAL C 327 44.80 2.21 -19.19
CA VAL C 327 44.94 0.85 -19.71
C VAL C 327 43.56 0.28 -19.96
N SER C 328 43.50 -0.77 -20.77
CA SER C 328 42.28 -1.56 -20.92
C SER C 328 42.59 -3.07 -20.93
N ASN C 329 41.57 -3.86 -20.67
CA ASN C 329 41.73 -5.30 -20.56
C ASN C 329 40.45 -5.90 -21.15
N ILE C 330 40.22 -5.59 -22.42
CA ILE C 330 38.95 -5.91 -23.06
C ILE C 330 39.10 -6.84 -24.26
N ALA C 331 40.24 -7.52 -24.35
CA ALA C 331 40.53 -8.34 -25.52
C ALA C 331 40.34 -9.85 -25.28
N TYR C 332 40.00 -10.20 -24.05
CA TYR C 332 39.91 -11.60 -23.65
C TYR C 332 38.75 -12.32 -24.34
N LYS C 333 39.02 -13.55 -24.81
CA LYS C 333 37.98 -14.38 -25.45
C LYS C 333 37.98 -15.82 -24.93
N ILE C 334 38.24 -15.98 -23.63
CA ILE C 334 38.28 -17.30 -22.99
C ILE C 334 39.53 -18.10 -23.34
N THR C 335 39.72 -18.36 -24.64
CA THR C 335 40.81 -19.22 -25.11
C THR C 335 41.92 -18.53 -25.93
N ASN C 336 41.83 -17.22 -26.11
CA ASN C 336 42.88 -16.50 -26.85
C ASN C 336 44.04 -16.01 -25.97
N GLY C 337 43.93 -16.22 -24.66
CA GLY C 337 44.99 -15.88 -23.72
C GLY C 337 45.25 -14.41 -23.49
N LEU C 338 44.40 -13.52 -24.02
CA LEU C 338 44.60 -12.08 -23.86
C LEU C 338 43.92 -11.54 -22.61
N CYS C 339 44.61 -11.64 -21.48
CA CYS C 339 44.03 -11.22 -20.19
C CYS C 339 44.91 -10.25 -19.42
N THR C 340 45.92 -9.69 -20.09
CA THR C 340 46.79 -8.71 -19.44
C THR C 340 46.37 -7.31 -19.90
N PRO C 341 46.27 -6.36 -18.95
CA PRO C 341 45.97 -4.97 -19.31
C PRO C 341 47.06 -4.36 -20.18
N VAL C 342 46.66 -3.58 -21.19
CA VAL C 342 47.62 -2.88 -22.04
C VAL C 342 47.40 -1.37 -22.04
N LYS C 343 48.48 -0.63 -22.28
CA LYS C 343 48.39 0.81 -22.54
C LYS C 343 47.35 1.05 -23.60
N ASP C 344 46.47 2.01 -23.36
CA ASP C 344 45.37 2.29 -24.26
C ASP C 344 44.90 3.74 -24.11
N GLN C 345 45.30 4.59 -25.05
CA GLN C 345 45.01 6.02 -24.96
C GLN C 345 43.52 6.42 -25.03
N SER C 346 42.65 5.48 -25.40
CA SER C 346 41.22 5.73 -25.38
C SER C 346 40.58 5.43 -24.03
N ALA C 347 41.32 4.79 -23.14
CA ALA C 347 40.77 4.37 -21.84
C ALA C 347 40.83 5.49 -20.81
N PRO C 348 39.95 5.43 -19.80
CA PRO C 348 40.00 6.37 -18.69
C PRO C 348 41.11 6.02 -17.72
N VAL C 349 41.44 6.96 -16.86
CA VAL C 349 42.26 6.68 -15.69
C VAL C 349 41.34 6.24 -14.57
N TYR C 350 41.74 5.20 -13.85
CA TYR C 350 40.96 4.72 -12.71
C TYR C 350 41.59 5.20 -11.41
N ILE C 351 40.81 5.92 -10.61
CA ILE C 351 41.30 6.46 -9.36
C ILE C 351 40.51 5.90 -8.20
N THR C 352 41.22 5.31 -7.24
CA THR C 352 40.63 4.87 -5.97
C THR C 352 40.84 5.94 -4.92
N ILE C 353 39.74 6.43 -4.34
CA ILE C 353 39.80 7.56 -3.43
C ILE C 353 38.94 7.31 -2.18
N GLY C 354 38.92 6.07 -1.71
CA GLY C 354 38.09 5.73 -0.58
C GLY C 354 38.82 5.82 0.74
N ASP C 355 39.55 6.92 0.94
CA ASP C 355 40.46 7.04 2.09
C ASP C 355 40.16 8.25 2.99
N ALA C 356 38.89 8.61 3.09
CA ALA C 356 38.51 9.82 3.81
C ALA C 356 38.47 9.62 5.33
N GLY C 357 38.41 8.36 5.78
CA GLY C 357 38.55 8.10 7.20
C GLY C 357 37.78 6.92 7.74
N ASN C 358 36.65 6.61 7.10
CA ASN C 358 35.78 5.52 7.56
C ASN C 358 35.67 5.47 9.09
N TYR C 359 35.83 4.29 9.68
CA TYR C 359 35.86 4.15 11.14
C TYR C 359 37.27 4.17 11.72
N GLY C 360 38.23 4.67 10.94
CA GLY C 360 39.58 4.93 11.44
C GLY C 360 40.66 3.95 11.01
N VAL C 361 40.36 3.12 10.00
CA VAL C 361 41.33 2.11 9.56
C VAL C 361 41.75 2.22 8.08
N ILE C 362 43.04 2.17 7.83
CA ILE C 362 43.57 2.27 6.47
C ILE C 362 43.89 0.86 5.93
N ASP C 363 43.73 0.69 4.62
CA ASP C 363 44.12 -0.56 3.96
C ASP C 363 45.54 -0.40 3.42
N SER C 364 46.49 -1.12 3.99
CA SER C 364 47.88 -0.90 3.63
C SER C 364 48.57 -2.10 2.94
N ASN C 365 47.93 -3.27 2.96
CA ASN C 365 48.47 -4.43 2.25
C ASN C 365 48.20 -4.35 0.75
N MET C 366 49.27 -4.29 -0.02
CA MET C 366 49.20 -4.15 -1.46
C MET C 366 49.76 -5.40 -2.13
N ILE C 367 49.25 -5.72 -3.32
CA ILE C 367 49.80 -6.76 -4.17
C ILE C 367 51.21 -6.35 -4.59
N GLN C 368 52.15 -7.30 -4.56
CA GLN C 368 53.54 -7.02 -4.96
C GLN C 368 53.99 -7.86 -6.16
N PRO C 369 54.73 -7.22 -7.08
CA PRO C 369 55.08 -5.79 -6.99
C PRO C 369 53.95 -4.91 -7.51
N GLN C 370 54.13 -3.59 -7.47
CA GLN C 370 53.15 -2.70 -8.09
C GLN C 370 53.00 -3.07 -9.56
N PRO C 371 51.77 -3.46 -9.96
CA PRO C 371 51.48 -3.84 -11.35
C PRO C 371 51.73 -2.68 -12.31
N GLU C 372 52.01 -2.98 -13.57
CA GLU C 372 52.24 -1.94 -14.56
C GLU C 372 51.02 -1.04 -14.76
N TYR C 373 49.83 -1.58 -14.54
CA TYR C 373 48.62 -0.78 -14.69
C TYR C 373 48.45 0.24 -13.58
N SER C 374 49.21 0.09 -12.50
CA SER C 374 49.12 1.04 -11.40
C SER C 374 50.21 2.12 -11.48
N ALA C 375 49.79 3.39 -11.51
CA ALA C 375 50.73 4.50 -11.57
C ALA C 375 51.23 4.96 -10.20
N PHE C 376 50.34 5.04 -9.22
CA PHE C 376 50.65 5.60 -7.91
C PHE C 376 49.66 5.09 -6.88
N ARG C 377 50.15 4.65 -5.74
CA ARG C 377 49.25 4.14 -4.69
C ARG C 377 49.83 4.43 -3.31
N GLU C 378 48.97 4.80 -2.37
CA GLU C 378 49.46 5.00 -1.01
C GLU C 378 48.37 4.91 0.03
N ALA C 379 48.69 4.21 1.11
CA ALA C 379 47.77 4.03 2.22
C ALA C 379 47.89 5.21 3.19
N SER C 380 47.21 6.30 2.86
CA SER C 380 47.02 7.42 3.78
C SER C 380 45.58 7.94 3.64
N PHE C 381 45.05 8.45 4.74
CA PHE C 381 43.77 9.12 4.70
C PHE C 381 43.92 10.42 3.91
N GLY C 382 42.89 10.79 3.17
CA GLY C 382 42.88 12.05 2.44
C GLY C 382 41.70 12.19 1.51
N HIS C 383 41.82 13.11 0.53
CA HIS C 383 40.72 13.37 -0.40
C HIS C 383 41.32 13.93 -1.68
N GLY C 384 40.50 14.03 -2.73
CA GLY C 384 40.96 14.50 -4.02
C GLY C 384 40.27 15.76 -4.51
N MET C 385 40.87 16.39 -5.51
CA MET C 385 40.30 17.57 -6.17
C MET C 385 40.47 17.43 -7.67
N PHE C 386 39.36 17.54 -8.41
CA PHE C 386 39.40 17.41 -9.86
C PHE C 386 39.08 18.78 -10.42
N ASP C 387 40.11 19.50 -10.83
CA ASP C 387 39.96 20.90 -11.17
C ASP C 387 39.98 21.14 -12.68
N ILE C 388 38.80 21.37 -13.25
CA ILE C 388 38.68 21.56 -14.69
C ILE C 388 39.01 22.99 -15.10
N LYS C 389 40.03 23.12 -15.94
CA LYS C 389 40.50 24.43 -16.41
C LYS C 389 39.80 24.78 -17.71
N ASN C 390 39.65 23.78 -18.59
CA ASN C 390 39.03 24.00 -19.88
C ASN C 390 38.75 22.68 -20.60
N ARG C 391 38.45 22.73 -21.89
CA ARG C 391 38.06 21.52 -22.58
C ARG C 391 39.22 20.54 -22.79
N THR C 392 40.45 21.03 -22.66
CA THR C 392 41.63 20.16 -22.86
C THR C 392 42.32 19.73 -21.56
N HIS C 393 42.28 20.57 -20.53
CA HIS C 393 43.05 20.34 -19.30
C HIS C 393 42.20 20.26 -18.02
N ALA C 394 42.48 19.26 -17.21
CA ALA C 394 41.90 19.15 -15.87
C ALA C 394 43.01 18.73 -14.94
N HIS C 395 43.11 19.36 -13.78
CA HIS C 395 44.19 19.05 -12.84
C HIS C 395 43.65 18.26 -11.66
N PHE C 396 44.21 17.06 -11.45
CA PHE C 396 43.82 16.26 -10.29
C PHE C 396 44.89 16.32 -9.23
N SER C 397 44.48 16.52 -7.98
CA SER C 397 45.42 16.50 -6.88
C SER C 397 44.89 15.66 -5.75
N TRP C 398 45.81 15.07 -5.00
CA TRP C 398 45.50 14.28 -3.83
C TRP C 398 46.16 14.89 -2.59
N ASN C 399 45.37 15.13 -1.56
CA ASN C 399 45.89 15.78 -0.37
C ASN C 399 45.78 14.86 0.82
N ARG C 400 46.88 14.69 1.56
CA ARG C 400 46.90 13.75 2.68
C ARG C 400 46.53 14.47 3.95
N ASN C 401 45.92 13.75 4.90
CA ASN C 401 45.62 14.36 6.19
C ASN C 401 46.85 14.70 7.02
N GLN C 402 47.96 14.01 6.80
CA GLN C 402 49.16 14.30 7.58
C GLN C 402 49.94 15.48 7.00
N ASP C 403 49.52 15.95 5.84
CA ASP C 403 50.17 17.08 5.20
C ASP C 403 49.46 18.39 5.48
N GLY C 404 50.10 19.49 5.10
CA GLY C 404 49.45 20.78 5.11
C GLY C 404 48.33 20.78 4.09
N VAL C 405 47.33 21.64 4.30
CA VAL C 405 46.15 21.65 3.44
C VAL C 405 46.44 22.04 1.99
N ALA C 406 47.59 22.65 1.74
CA ALA C 406 47.97 23.07 0.39
C ALA C 406 48.95 22.12 -0.28
N VAL C 407 49.36 21.08 0.46
CA VAL C 407 50.30 20.11 -0.09
C VAL C 407 49.57 19.06 -0.94
N GLU C 408 50.07 18.83 -2.14
CA GLU C 408 49.59 17.74 -2.99
C GLU C 408 50.64 16.63 -3.04
N ALA C 409 50.36 15.50 -2.38
CA ALA C 409 51.29 14.38 -2.40
C ALA C 409 51.28 13.65 -3.74
N ASP C 410 50.19 13.78 -4.49
CA ASP C 410 50.16 13.31 -5.88
C ASP C 410 49.36 14.32 -6.68
N SER C 411 49.78 14.58 -7.90
CA SER C 411 49.01 15.41 -8.81
C SER C 411 49.27 14.98 -10.24
N VAL C 412 48.34 15.30 -11.12
CA VAL C 412 48.50 14.95 -12.51
C VAL C 412 47.56 15.76 -13.37
N TRP C 413 48.05 16.16 -14.54
CA TRP C 413 47.22 16.83 -15.53
C TRP C 413 46.47 15.82 -16.35
N PHE C 414 45.14 15.95 -16.38
CA PHE C 414 44.32 15.14 -17.27
C PHE C 414 44.22 15.81 -18.63
N PHE C 415 44.56 15.07 -19.68
CA PHE C 415 44.39 15.56 -21.03
C PHE C 415 43.12 14.92 -21.60
N ASN C 416 42.15 15.76 -21.94
CA ASN C 416 40.84 15.30 -22.35
C ASN C 416 40.88 14.26 -23.48
N ARG C 417 40.14 13.17 -23.30
CA ARG C 417 40.18 12.06 -24.24
C ARG C 417 39.55 12.40 -25.58
N HIS C 418 38.63 13.34 -25.58
CA HIS C 418 37.98 13.76 -26.82
C HIS C 418 38.74 14.90 -27.48
N TRP C 419 39.06 15.94 -26.70
CA TRP C 419 39.67 17.16 -27.22
C TRP C 419 41.20 17.16 -27.28
N TYR C 420 41.87 16.32 -26.48
CA TYR C 420 43.32 16.39 -26.43
C TYR C 420 43.94 15.08 -25.92
N PRO C 421 43.84 13.99 -26.72
CA PRO C 421 44.18 12.64 -26.26
C PRO C 421 45.65 12.30 -26.31
N VAL C 422 46.50 13.10 -25.68
CA VAL C 422 47.92 12.84 -25.68
C VAL C 422 48.31 12.11 -24.40
N ASP C 423 49.51 11.55 -24.38
CA ASP C 423 49.98 10.78 -23.22
C ASP C 423 50.07 11.64 -21.95
N ASP C 424 49.32 11.25 -20.93
CA ASP C 424 49.34 11.98 -19.66
C ASP C 424 49.69 11.09 -18.46
N LYS D 1 -41.35 -3.55 -17.82
CA LYS D 1 -40.38 -3.63 -16.75
C LYS D 1 -39.09 -2.89 -17.10
N ASN D 2 -38.33 -3.45 -18.04
CA ASN D 2 -37.04 -2.89 -18.40
C ASN D 2 -37.17 -1.67 -19.31
N ARG D 3 -36.93 -0.49 -18.76
CA ARG D 3 -37.06 0.74 -19.53
C ARG D 3 -35.71 1.43 -19.74
N ASP D 4 -34.63 0.72 -19.42
CA ASP D 4 -33.30 1.26 -19.69
C ASP D 4 -33.02 1.21 -21.18
N MET D 5 -32.38 2.25 -21.69
CA MET D 5 -31.97 2.30 -23.08
C MET D 5 -30.96 1.19 -23.40
N PRO D 6 -31.18 0.49 -24.52
CA PRO D 6 -30.36 -0.65 -24.95
C PRO D 6 -28.93 -0.21 -25.23
N LEU D 7 -27.99 -1.14 -25.14
CA LEU D 7 -26.58 -0.85 -25.37
C LEU D 7 -26.28 -0.15 -26.70
N ASP D 8 -27.04 -0.44 -27.74
CA ASP D 8 -26.73 0.12 -29.05
C ASP D 8 -27.45 1.43 -29.32
N SER D 9 -28.02 2.03 -28.27
CA SER D 9 -28.68 3.32 -28.41
C SER D 9 -27.71 4.40 -28.85
N ASP D 10 -28.23 5.40 -29.56
CA ASP D 10 -27.40 6.48 -30.09
C ASP D 10 -26.62 7.23 -29.00
N VAL D 11 -27.25 7.44 -27.84
CA VAL D 11 -26.63 8.18 -26.75
C VAL D 11 -25.39 7.48 -26.18
N PHE D 12 -25.31 6.16 -26.36
CA PHE D 12 -24.19 5.39 -25.84
C PHE D 12 -23.06 5.21 -26.85
N ARG D 13 -23.20 5.78 -28.03
CA ARG D 13 -22.21 5.52 -29.07
C ARG D 13 -20.77 5.88 -28.67
N VAL D 14 -19.80 5.22 -29.29
CA VAL D 14 -18.41 5.40 -28.93
C VAL D 14 -17.71 6.40 -29.85
N PRO D 15 -17.14 7.46 -29.26
CA PRO D 15 -16.37 8.38 -30.11
C PRO D 15 -15.33 7.59 -30.90
N PRO D 16 -15.24 7.81 -32.22
CA PRO D 16 -14.34 7.04 -33.08
C PRO D 16 -12.91 7.56 -33.06
N GLY D 17 -11.97 6.70 -33.45
CA GLY D 17 -10.56 7.05 -33.48
C GLY D 17 -9.81 6.30 -32.41
N TYR D 18 -8.61 5.84 -32.72
CA TYR D 18 -7.88 5.02 -31.78
C TYR D 18 -7.73 5.73 -30.41
N ASN D 19 -8.06 5.04 -29.34
CA ASN D 19 -7.98 5.59 -27.97
C ASN D 19 -8.65 6.95 -27.80
N ALA D 20 -9.74 7.16 -28.52
CA ALA D 20 -10.53 8.38 -28.38
C ALA D 20 -11.12 8.49 -26.98
N PRO D 21 -10.84 9.62 -26.31
CA PRO D 21 -11.45 9.96 -25.02
C PRO D 21 -12.96 9.89 -25.08
N GLN D 22 -13.57 9.24 -24.10
CA GLN D 22 -15.02 9.16 -23.99
C GLN D 22 -15.39 9.45 -22.53
N GLN D 23 -16.69 9.48 -22.27
CA GLN D 23 -17.22 9.83 -20.95
C GLN D 23 -16.52 11.07 -20.39
N VAL D 24 -16.41 12.12 -21.19
CA VAL D 24 -15.74 13.33 -20.74
C VAL D 24 -16.67 14.11 -19.83
N HIS D 25 -16.16 14.57 -18.68
CA HIS D 25 -16.96 15.36 -17.76
C HIS D 25 -16.14 16.34 -16.92
N ILE D 26 -16.75 17.45 -16.54
CA ILE D 26 -16.05 18.49 -15.81
C ILE D 26 -16.80 18.87 -14.54
N THR D 27 -16.08 19.44 -13.59
CA THR D 27 -16.71 19.99 -12.41
C THR D 27 -15.80 21.05 -11.82
N GLN D 28 -16.32 21.88 -10.92
CA GLN D 28 -15.50 22.93 -10.32
C GLN D 28 -14.32 22.34 -9.55
N GLY D 29 -13.14 22.93 -9.74
CA GLY D 29 -11.90 22.34 -9.23
C GLY D 29 -11.26 23.07 -8.06
N ASP D 30 -11.92 24.12 -7.59
CA ASP D 30 -11.44 24.90 -6.47
C ASP D 30 -12.63 25.44 -5.71
N LEU D 31 -12.35 26.25 -4.69
CA LEU D 31 -13.40 26.77 -3.83
C LEU D 31 -14.22 27.87 -4.49
N VAL D 32 -13.58 28.76 -5.26
CA VAL D 32 -14.29 29.96 -5.75
C VAL D 32 -14.54 30.02 -7.25
N GLY D 33 -14.10 29.01 -8.00
CA GLY D 33 -14.46 28.91 -9.41
C GLY D 33 -13.39 29.26 -10.43
N ARG D 34 -12.13 29.30 -10.01
CA ARG D 34 -11.04 29.58 -10.95
C ARG D 34 -10.39 28.32 -11.47
N ALA D 35 -10.90 27.16 -11.07
CA ALA D 35 -10.31 25.90 -11.50
C ALA D 35 -11.37 24.92 -11.97
N MET D 36 -10.97 23.96 -12.80
CA MET D 36 -11.87 22.93 -13.31
C MET D 36 -11.20 21.54 -13.27
N ILE D 37 -11.89 20.55 -12.71
CA ILE D 37 -11.42 19.18 -12.87
C ILE D 37 -11.96 18.61 -14.19
N ILE D 38 -11.05 18.26 -15.09
CA ILE D 38 -11.40 17.62 -16.36
C ILE D 38 -11.23 16.10 -16.26
N SER D 39 -12.28 15.35 -16.58
CA SER D 39 -12.27 13.90 -16.43
C SER D 39 -12.70 13.13 -17.68
N TRP D 40 -12.01 12.02 -17.94
CA TRP D 40 -12.38 11.17 -19.07
C TRP D 40 -11.76 9.77 -18.99
N VAL D 41 -12.23 8.89 -19.87
CA VAL D 41 -11.76 7.51 -19.95
C VAL D 41 -11.19 7.20 -21.33
N THR D 42 -10.06 6.51 -21.37
CA THR D 42 -9.60 5.92 -22.63
C THR D 42 -9.67 4.40 -22.52
N MET D 43 -10.08 3.73 -23.59
CA MET D 43 -10.29 2.30 -23.52
C MET D 43 -9.17 1.45 -24.11
N ASP D 44 -8.45 1.98 -25.09
CA ASP D 44 -7.48 1.17 -25.83
C ASP D 44 -6.12 1.07 -25.18
N GLU D 45 -5.70 2.15 -24.52
CA GLU D 45 -4.47 2.17 -23.76
C GLU D 45 -4.48 3.35 -22.80
N PRO D 46 -3.57 3.34 -21.82
CA PRO D 46 -3.46 4.42 -20.82
C PRO D 46 -3.55 5.83 -21.41
N GLY D 47 -2.64 6.16 -22.31
CA GLY D 47 -2.66 7.46 -22.94
C GLY D 47 -2.21 8.57 -22.01
N SER D 48 -2.30 9.82 -22.48
CA SER D 48 -1.84 10.95 -21.69
C SER D 48 -2.95 11.53 -20.84
N SER D 49 -2.59 11.98 -19.64
CA SER D 49 -3.50 12.74 -18.79
C SER D 49 -3.35 14.25 -19.00
N ALA D 50 -2.61 14.66 -20.02
CA ALA D 50 -2.42 16.08 -20.30
C ALA D 50 -3.68 16.68 -20.88
N VAL D 51 -4.01 17.88 -20.44
CA VAL D 51 -5.09 18.64 -21.05
C VAL D 51 -4.53 19.93 -21.65
N ARG D 52 -4.92 20.22 -22.87
CA ARG D 52 -4.58 21.49 -23.50
C ARG D 52 -5.78 22.43 -23.43
N TYR D 53 -5.53 23.70 -23.10
CA TYR D 53 -6.62 24.66 -22.97
C TYR D 53 -6.16 26.06 -23.28
N TRP D 54 -7.11 26.90 -23.73
CA TRP D 54 -6.82 28.30 -24.01
C TRP D 54 -8.11 29.10 -23.95
N SER D 55 -8.01 30.36 -23.52
CA SER D 55 -9.19 31.22 -23.52
C SER D 55 -9.53 31.66 -24.93
N GLU D 56 -10.83 31.86 -25.16
CA GLU D 56 -11.34 32.20 -26.48
C GLU D 56 -10.66 33.43 -27.06
N LYS D 57 -10.20 34.31 -26.17
CA LYS D 57 -9.56 35.56 -26.59
C LYS D 57 -8.03 35.46 -26.57
N ASN D 58 -7.44 35.48 -25.37
CA ASN D 58 -6.00 35.32 -25.16
C ASN D 58 -5.39 34.41 -26.23
N GLY D 59 -5.87 33.16 -26.27
CA GLY D 59 -5.38 32.20 -27.23
C GLY D 59 -4.14 31.45 -26.79
N ARG D 60 -3.41 32.00 -25.82
CA ARG D 60 -2.20 31.35 -25.31
C ARG D 60 -2.50 29.92 -24.83
N LYS D 61 -2.04 28.93 -25.59
CA LYS D 61 -2.34 27.54 -25.30
C LYS D 61 -1.44 26.95 -24.21
N ARG D 62 -2.05 26.39 -23.17
CA ARG D 62 -1.32 25.83 -22.03
C ARG D 62 -1.58 24.34 -21.84
N ILE D 63 -0.70 23.69 -21.08
CA ILE D 63 -0.88 22.29 -20.77
C ILE D 63 -1.00 22.09 -19.27
N ALA D 64 -2.01 21.31 -18.87
CA ALA D 64 -2.10 20.88 -17.48
C ALA D 64 -1.93 19.37 -17.47
N LYS D 65 -1.26 18.88 -16.43
CA LYS D 65 -0.95 17.46 -16.33
C LYS D 65 -1.77 16.86 -15.19
N GLY D 66 -2.37 15.70 -15.45
CA GLY D 66 -3.19 15.05 -14.45
C GLY D 66 -2.71 13.67 -14.06
N LYS D 67 -3.65 12.82 -13.67
CA LYS D 67 -3.32 11.48 -13.18
C LYS D 67 -4.24 10.42 -13.76
N MET D 68 -3.70 9.23 -13.93
CA MET D 68 -4.47 8.13 -14.50
C MET D 68 -4.70 7.11 -13.39
N SER D 69 -5.87 6.48 -13.40
CA SER D 69 -6.15 5.41 -12.44
C SER D 69 -7.06 4.35 -13.06
N THR D 70 -7.10 3.17 -12.44
CA THR D 70 -8.02 2.10 -12.85
C THR D 70 -8.59 1.42 -11.62
N TYR D 71 -9.68 0.68 -11.82
CA TYR D 71 -10.22 -0.16 -10.77
C TYR D 71 -10.87 -1.41 -11.35
N ARG D 72 -11.07 -2.40 -10.47
CA ARG D 72 -11.82 -3.61 -10.81
C ARG D 72 -13.03 -3.68 -9.89
N PHE D 73 -14.10 -4.30 -10.38
CA PHE D 73 -15.27 -4.56 -9.58
C PHE D 73 -15.77 -5.95 -9.99
N PHE D 74 -15.57 -6.95 -9.13
CA PHE D 74 -15.92 -8.33 -9.49
C PHE D 74 -15.16 -8.75 -10.76
N ASN D 75 -15.86 -9.19 -11.80
CA ASN D 75 -15.17 -9.59 -13.04
C ASN D 75 -15.01 -8.42 -14.01
N TYR D 76 -15.38 -7.23 -13.58
CA TYR D 76 -15.25 -6.03 -14.42
C TYR D 76 -13.91 -5.33 -14.21
N SER D 77 -13.29 -4.92 -15.31
CA SER D 77 -12.02 -4.21 -15.25
C SER D 77 -12.18 -2.95 -16.06
N SER D 78 -11.97 -1.80 -15.41
CA SER D 78 -12.24 -0.50 -16.03
C SER D 78 -11.20 -0.14 -17.09
N GLY D 79 -11.53 0.85 -17.90
CA GLY D 79 -10.57 1.46 -18.79
C GLY D 79 -9.69 2.41 -18.00
N PHE D 80 -8.98 3.27 -18.72
CA PHE D 80 -8.06 4.19 -18.09
C PHE D 80 -8.68 5.53 -17.78
N ILE D 81 -8.87 5.78 -16.48
CA ILE D 81 -9.60 6.95 -16.02
C ILE D 81 -8.64 8.09 -15.75
N HIS D 82 -8.95 9.26 -16.31
CA HIS D 82 -8.09 10.43 -16.18
C HIS D 82 -8.80 11.54 -15.43
N HIS D 83 -8.06 12.23 -14.57
CA HIS D 83 -8.56 13.39 -13.84
C HIS D 83 -7.44 14.42 -13.82
N THR D 84 -7.73 15.60 -14.35
CA THR D 84 -6.75 16.67 -14.45
C THR D 84 -7.34 18.00 -14.02
N THR D 85 -6.62 18.73 -13.18
CA THR D 85 -7.13 20.02 -12.74
C THR D 85 -6.48 21.21 -13.46
N ILE D 86 -7.30 22.03 -14.11
CA ILE D 86 -6.87 23.29 -14.71
C ILE D 86 -7.08 24.39 -13.68
N ARG D 87 -6.04 25.18 -13.42
CA ARG D 87 -6.12 26.21 -12.38
C ARG D 87 -5.91 27.62 -12.91
N LYS D 88 -6.13 28.61 -12.04
CA LYS D 88 -5.83 30.00 -12.35
C LYS D 88 -6.56 30.53 -13.56
N LEU D 89 -7.77 30.02 -13.80
CA LEU D 89 -8.57 30.51 -14.90
C LEU D 89 -9.12 31.91 -14.61
N LYS D 90 -9.32 32.69 -15.67
CA LYS D 90 -9.94 33.99 -15.57
C LYS D 90 -11.45 33.82 -15.44
N TYR D 91 -12.06 34.70 -14.66
CA TYR D 91 -13.49 34.63 -14.40
C TYR D 91 -14.28 35.01 -15.64
N ASN D 92 -15.50 34.51 -15.74
CA ASN D 92 -16.41 34.90 -16.81
C ASN D 92 -15.79 34.83 -18.21
N THR D 93 -14.96 33.81 -18.48
CA THR D 93 -14.42 33.67 -19.83
C THR D 93 -14.56 32.26 -20.42
N LYS D 94 -14.89 32.21 -21.71
CA LYS D 94 -15.01 30.96 -22.42
C LYS D 94 -13.63 30.35 -22.64
N TYR D 95 -13.49 29.07 -22.33
CA TYR D 95 -12.25 28.38 -22.60
C TYR D 95 -12.53 27.20 -23.49
N TYR D 96 -11.54 26.83 -24.29
CA TYR D 96 -11.60 25.58 -25.02
C TYR D 96 -10.62 24.64 -24.36
N TYR D 97 -10.91 23.35 -24.38
CA TYR D 97 -9.95 22.36 -23.90
C TYR D 97 -9.94 21.12 -24.78
N GLU D 98 -8.80 20.43 -24.77
CA GLU D 98 -8.59 19.25 -25.59
C GLU D 98 -8.02 18.12 -24.77
N VAL D 99 -8.58 16.92 -24.95
CA VAL D 99 -8.07 15.71 -24.30
C VAL D 99 -7.72 14.68 -25.38
N GLY D 100 -6.83 13.75 -25.05
CA GLY D 100 -6.45 12.71 -25.98
C GLY D 100 -5.31 13.13 -26.89
N LEU D 101 -4.32 13.79 -26.30
CA LEU D 101 -3.30 14.49 -27.07
C LEU D 101 -2.25 13.57 -27.71
N ARG D 102 -2.20 12.32 -27.28
CA ARG D 102 -1.27 11.36 -27.88
C ARG D 102 -1.78 10.80 -29.21
N ASN D 103 -3.06 10.45 -29.25
CA ASN D 103 -3.62 9.82 -30.45
C ASN D 103 -4.81 10.58 -31.06
N THR D 104 -6.03 10.33 -30.55
CA THR D 104 -7.23 10.99 -31.06
C THR D 104 -7.68 12.15 -30.16
N THR D 105 -7.48 13.38 -30.61
CA THR D 105 -7.86 14.55 -29.84
C THR D 105 -9.35 14.87 -29.98
N ARG D 106 -9.99 15.17 -28.86
CA ARG D 106 -11.38 15.63 -28.86
C ARG D 106 -11.44 16.94 -28.10
N ARG D 107 -12.24 17.87 -28.63
CA ARG D 107 -12.21 19.25 -28.13
C ARG D 107 -13.56 19.65 -27.55
N PHE D 108 -13.52 20.47 -26.50
CA PHE D 108 -14.74 20.88 -25.81
C PHE D 108 -14.54 22.31 -25.31
N SER D 109 -15.52 22.82 -24.57
CA SER D 109 -15.39 24.16 -24.01
C SER D 109 -16.25 24.36 -22.78
N PHE D 110 -15.88 25.36 -21.99
CA PHE D 110 -16.68 25.79 -20.86
C PHE D 110 -16.53 27.29 -20.61
N ILE D 111 -17.38 27.81 -19.75
CA ILE D 111 -17.33 29.23 -19.41
C ILE D 111 -17.21 29.35 -17.91
N THR D 112 -16.09 29.90 -17.46
CA THR D 112 -15.93 30.13 -16.03
C THR D 112 -17.00 31.09 -15.54
N PRO D 113 -17.47 30.87 -14.31
CA PRO D 113 -18.47 31.77 -13.69
C PRO D 113 -17.83 33.13 -13.40
N PRO D 114 -18.66 34.11 -13.02
CA PRO D 114 -18.09 35.40 -12.65
C PRO D 114 -17.46 35.25 -11.28
N GLN D 115 -16.64 36.20 -10.86
CA GLN D 115 -16.07 36.14 -9.53
C GLN D 115 -17.23 36.11 -8.53
N THR D 116 -17.05 35.44 -7.40
CA THR D 116 -18.11 35.36 -6.41
C THR D 116 -18.43 36.76 -5.94
N GLY D 117 -19.72 37.04 -5.69
CA GLY D 117 -20.11 38.35 -5.24
C GLY D 117 -21.57 38.43 -4.86
N LEU D 118 -21.93 39.49 -4.14
CA LEU D 118 -23.26 39.65 -3.57
C LEU D 118 -24.41 39.55 -4.56
N ASP D 119 -24.30 40.28 -5.66
CA ASP D 119 -25.42 40.41 -6.59
C ASP D 119 -25.16 39.77 -7.95
N VAL D 120 -24.21 38.84 -8.00
CA VAL D 120 -23.87 38.11 -9.23
C VAL D 120 -24.96 37.11 -9.56
N PRO D 121 -25.69 37.32 -10.67
CA PRO D 121 -26.75 36.38 -11.05
C PRO D 121 -26.18 35.08 -11.63
N TYR D 122 -26.96 34.00 -11.57
CA TYR D 122 -26.50 32.69 -12.07
C TYR D 122 -27.66 31.70 -12.08
N THR D 123 -27.59 30.75 -13.02
CA THR D 123 -28.67 29.80 -13.20
C THR D 123 -28.21 28.36 -12.95
N PHE D 124 -28.82 27.69 -11.98
CA PHE D 124 -28.48 26.31 -11.68
C PHE D 124 -29.58 25.36 -12.12
N GLY D 125 -29.20 24.29 -12.79
CA GLY D 125 -30.12 23.20 -13.03
C GLY D 125 -30.15 22.28 -11.83
N LEU D 126 -31.32 21.74 -11.52
CA LEU D 126 -31.42 20.70 -10.51
C LEU D 126 -31.89 19.40 -11.13
N ILE D 127 -31.13 18.35 -10.87
CA ILE D 127 -31.35 17.05 -11.48
C ILE D 127 -30.96 15.99 -10.46
N GLY D 128 -31.85 15.04 -10.23
CA GLY D 128 -31.56 13.97 -9.30
C GLY D 128 -32.04 12.62 -9.80
N ASP D 129 -31.26 11.58 -9.49
CA ASP D 129 -31.69 10.21 -9.78
C ASP D 129 -31.88 10.02 -11.28
N LEU D 130 -30.88 10.44 -12.06
CA LEU D 130 -30.99 10.46 -13.51
C LEU D 130 -31.17 9.06 -14.12
N GLY D 131 -30.20 8.17 -13.90
CA GLY D 131 -30.27 6.85 -14.48
C GLY D 131 -30.10 6.94 -15.99
N GLN D 132 -30.54 5.89 -16.68
CA GLN D 132 -30.36 5.83 -18.12
C GLN D 132 -31.52 5.13 -18.85
N SER D 133 -32.73 5.41 -18.39
CA SER D 133 -33.93 5.01 -19.11
C SER D 133 -34.27 6.07 -20.15
N PHE D 134 -35.30 5.84 -20.96
CA PHE D 134 -35.74 6.82 -21.94
C PHE D 134 -36.26 8.06 -21.24
N ASP D 135 -36.80 7.87 -20.04
CA ASP D 135 -37.27 9.01 -19.29
C ASP D 135 -36.10 9.94 -19.00
N SER D 136 -34.96 9.33 -18.67
CA SER D 136 -33.75 10.04 -18.31
C SER D 136 -33.30 10.92 -19.46
N ASN D 137 -33.39 10.36 -20.66
CA ASN D 137 -32.99 11.07 -21.86
C ASN D 137 -33.87 12.29 -22.13
N THR D 138 -35.17 12.13 -21.90
CA THR D 138 -36.11 13.23 -22.09
C THR D 138 -35.76 14.38 -21.14
N THR D 139 -35.56 14.04 -19.87
CA THR D 139 -35.17 15.04 -18.87
C THR D 139 -33.93 15.81 -19.30
N LEU D 140 -32.91 15.09 -19.74
CA LEU D 140 -31.70 15.77 -20.15
C LEU D 140 -31.98 16.73 -21.33
N SER D 141 -32.66 16.22 -22.35
CA SER D 141 -33.10 17.05 -23.46
C SER D 141 -33.86 18.27 -22.96
N HIS D 142 -34.84 18.07 -22.07
CA HIS D 142 -35.57 19.21 -21.54
C HIS D 142 -34.65 20.23 -20.89
N TYR D 143 -33.66 19.79 -20.12
CA TYR D 143 -32.72 20.71 -19.49
C TYR D 143 -31.94 21.49 -20.55
N GLU D 144 -31.38 20.77 -21.52
CA GLU D 144 -30.62 21.39 -22.60
C GLU D 144 -31.41 22.47 -23.34
N LEU D 145 -32.72 22.26 -23.50
CA LEU D 145 -33.57 23.13 -24.31
C LEU D 145 -34.25 24.23 -23.51
N SER D 146 -33.96 24.30 -22.22
CA SER D 146 -34.61 25.29 -21.37
C SER D 146 -34.32 26.70 -21.85
N PRO D 147 -35.38 27.50 -22.03
CA PRO D 147 -35.24 28.90 -22.44
C PRO D 147 -34.36 29.61 -21.42
N LYS D 148 -34.49 29.21 -20.16
CA LYS D 148 -33.72 29.78 -19.05
C LYS D 148 -32.21 29.62 -19.22
N LYS D 149 -31.78 28.43 -19.59
CA LYS D 149 -30.37 28.17 -19.91
C LYS D 149 -29.51 27.95 -18.65
N GLY D 150 -29.49 26.72 -18.16
CA GLY D 150 -28.67 26.40 -17.00
C GLY D 150 -27.17 26.44 -17.25
N GLN D 151 -26.42 26.96 -16.27
CA GLN D 151 -24.98 27.14 -16.38
C GLN D 151 -24.18 26.11 -15.55
N THR D 152 -24.85 25.47 -14.61
CA THR D 152 -24.23 24.45 -13.76
C THR D 152 -25.36 23.56 -13.26
N VAL D 153 -25.10 22.25 -13.23
CA VAL D 153 -26.07 21.31 -12.71
C VAL D 153 -25.74 20.94 -11.27
N LEU D 154 -26.71 21.10 -10.39
CA LEU D 154 -26.62 20.57 -9.03
C LEU D 154 -27.23 19.16 -9.02
N PHE D 155 -26.39 18.15 -8.87
CA PHE D 155 -26.84 16.75 -8.97
C PHE D 155 -26.98 16.13 -7.59
N VAL D 156 -28.20 15.76 -7.22
CA VAL D 156 -28.49 15.32 -5.86
C VAL D 156 -28.38 13.81 -5.65
N GLY D 157 -27.69 13.13 -6.57
CA GLY D 157 -27.35 11.75 -6.36
C GLY D 157 -28.15 10.71 -7.11
N ASP D 158 -27.64 9.49 -7.10
CA ASP D 158 -28.16 8.39 -7.87
C ASP D 158 -27.94 8.65 -9.35
N LEU D 159 -26.73 8.31 -9.79
CA LEU D 159 -26.25 8.60 -11.14
C LEU D 159 -26.67 7.58 -12.23
N SER D 160 -25.98 6.44 -12.26
CA SER D 160 -26.10 5.50 -13.39
C SER D 160 -27.06 4.33 -13.15
N TYR D 161 -27.30 4.00 -11.89
CA TYR D 161 -28.07 2.82 -11.55
C TYR D 161 -27.44 1.53 -12.09
N ALA D 162 -26.12 1.55 -12.30
CA ALA D 162 -25.42 0.35 -12.72
C ALA D 162 -25.65 -0.76 -11.72
N ASP D 163 -25.94 -0.39 -10.48
CA ASP D 163 -26.02 -1.40 -9.44
C ASP D 163 -27.26 -2.28 -9.55
N ARG D 164 -28.22 -1.88 -10.39
CA ARG D 164 -29.42 -2.70 -10.59
C ARG D 164 -29.12 -3.88 -11.49
N TYR D 165 -27.96 -3.85 -12.13
CA TYR D 165 -27.58 -4.91 -13.07
C TYR D 165 -26.88 -6.08 -12.36
N PRO D 166 -26.88 -7.26 -13.02
CA PRO D 166 -26.14 -8.42 -12.51
C PRO D 166 -24.71 -8.04 -12.12
N ASN D 167 -24.35 -8.25 -10.86
CA ASN D 167 -23.05 -7.84 -10.35
C ASN D 167 -22.73 -6.37 -10.60
N HIS D 168 -23.77 -5.55 -10.69
CA HIS D 168 -23.63 -4.10 -10.88
C HIS D 168 -22.98 -3.76 -12.20
N ASP D 169 -23.07 -4.67 -13.17
CA ASP D 169 -22.41 -4.51 -14.48
C ASP D 169 -21.87 -3.11 -14.69
N ASN D 170 -20.59 -2.89 -14.33
CA ASN D 170 -20.00 -1.55 -14.39
C ASN D 170 -19.92 -1.00 -15.83
N VAL D 171 -20.07 -1.86 -16.82
CA VAL D 171 -20.26 -1.37 -18.18
C VAL D 171 -21.33 -0.27 -18.17
N ARG D 172 -22.29 -0.36 -17.24
CA ARG D 172 -23.39 0.59 -17.24
C ARG D 172 -23.03 1.94 -16.59
N TRP D 173 -21.89 2.00 -15.94
CA TRP D 173 -21.27 3.27 -15.61
C TRP D 173 -20.72 3.92 -16.89
N ASP D 174 -19.99 3.13 -17.66
CA ASP D 174 -19.43 3.59 -18.93
C ASP D 174 -20.48 4.20 -19.87
N THR D 175 -21.59 3.51 -20.06
CA THR D 175 -22.63 4.04 -20.94
C THR D 175 -23.18 5.35 -20.40
N TRP D 176 -23.43 5.40 -19.09
CA TRP D 176 -23.97 6.60 -18.47
C TRP D 176 -23.04 7.79 -18.68
N GLY D 177 -21.74 7.53 -18.52
CA GLY D 177 -20.73 8.54 -18.78
C GLY D 177 -20.76 9.06 -20.20
N ARG D 178 -21.00 8.17 -21.17
CA ARG D 178 -21.05 8.57 -22.57
C ARG D 178 -22.35 9.30 -22.86
N PHE D 179 -23.40 8.90 -22.16
CA PHE D 179 -24.72 9.50 -22.30
C PHE D 179 -24.73 10.95 -21.81
N THR D 180 -24.18 11.19 -20.63
CA THR D 180 -24.28 12.51 -20.01
C THR D 180 -23.25 13.50 -20.56
N GLU D 181 -22.22 12.99 -21.24
CA GLU D 181 -21.16 13.84 -21.80
C GLU D 181 -21.68 15.07 -22.56
N ARG D 182 -22.76 14.91 -23.32
CA ARG D 182 -23.25 16.01 -24.15
C ARG D 182 -23.63 17.24 -23.31
N SER D 183 -23.68 17.07 -21.99
CA SER D 183 -23.92 18.19 -21.10
C SER D 183 -22.71 18.47 -20.21
N VAL D 184 -22.32 17.46 -19.43
CA VAL D 184 -21.29 17.64 -18.41
C VAL D 184 -19.87 17.86 -18.96
N ALA D 185 -19.69 17.74 -20.27
CA ALA D 185 -18.40 18.10 -20.86
C ALA D 185 -18.29 19.63 -21.06
N TYR D 186 -19.43 20.29 -21.13
CA TYR D 186 -19.48 21.72 -21.43
C TYR D 186 -19.89 22.58 -20.24
N GLN D 187 -20.42 21.95 -19.20
CA GLN D 187 -20.70 22.66 -17.96
C GLN D 187 -20.56 21.73 -16.77
N PRO D 188 -20.10 22.27 -15.63
CA PRO D 188 -19.83 21.45 -14.45
C PRO D 188 -21.11 20.87 -13.87
N TRP D 189 -21.04 19.63 -13.39
CA TRP D 189 -22.09 19.07 -12.55
C TRP D 189 -21.52 18.89 -11.17
N ILE D 190 -22.30 19.28 -10.16
CA ILE D 190 -21.85 19.20 -8.79
C ILE D 190 -22.40 17.94 -8.18
N TRP D 191 -21.50 16.99 -7.91
CA TRP D 191 -21.91 15.64 -7.49
C TRP D 191 -22.24 15.47 -6.02
N THR D 192 -23.41 14.86 -5.78
CA THR D 192 -23.79 14.40 -4.44
C THR D 192 -23.84 12.88 -4.49
N ALA D 193 -23.37 12.20 -3.44
CA ALA D 193 -23.40 10.73 -3.42
C ALA D 193 -24.75 10.20 -2.96
N GLY D 194 -25.36 9.33 -3.77
CA GLY D 194 -26.63 8.70 -3.46
C GLY D 194 -26.48 7.23 -3.06
N ASN D 195 -27.59 6.59 -2.69
CA ASN D 195 -27.52 5.21 -2.21
C ASN D 195 -27.12 4.25 -3.31
N HIS D 196 -27.44 4.59 -4.54
CA HIS D 196 -27.03 3.76 -5.68
C HIS D 196 -25.54 3.90 -6.02
N GLU D 197 -24.86 4.82 -5.36
CA GLU D 197 -23.41 4.94 -5.48
C GLU D 197 -22.67 4.12 -4.40
N ILE D 198 -23.39 3.74 -3.34
CA ILE D 198 -22.78 2.97 -2.26
C ILE D 198 -22.11 1.68 -2.79
N GLU D 199 -22.88 0.83 -3.45
CA GLU D 199 -22.39 -0.42 -4.04
C GLU D 199 -21.68 -1.35 -3.05
N PHE D 200 -22.31 -1.51 -1.90
CA PHE D 200 -21.83 -2.43 -0.88
C PHE D 200 -22.34 -3.81 -1.25
N ALA D 201 -21.44 -4.67 -1.70
CA ALA D 201 -21.83 -5.98 -2.21
C ALA D 201 -20.90 -7.09 -1.70
N PRO D 202 -21.08 -7.47 -0.43
CA PRO D 202 -20.24 -8.47 0.23
C PRO D 202 -20.39 -9.83 -0.44
N GLU D 203 -21.59 -10.14 -0.92
CA GLU D 203 -21.85 -11.42 -1.56
C GLU D 203 -20.94 -11.67 -2.78
N ILE D 204 -20.29 -10.61 -3.27
CA ILE D 204 -19.28 -10.78 -4.33
C ILE D 204 -18.02 -10.03 -3.97
N ASN D 205 -17.78 -9.90 -2.66
CA ASN D 205 -16.52 -9.41 -2.14
C ASN D 205 -16.15 -8.00 -2.62
N GLU D 206 -17.14 -7.14 -2.78
CA GLU D 206 -16.92 -5.71 -2.98
C GLU D 206 -17.48 -4.97 -1.78
N THR D 207 -16.60 -4.63 -0.84
CA THR D 207 -17.03 -4.11 0.47
C THR D 207 -16.66 -2.65 0.69
N GLU D 208 -15.98 -2.06 -0.28
CA GLU D 208 -15.56 -0.68 -0.20
C GLU D 208 -16.65 0.25 -0.72
N PRO D 209 -17.29 0.98 0.18
CA PRO D 209 -18.41 1.82 -0.25
C PRO D 209 -18.00 2.91 -1.24
N PHE D 210 -18.84 3.15 -2.24
CA PHE D 210 -18.68 4.23 -3.19
C PHE D 210 -17.52 4.04 -4.19
N LYS D 211 -16.95 2.84 -4.26
CA LYS D 211 -15.74 2.66 -5.04
C LYS D 211 -15.85 3.15 -6.49
N PRO D 212 -16.71 2.50 -7.30
CA PRO D 212 -16.83 2.90 -8.71
C PRO D 212 -17.06 4.40 -8.87
N PHE D 213 -18.09 4.91 -8.20
CA PHE D 213 -18.40 6.34 -8.21
C PHE D 213 -17.19 7.18 -7.86
N SER D 214 -16.48 6.80 -6.79
CA SER D 214 -15.38 7.62 -6.29
C SER D 214 -14.21 7.68 -7.27
N TYR D 215 -13.98 6.60 -8.01
CA TYR D 215 -12.95 6.57 -9.06
C TYR D 215 -13.31 7.43 -10.28
N ARG D 216 -14.59 7.44 -10.62
CA ARG D 216 -15.03 8.04 -11.87
C ARG D 216 -15.31 9.53 -11.73
N TYR D 217 -15.79 9.94 -10.56
CA TYR D 217 -16.20 11.32 -10.33
C TYR D 217 -15.49 11.95 -9.14
N HIS D 218 -14.59 12.88 -9.42
CA HIS D 218 -13.83 13.58 -8.39
C HIS D 218 -14.45 14.94 -8.06
N VAL D 219 -14.18 15.40 -6.83
CA VAL D 219 -14.69 16.68 -6.35
C VAL D 219 -13.57 17.43 -5.63
N PRO D 220 -13.66 18.77 -5.59
CA PRO D 220 -12.58 19.54 -4.97
C PRO D 220 -12.72 19.58 -3.47
N TYR D 221 -12.76 18.41 -2.82
CA TYR D 221 -13.10 18.38 -1.39
C TYR D 221 -12.06 18.99 -0.47
N GLU D 222 -10.79 18.89 -0.84
CA GLU D 222 -9.71 19.46 -0.05
C GLU D 222 -9.78 20.99 -0.02
N ALA D 223 -10.39 21.57 -1.05
CA ALA D 223 -10.51 23.03 -1.11
C ALA D 223 -11.36 23.61 0.03
N SER D 224 -12.23 22.81 0.62
CA SER D 224 -13.01 23.25 1.79
C SER D 224 -12.56 22.59 3.10
N GLN D 225 -11.34 22.05 3.09
CA GLN D 225 -10.73 21.40 4.25
C GLN D 225 -11.49 20.16 4.71
N SER D 226 -12.26 19.58 3.80
CA SER D 226 -12.89 18.30 4.05
C SER D 226 -11.86 17.18 3.87
N THR D 227 -12.01 16.12 4.65
CA THR D 227 -11.14 14.96 4.53
C THR D 227 -11.80 13.82 3.74
N SER D 228 -12.94 14.09 3.11
CA SER D 228 -13.63 13.07 2.31
C SER D 228 -14.30 13.66 1.09
N PRO D 229 -14.17 12.97 -0.04
CA PRO D 229 -14.91 13.36 -1.25
C PRO D 229 -16.42 13.46 -1.03
N PHE D 230 -17.00 12.78 -0.04
CA PHE D 230 -18.47 12.68 0.04
C PHE D 230 -19.18 13.85 0.74
N TRP D 231 -18.43 14.71 1.42
CA TRP D 231 -18.98 15.99 1.85
C TRP D 231 -17.94 17.06 1.56
N TYR D 232 -18.38 18.24 1.12
CA TYR D 232 -17.47 19.31 0.71
C TYR D 232 -18.33 20.49 0.30
N SER D 233 -17.73 21.66 0.10
CA SER D 233 -18.52 22.80 -0.34
C SER D 233 -17.80 23.55 -1.43
N ILE D 234 -18.56 24.32 -2.20
CA ILE D 234 -17.97 25.22 -3.17
C ILE D 234 -18.73 26.53 -3.18
N LYS D 235 -18.10 27.55 -3.74
CA LYS D 235 -18.74 28.83 -3.95
C LYS D 235 -18.76 29.12 -5.44
N ARG D 236 -19.89 29.57 -5.95
CA ARG D 236 -20.00 29.92 -7.36
C ARG D 236 -20.99 31.07 -7.53
N ALA D 237 -20.54 32.12 -8.22
CA ALA D 237 -21.34 33.34 -8.36
C ALA D 237 -21.75 33.81 -6.97
N SER D 238 -23.05 33.92 -6.72
CA SER D 238 -23.51 34.41 -5.41
C SER D 238 -24.01 33.30 -4.48
N ALA D 239 -23.62 32.06 -4.77
CA ALA D 239 -24.10 30.93 -3.97
C ALA D 239 -22.97 30.26 -3.20
N HIS D 240 -23.27 29.85 -1.98
CA HIS D 240 -22.41 28.97 -1.20
C HIS D 240 -23.13 27.62 -1.15
N ILE D 241 -22.48 26.59 -1.69
CA ILE D 241 -23.12 25.30 -1.87
C ILE D 241 -22.47 24.23 -1.00
N ILE D 242 -23.27 23.62 -0.14
CA ILE D 242 -22.77 22.62 0.76
C ILE D 242 -23.31 21.25 0.39
N VAL D 243 -22.40 20.29 0.21
CA VAL D 243 -22.77 18.95 -0.24
C VAL D 243 -22.55 17.95 0.91
N LEU D 244 -23.59 17.19 1.21
CA LEU D 244 -23.56 16.27 2.35
C LEU D 244 -23.75 14.85 1.88
N SER D 245 -23.33 13.91 2.71
CA SER D 245 -23.41 12.49 2.39
C SER D 245 -24.38 11.77 3.33
N SER D 246 -25.55 11.42 2.81
CA SER D 246 -26.59 10.77 3.60
C SER D 246 -26.16 9.40 4.12
N TYR D 247 -25.21 8.79 3.42
CA TYR D 247 -24.80 7.43 3.72
C TYR D 247 -23.37 7.35 4.29
N SER D 248 -22.90 8.46 4.85
CA SER D 248 -21.68 8.45 5.65
C SER D 248 -22.02 8.76 7.11
N ALA D 249 -21.06 8.55 8.01
CA ALA D 249 -21.30 8.84 9.42
C ALA D 249 -21.58 10.32 9.59
N TYR D 250 -22.49 10.65 10.49
CA TYR D 250 -22.71 12.03 10.85
C TYR D 250 -23.09 12.19 12.31
N GLY D 251 -22.73 11.20 13.11
CA GLY D 251 -22.89 11.31 14.56
C GLY D 251 -22.00 12.43 15.12
N ARG D 252 -22.34 12.90 16.31
CA ARG D 252 -21.54 13.93 16.95
C ARG D 252 -20.06 13.51 17.03
N GLY D 253 -19.15 14.36 16.56
CA GLY D 253 -17.74 14.06 16.66
C GLY D 253 -17.16 13.36 15.44
N THR D 254 -18.01 12.92 14.54
CA THR D 254 -17.54 12.28 13.32
C THR D 254 -17.00 13.32 12.35
N PRO D 255 -16.15 12.89 11.40
CA PRO D 255 -15.58 13.85 10.45
C PRO D 255 -16.62 14.72 9.73
N GLN D 256 -17.69 14.15 9.17
CA GLN D 256 -18.67 14.95 8.45
C GLN D 256 -19.36 15.98 9.36
N TYR D 257 -19.76 15.52 10.53
CA TYR D 257 -20.45 16.35 11.50
C TYR D 257 -19.53 17.52 11.88
N THR D 258 -18.29 17.18 12.22
CA THR D 258 -17.27 18.17 12.58
C THR D 258 -17.02 19.15 11.46
N TRP D 259 -16.87 18.63 10.24
CA TRP D 259 -16.61 19.47 9.08
C TRP D 259 -17.73 20.49 8.84
N LEU D 260 -18.97 20.02 8.84
CA LEU D 260 -20.12 20.89 8.59
C LEU D 260 -20.26 21.98 9.65
N LYS D 261 -20.07 21.63 10.92
CA LYS D 261 -20.19 22.58 12.01
C LYS D 261 -19.24 23.77 11.80
N LYS D 262 -18.00 23.46 11.39
CA LYS D 262 -17.02 24.50 11.12
C LYS D 262 -17.32 25.22 9.81
N GLU D 263 -17.75 24.47 8.80
CA GLU D 263 -18.05 25.07 7.49
C GLU D 263 -19.18 26.08 7.58
N LEU D 264 -20.21 25.78 8.37
CA LEU D 264 -21.30 26.72 8.52
C LEU D 264 -20.78 28.04 9.08
N ARG D 265 -19.85 27.99 10.05
CA ARG D 265 -19.24 29.21 10.57
C ARG D 265 -18.51 30.03 9.51
N LYS D 266 -18.18 29.42 8.38
CA LYS D 266 -17.41 30.12 7.34
C LYS D 266 -18.25 30.88 6.32
N VAL D 267 -19.55 30.62 6.30
CA VAL D 267 -20.39 31.21 5.28
C VAL D 267 -20.52 32.70 5.53
N LYS D 268 -20.29 33.48 4.48
CA LYS D 268 -20.44 34.93 4.53
C LYS D 268 -21.54 35.40 3.59
N ARG D 269 -22.70 35.69 4.15
CA ARG D 269 -23.87 36.06 3.35
C ARG D 269 -23.74 37.40 2.61
N SER D 270 -22.73 38.20 2.92
CA SER D 270 -22.51 39.46 2.19
C SER D 270 -21.66 39.23 0.95
N GLU D 271 -21.03 38.06 0.88
CA GLU D 271 -20.27 37.66 -0.30
C GLU D 271 -21.09 36.69 -1.15
N THR D 272 -21.62 35.64 -0.51
CA THR D 272 -22.52 34.69 -1.17
C THR D 272 -23.82 34.61 -0.39
N PRO D 273 -24.83 35.40 -0.79
CA PRO D 273 -26.05 35.45 0.02
C PRO D 273 -26.93 34.19 -0.10
N TRP D 274 -26.71 33.38 -1.13
CA TRP D 274 -27.52 32.19 -1.31
C TRP D 274 -26.88 30.95 -0.71
N LEU D 275 -27.48 30.47 0.37
CA LEU D 275 -26.97 29.32 1.08
C LEU D 275 -27.76 28.09 0.67
N ILE D 276 -27.10 27.22 -0.09
CA ILE D 276 -27.74 26.05 -0.67
C ILE D 276 -27.15 24.76 -0.11
N VAL D 277 -28.01 23.82 0.27
CA VAL D 277 -27.55 22.51 0.73
C VAL D 277 -28.05 21.38 -0.17
N LEU D 278 -27.12 20.52 -0.59
CA LEU D 278 -27.46 19.31 -1.33
C LEU D 278 -27.22 18.06 -0.46
N MET D 279 -28.16 17.12 -0.52
CA MET D 279 -27.99 15.81 0.07
C MET D 279 -28.86 14.86 -0.74
N HIS D 280 -28.62 13.57 -0.65
CA HIS D 280 -29.45 12.64 -1.40
C HIS D 280 -30.83 12.39 -0.80
N SER D 281 -30.87 12.14 0.51
CA SER D 281 -32.10 11.71 1.16
C SER D 281 -32.81 12.87 1.83
N PRO D 282 -34.06 13.17 1.42
CA PRO D 282 -34.81 14.34 1.92
C PRO D 282 -35.19 14.30 3.40
N LEU D 283 -34.99 15.42 4.11
CA LEU D 283 -35.37 15.53 5.52
C LEU D 283 -36.87 15.74 5.68
N TYR D 284 -37.49 16.32 4.65
CA TYR D 284 -38.93 16.47 4.60
C TYR D 284 -39.43 15.77 3.35
N ASN D 285 -40.44 14.91 3.53
CA ASN D 285 -40.88 13.99 2.48
C ASN D 285 -42.22 13.40 2.86
N SER D 286 -43.23 13.60 2.02
CA SER D 286 -44.56 13.09 2.37
C SER D 286 -45.01 11.99 1.42
N TYR D 287 -44.08 11.48 0.61
CA TYR D 287 -44.33 10.31 -0.20
C TYR D 287 -44.17 9.06 0.65
N ASN D 288 -44.80 7.96 0.25
CA ASN D 288 -44.67 6.70 1.00
C ASN D 288 -43.29 6.07 0.88
N HIS D 289 -42.77 6.06 -0.35
CA HIS D 289 -41.46 5.47 -0.61
C HIS D 289 -40.42 6.25 0.17
N HIS D 290 -39.68 5.55 1.02
CA HIS D 290 -38.62 6.14 1.82
C HIS D 290 -39.11 7.12 2.87
N PHE D 291 -40.40 7.10 3.19
CA PHE D 291 -40.93 8.02 4.20
C PHE D 291 -40.12 7.95 5.49
N MET D 292 -39.68 9.11 5.98
CA MET D 292 -38.96 9.23 7.25
C MET D 292 -37.55 8.62 7.28
N GLU D 293 -37.00 8.25 6.12
CA GLU D 293 -35.62 7.81 6.08
C GLU D 293 -34.68 8.94 6.51
N GLY D 294 -35.12 10.17 6.30
CA GLY D 294 -34.26 11.33 6.54
C GLY D 294 -34.27 11.80 8.00
N GLU D 295 -35.01 11.10 8.85
CA GLU D 295 -35.15 11.54 10.24
C GLU D 295 -33.83 11.60 11.02
N ALA D 296 -33.00 10.59 10.87
CA ALA D 296 -31.73 10.57 11.58
C ALA D 296 -30.92 11.84 11.25
N MET D 297 -30.64 12.07 9.98
CA MET D 297 -29.89 13.29 9.64
C MET D 297 -30.65 14.53 10.11
N ARG D 298 -31.97 14.53 9.97
CA ARG D 298 -32.76 15.69 10.37
C ARG D 298 -32.48 16.10 11.83
N THR D 299 -32.50 15.10 12.73
CA THR D 299 -32.25 15.36 14.15
C THR D 299 -30.87 16.00 14.38
N LYS D 300 -29.91 15.65 13.56
CA LYS D 300 -28.55 16.14 13.72
C LYS D 300 -28.35 17.55 13.17
N PHE D 301 -28.95 17.83 12.01
CA PHE D 301 -28.62 19.00 11.22
C PHE D 301 -29.73 20.05 11.07
N GLU D 302 -30.98 19.67 11.30
CA GLU D 302 -32.06 20.61 11.07
C GLU D 302 -31.86 21.93 11.83
N ALA D 303 -31.46 21.86 13.09
CA ALA D 303 -31.29 23.11 13.87
C ALA D 303 -30.18 24.01 13.33
N TRP D 304 -29.10 23.43 12.82
CA TRP D 304 -28.06 24.23 12.17
C TRP D 304 -28.60 24.90 10.92
N PHE D 305 -29.34 24.16 10.10
CA PHE D 305 -29.89 24.75 8.90
C PHE D 305 -30.73 25.98 9.25
N VAL D 306 -31.45 25.91 10.37
CA VAL D 306 -32.30 27.01 10.78
C VAL D 306 -31.45 28.14 11.37
N LYS D 307 -30.52 27.75 12.23
CA LYS D 307 -29.63 28.71 12.87
C LYS D 307 -28.88 29.57 11.84
N TYR D 308 -28.36 28.96 10.78
CA TYR D 308 -27.61 29.69 9.77
C TYR D 308 -28.47 30.15 8.58
N LYS D 309 -29.78 29.92 8.69
CA LYS D 309 -30.75 30.44 7.73
C LYS D 309 -30.47 30.00 6.31
N VAL D 310 -30.32 28.70 6.12
CA VAL D 310 -30.19 28.13 4.79
C VAL D 310 -31.38 28.57 3.93
N ASP D 311 -31.13 28.92 2.67
CA ASP D 311 -32.24 29.31 1.79
C ASP D 311 -33.03 28.13 1.25
N VAL D 312 -32.35 27.06 0.86
CA VAL D 312 -33.03 25.93 0.23
C VAL D 312 -32.21 24.67 0.44
N VAL D 313 -32.87 23.55 0.67
CA VAL D 313 -32.19 22.25 0.70
C VAL D 313 -32.76 21.38 -0.41
N PHE D 314 -31.89 20.95 -1.32
CA PHE D 314 -32.28 20.09 -2.43
C PHE D 314 -31.88 18.65 -2.17
N ALA D 315 -32.76 17.73 -2.53
CA ALA D 315 -32.54 16.31 -2.30
C ALA D 315 -33.20 15.50 -3.41
N GLY D 316 -32.86 14.21 -3.50
CA GLY D 316 -33.49 13.31 -4.46
C GLY D 316 -34.08 12.06 -3.81
N HIS D 317 -33.68 10.89 -4.29
CA HIS D 317 -33.98 9.60 -3.66
C HIS D 317 -35.44 9.18 -3.89
N VAL D 318 -36.36 10.08 -3.59
CA VAL D 318 -37.76 9.87 -3.86
C VAL D 318 -38.01 10.24 -5.31
N HIS D 319 -38.61 9.33 -6.05
CA HIS D 319 -38.75 9.54 -7.48
C HIS D 319 -40.00 10.35 -7.81
N ALA D 320 -39.98 11.60 -7.41
CA ALA D 320 -41.09 12.50 -7.60
C ALA D 320 -40.64 13.90 -7.28
N TYR D 321 -41.58 14.83 -7.20
CA TYR D 321 -41.29 16.21 -6.90
C TYR D 321 -42.05 16.66 -5.65
N GLU D 322 -41.38 17.38 -4.77
CA GLU D 322 -42.05 17.99 -3.63
C GLU D 322 -41.39 19.30 -3.26
N ARG D 323 -42.23 20.26 -2.84
CA ARG D 323 -41.76 21.55 -2.33
C ARG D 323 -42.44 21.83 -0.99
N SER D 324 -41.64 22.03 0.05
CA SER D 324 -42.20 22.22 1.38
C SER D 324 -42.49 23.69 1.67
N GLU D 325 -43.22 23.94 2.76
CA GLU D 325 -43.26 25.29 3.33
C GLU D 325 -41.99 25.48 4.16
N ARG D 326 -41.66 26.74 4.48
CA ARG D 326 -40.59 27.00 5.45
C ARG D 326 -41.07 26.62 6.83
N VAL D 327 -40.64 25.46 7.32
CA VAL D 327 -41.01 24.99 8.66
C VAL D 327 -39.80 24.42 9.36
N SER D 328 -39.89 24.32 10.69
CA SER D 328 -38.85 23.66 11.45
C SER D 328 -39.53 22.76 12.46
N ASN D 329 -38.80 21.76 12.92
CA ASN D 329 -39.35 20.77 13.82
C ASN D 329 -38.26 20.43 14.81
N ILE D 330 -37.77 21.47 15.48
CA ILE D 330 -36.58 21.38 16.30
C ILE D 330 -36.79 21.65 17.79
N ALA D 331 -38.03 21.61 18.26
CA ALA D 331 -38.32 21.90 19.67
C ALA D 331 -38.56 20.63 20.51
N TYR D 332 -38.52 19.47 19.87
CA TYR D 332 -38.88 18.22 20.55
C TYR D 332 -37.88 17.88 21.65
N LYS D 333 -38.40 17.44 22.79
CA LYS D 333 -37.55 17.11 23.95
C LYS D 333 -37.99 15.80 24.59
N ILE D 334 -38.38 14.83 23.75
CA ILE D 334 -38.85 13.51 24.18
C ILE D 334 -40.22 13.49 24.89
N THR D 335 -40.36 14.29 25.93
CA THR D 335 -41.56 14.24 26.77
C THR D 335 -42.37 15.54 26.76
N ASN D 336 -41.94 16.53 26.00
CA ASN D 336 -42.60 17.82 25.98
C ASN D 336 -43.64 17.94 24.88
N GLY D 337 -43.87 16.85 24.15
CA GLY D 337 -44.90 16.80 23.12
C GLY D 337 -44.85 17.85 22.01
N LEU D 338 -43.70 18.47 21.81
CA LEU D 338 -43.56 19.42 20.70
C LEU D 338 -42.94 18.70 19.51
N CYS D 339 -43.79 18.02 18.75
CA CYS D 339 -43.29 17.18 17.66
C CYS D 339 -44.03 17.42 16.35
N THR D 340 -44.54 18.63 16.17
CA THR D 340 -45.16 19.01 14.92
C THR D 340 -44.38 20.16 14.30
N PRO D 341 -44.09 20.06 12.99
CA PRO D 341 -43.40 21.17 12.32
C PRO D 341 -44.24 22.45 12.39
N VAL D 342 -43.59 23.58 12.65
CA VAL D 342 -44.28 24.87 12.64
C VAL D 342 -43.65 25.79 11.62
N LYS D 343 -44.45 26.72 11.09
CA LYS D 343 -43.91 27.77 10.24
C LYS D 343 -42.74 28.43 10.94
N ASP D 344 -41.67 28.66 10.19
CA ASP D 344 -40.46 29.22 10.75
C ASP D 344 -39.68 29.90 9.64
N GLN D 345 -39.76 31.23 9.62
CA GLN D 345 -39.21 32.02 8.52
C GLN D 345 -37.66 32.00 8.41
N SER D 346 -36.97 31.43 9.39
CA SER D 346 -35.52 31.23 9.32
C SER D 346 -35.16 29.88 8.73
N ALA D 347 -36.15 29.00 8.60
CA ALA D 347 -35.95 27.70 7.96
C ALA D 347 -35.80 27.80 6.44
N PRO D 348 -35.05 26.84 5.85
CA PRO D 348 -34.97 26.68 4.40
C PRO D 348 -36.27 26.12 3.84
N VAL D 349 -36.43 26.18 2.52
CA VAL D 349 -37.44 25.36 1.85
C VAL D 349 -36.78 24.02 1.48
N TYR D 350 -37.47 22.91 1.69
CA TYR D 350 -36.96 21.58 1.32
C TYR D 350 -37.59 21.10 0.03
N ILE D 351 -36.79 20.93 -1.00
CA ILE D 351 -37.29 20.48 -2.27
C ILE D 351 -36.75 19.10 -2.62
N THR D 352 -37.65 18.18 -2.95
CA THR D 352 -37.31 16.87 -3.48
C THR D 352 -37.40 16.95 -4.98
N ILE D 353 -36.34 16.50 -5.64
CA ILE D 353 -36.23 16.64 -7.08
C ILE D 353 -35.53 15.41 -7.69
N GLY D 354 -35.90 14.23 -7.21
CA GLY D 354 -35.29 12.98 -7.66
C GLY D 354 -36.05 12.31 -8.79
N ASP D 355 -36.59 13.12 -9.70
CA ASP D 355 -37.53 12.63 -10.69
C ASP D 355 -37.03 12.73 -12.14
N ALA D 356 -35.74 12.61 -12.35
CA ALA D 356 -35.18 12.81 -13.68
C ALA D 356 -35.32 11.60 -14.60
N GLY D 357 -35.77 10.47 -14.05
CA GLY D 357 -36.05 9.31 -14.86
C GLY D 357 -35.72 7.98 -14.23
N ASN D 358 -34.63 7.94 -13.46
CA ASN D 358 -34.10 6.68 -12.92
C ASN D 358 -34.17 5.52 -13.92
N TYR D 359 -34.78 4.41 -13.53
CA TYR D 359 -34.94 3.29 -14.44
C TYR D 359 -36.38 3.22 -14.94
N GLY D 360 -37.06 4.36 -14.95
CA GLY D 360 -38.36 4.45 -15.60
C GLY D 360 -39.55 4.35 -14.68
N VAL D 361 -39.32 4.47 -13.37
CA VAL D 361 -40.41 4.36 -12.41
C VAL D 361 -40.62 5.63 -11.57
N ILE D 362 -41.89 6.00 -11.41
CA ILE D 362 -42.25 7.17 -10.62
C ILE D 362 -42.83 6.71 -9.27
N ASP D 363 -42.58 7.48 -8.21
CA ASP D 363 -43.20 7.20 -6.91
C ASP D 363 -44.49 8.00 -6.83
N SER D 364 -45.62 7.34 -7.02
CA SER D 364 -46.87 8.08 -7.11
C SER D 364 -47.67 8.00 -5.82
N ASN D 365 -47.29 7.08 -4.95
CA ASN D 365 -48.04 6.86 -3.72
C ASN D 365 -47.65 7.82 -2.59
N MET D 366 -48.61 8.64 -2.16
CA MET D 366 -48.35 9.70 -1.17
C MET D 366 -49.13 9.49 0.13
N ILE D 367 -48.57 9.97 1.24
CA ILE D 367 -49.31 10.08 2.50
C ILE D 367 -50.48 11.02 2.30
N GLN D 368 -51.66 10.59 2.72
CA GLN D 368 -52.87 11.39 2.58
C GLN D 368 -53.50 11.64 3.95
N PRO D 369 -53.99 12.86 4.20
CA PRO D 369 -53.95 13.97 3.23
C PRO D 369 -52.60 14.65 3.26
N GLN D 370 -52.35 15.49 2.25
CA GLN D 370 -51.13 16.26 2.21
C GLN D 370 -50.98 17.00 3.54
N PRO D 371 -49.83 16.82 4.22
CA PRO D 371 -49.64 17.49 5.50
C PRO D 371 -49.35 18.98 5.30
N GLU D 372 -49.39 19.74 6.39
CA GLU D 372 -49.27 21.20 6.32
C GLU D 372 -47.88 21.63 5.89
N TYR D 373 -46.87 20.84 6.23
CA TYR D 373 -45.50 21.20 5.89
C TYR D 373 -45.21 21.12 4.39
N SER D 374 -46.10 20.47 3.65
CA SER D 374 -45.94 20.28 2.22
C SER D 374 -46.72 21.32 1.41
N ALA D 375 -46.02 22.07 0.55
CA ALA D 375 -46.65 23.10 -0.28
C ALA D 375 -47.16 22.56 -1.60
N PHE D 376 -46.38 21.72 -2.23
CA PHE D 376 -46.69 21.22 -3.55
C PHE D 376 -45.98 19.89 -3.78
N ARG D 377 -46.68 18.95 -4.42
CA ARG D 377 -46.14 17.61 -4.68
C ARG D 377 -46.80 17.03 -5.93
N GLU D 378 -46.01 16.40 -6.79
CA GLU D 378 -46.57 15.70 -7.93
C GLU D 378 -45.64 14.60 -8.40
N ALA D 379 -46.22 13.46 -8.74
CA ALA D 379 -45.42 12.34 -9.25
C ALA D 379 -45.27 12.44 -10.77
N SER D 380 -44.30 13.23 -11.23
CA SER D 380 -43.99 13.33 -12.66
C SER D 380 -42.50 13.43 -12.86
N PHE D 381 -42.04 12.93 -14.00
CA PHE D 381 -40.64 13.08 -14.39
C PHE D 381 -40.37 14.55 -14.76
N GLY D 382 -39.16 15.03 -14.48
CA GLY D 382 -38.84 16.42 -14.74
C GLY D 382 -37.59 16.85 -14.00
N HIS D 383 -37.25 18.13 -14.10
CA HIS D 383 -36.05 18.68 -13.52
C HIS D 383 -36.31 20.11 -13.04
N GLY D 384 -35.44 20.64 -12.20
CA GLY D 384 -35.63 21.97 -11.66
C GLY D 384 -34.61 22.99 -12.16
N MET D 385 -34.85 24.27 -11.85
N MET D 385 -34.87 24.26 -11.86
CA MET D 385 -33.95 25.34 -12.24
CA MET D 385 -34.00 25.37 -12.20
C MET D 385 -33.99 26.44 -11.18
C MET D 385 -34.04 26.33 -11.04
N PHE D 386 -32.86 26.65 -10.50
CA PHE D 386 -32.78 27.66 -9.45
C PHE D 386 -32.05 28.84 -10.02
N ASP D 387 -32.82 29.83 -10.45
CA ASP D 387 -32.31 30.96 -11.21
C ASP D 387 -32.11 32.15 -10.27
N ILE D 388 -30.88 32.38 -9.84
CA ILE D 388 -30.58 33.52 -8.98
C ILE D 388 -30.55 34.82 -9.78
N LYS D 389 -31.35 35.78 -9.36
CA LYS D 389 -31.42 37.11 -10.00
C LYS D 389 -30.49 38.11 -9.33
N ASN D 390 -30.42 38.05 -7.99
CA ASN D 390 -29.62 38.97 -7.20
C ASN D 390 -29.71 38.59 -5.73
N ARG D 391 -29.17 39.42 -4.85
CA ARG D 391 -29.10 39.08 -3.43
C ARG D 391 -30.46 38.82 -2.76
N THR D 392 -31.54 39.41 -3.27
CA THR D 392 -32.85 39.25 -2.62
C THR D 392 -33.73 38.18 -3.24
N HIS D 393 -33.55 37.92 -4.53
CA HIS D 393 -34.50 37.13 -5.32
C HIS D 393 -33.85 35.98 -6.10
N ALA D 394 -34.47 34.80 -6.01
CA ALA D 394 -34.11 33.70 -6.90
C ALA D 394 -35.41 33.06 -7.36
N HIS D 395 -35.46 32.64 -8.62
CA HIS D 395 -36.66 31.99 -9.12
C HIS D 395 -36.46 30.48 -9.25
N PHE D 396 -37.29 29.70 -8.57
CA PHE D 396 -37.23 28.26 -8.75
C PHE D 396 -38.40 27.80 -9.61
N SER D 397 -38.09 26.96 -10.59
CA SER D 397 -39.15 26.43 -11.43
C SER D 397 -38.93 24.94 -11.65
N TRP D 398 -40.03 24.23 -11.86
CA TRP D 398 -40.02 22.81 -12.11
C TRP D 398 -40.63 22.56 -13.49
N ASN D 399 -39.90 21.84 -14.33
CA ASN D 399 -40.36 21.53 -15.67
C ASN D 399 -40.64 20.04 -15.84
N ARG D 400 -41.88 19.72 -16.21
CA ARG D 400 -42.31 18.33 -16.43
C ARG D 400 -41.94 17.80 -17.83
N ASN D 401 -41.57 16.52 -17.88
CA ASN D 401 -41.23 15.87 -19.14
C ASN D 401 -42.38 15.84 -20.13
N GLN D 402 -43.61 15.79 -19.62
CA GLN D 402 -44.78 15.72 -20.49
C GLN D 402 -45.22 17.09 -21.01
N ASP D 403 -44.59 18.16 -20.54
CA ASP D 403 -44.94 19.50 -21.03
C ASP D 403 -43.92 19.98 -22.04
N GLY D 404 -44.18 21.15 -22.61
CA GLY D 404 -43.21 21.80 -23.49
C GLY D 404 -42.04 22.38 -22.69
N VAL D 405 -40.89 22.51 -23.35
CA VAL D 405 -39.67 22.92 -22.65
C VAL D 405 -39.75 24.27 -21.92
N ALA D 406 -40.67 25.13 -22.33
CA ALA D 406 -40.84 26.44 -21.71
C ALA D 406 -41.96 26.47 -20.67
N VAL D 407 -42.53 25.32 -20.37
CA VAL D 407 -43.63 25.29 -19.41
C VAL D 407 -43.13 24.97 -18.01
N GLU D 408 -43.56 25.76 -17.05
CA GLU D 408 -43.24 25.55 -15.63
C GLU D 408 -44.49 25.13 -14.87
N ALA D 409 -44.60 23.84 -14.56
CA ALA D 409 -45.74 23.31 -13.80
C ALA D 409 -45.78 23.80 -12.35
N ASP D 410 -44.63 24.06 -11.76
CA ASP D 410 -44.55 24.71 -10.45
C ASP D 410 -43.49 25.78 -10.51
N SER D 411 -43.70 26.85 -9.77
CA SER D 411 -42.91 28.06 -9.95
C SER D 411 -43.03 28.88 -8.69
N VAL D 412 -41.91 29.30 -8.12
CA VAL D 412 -41.95 30.05 -6.88
C VAL D 412 -40.78 31.01 -6.74
N TRP D 413 -41.01 32.16 -6.11
CA TRP D 413 -39.90 33.06 -5.82
C TRP D 413 -39.28 32.74 -4.47
N PHE D 414 -37.96 32.67 -4.45
CA PHE D 414 -37.23 32.61 -3.21
C PHE D 414 -36.84 34.02 -2.79
N PHE D 415 -37.23 34.38 -1.57
CA PHE D 415 -36.79 35.63 -0.98
C PHE D 415 -35.66 35.34 0.01
N ASN D 416 -34.48 35.80 -0.32
CA ASN D 416 -33.29 35.52 0.47
C ASN D 416 -33.48 35.67 2.00
N ARG D 417 -33.14 34.62 2.73
CA ARG D 417 -33.25 34.64 4.18
C ARG D 417 -32.34 35.67 4.85
N HIS D 418 -31.25 36.05 4.20
CA HIS D 418 -30.39 37.05 4.85
C HIS D 418 -30.77 38.47 4.51
N TRP D 419 -31.10 38.70 3.25
CA TRP D 419 -31.22 40.04 2.68
C TRP D 419 -32.67 40.47 2.47
N TYR D 420 -33.58 39.51 2.59
CA TYR D 420 -34.97 39.78 2.23
C TYR D 420 -35.92 38.66 2.68
N PRO D 421 -35.94 38.39 4.00
CA PRO D 421 -36.70 37.29 4.63
C PRO D 421 -38.21 37.50 4.61
N VAL D 422 -38.78 37.79 3.44
CA VAL D 422 -40.22 37.95 3.31
C VAL D 422 -40.89 36.59 3.37
N ASP D 423 -42.09 36.51 3.92
CA ASP D 423 -42.85 35.26 3.84
C ASP D 423 -43.10 34.89 2.38
N ASP D 424 -42.61 33.73 1.94
CA ASP D 424 -42.83 33.26 0.57
C ASP D 424 -43.63 31.95 0.48
#